data_4CPV
# 
_entry.id   4CPV 
# 
_audit_conform.dict_name       mmcif_pdbx.dic 
_audit_conform.dict_version    5.397 
_audit_conform.dict_location   http://mmcif.pdb.org/dictionaries/ascii/mmcif_pdbx.dic 
# 
loop_
_database_2.database_id 
_database_2.database_code 
_database_2.pdbx_database_accession 
_database_2.pdbx_DOI 
PDB   4CPV         pdb_00004cpv 10.2210/pdb4cpv/pdb 
WWPDB D_1000179290 ?            ?                   
# 
loop_
_pdbx_audit_revision_history.ordinal 
_pdbx_audit_revision_history.data_content_type 
_pdbx_audit_revision_history.major_revision 
_pdbx_audit_revision_history.minor_revision 
_pdbx_audit_revision_history.revision_date 
1 'Structure model' 1 0 1990-10-15 
2 'Structure model' 1 1 2008-03-03 
3 'Structure model' 1 2 2011-07-13 
4 'Structure model' 1 3 2017-11-29 
5 'Structure model' 1 4 2024-10-23 
# 
_pdbx_audit_revision_details.ordinal             1 
_pdbx_audit_revision_details.revision_ordinal    1 
_pdbx_audit_revision_details.data_content_type   'Structure model' 
_pdbx_audit_revision_details.provider            repository 
_pdbx_audit_revision_details.type                'Initial release' 
_pdbx_audit_revision_details.description         ? 
_pdbx_audit_revision_details.details             ? 
# 
loop_
_pdbx_audit_revision_group.ordinal 
_pdbx_audit_revision_group.revision_ordinal 
_pdbx_audit_revision_group.data_content_type 
_pdbx_audit_revision_group.group 
1 2 'Structure model' 'Version format compliance' 
2 3 'Structure model' 'Version format compliance' 
3 4 'Structure model' 'Derived calculations'      
4 4 'Structure model' Other                       
5 5 'Structure model' 'Data collection'           
6 5 'Structure model' 'Database references'       
7 5 'Structure model' 'Derived calculations'      
8 5 'Structure model' 'Structure summary'         
# 
loop_
_pdbx_audit_revision_category.ordinal 
_pdbx_audit_revision_category.revision_ordinal 
_pdbx_audit_revision_category.data_content_type 
_pdbx_audit_revision_category.category 
1  4 'Structure model' pdbx_database_status      
2  4 'Structure model' struct_conf               
3  4 'Structure model' struct_conf_type          
4  5 'Structure model' chem_comp_atom            
5  5 'Structure model' chem_comp_bond            
6  5 'Structure model' database_2                
7  5 'Structure model' pdbx_entry_details        
8  5 'Structure model' pdbx_modification_feature 
9  5 'Structure model' pdbx_struct_conn_angle    
10 5 'Structure model' struct_conn               
11 5 'Structure model' struct_site               
# 
loop_
_pdbx_audit_revision_item.ordinal 
_pdbx_audit_revision_item.revision_ordinal 
_pdbx_audit_revision_item.data_content_type 
_pdbx_audit_revision_item.item 
1  4 'Structure model' '_pdbx_database_status.process_site'          
2  5 'Structure model' '_database_2.pdbx_DOI'                        
3  5 'Structure model' '_database_2.pdbx_database_accession'         
4  5 'Structure model' '_pdbx_struct_conn_angle.ptnr1_auth_comp_id'  
5  5 'Structure model' '_pdbx_struct_conn_angle.ptnr1_auth_seq_id'   
6  5 'Structure model' '_pdbx_struct_conn_angle.ptnr1_label_asym_id' 
7  5 'Structure model' '_pdbx_struct_conn_angle.ptnr1_label_atom_id' 
8  5 'Structure model' '_pdbx_struct_conn_angle.ptnr1_label_comp_id' 
9  5 'Structure model' '_pdbx_struct_conn_angle.ptnr1_label_seq_id'  
10 5 'Structure model' '_pdbx_struct_conn_angle.ptnr2_auth_seq_id'   
11 5 'Structure model' '_pdbx_struct_conn_angle.ptnr2_label_asym_id' 
12 5 'Structure model' '_pdbx_struct_conn_angle.ptnr3_auth_comp_id'  
13 5 'Structure model' '_pdbx_struct_conn_angle.ptnr3_auth_seq_id'   
14 5 'Structure model' '_pdbx_struct_conn_angle.ptnr3_label_asym_id' 
15 5 'Structure model' '_pdbx_struct_conn_angle.ptnr3_label_atom_id' 
16 5 'Structure model' '_pdbx_struct_conn_angle.ptnr3_label_comp_id' 
17 5 'Structure model' '_pdbx_struct_conn_angle.ptnr3_label_seq_id'  
18 5 'Structure model' '_pdbx_struct_conn_angle.value'               
19 5 'Structure model' '_struct_conn.pdbx_dist_value'                
20 5 'Structure model' '_struct_conn.pdbx_leaving_atom_flag'         
21 5 'Structure model' '_struct_conn.ptnr1_auth_comp_id'             
22 5 'Structure model' '_struct_conn.ptnr1_auth_seq_id'              
23 5 'Structure model' '_struct_conn.ptnr1_label_asym_id'            
24 5 'Structure model' '_struct_conn.ptnr1_label_atom_id'            
25 5 'Structure model' '_struct_conn.ptnr1_label_comp_id'            
26 5 'Structure model' '_struct_conn.ptnr1_label_seq_id'             
27 5 'Structure model' '_struct_conn.ptnr2_auth_comp_id'             
28 5 'Structure model' '_struct_conn.ptnr2_auth_seq_id'              
29 5 'Structure model' '_struct_conn.ptnr2_label_asym_id'            
30 5 'Structure model' '_struct_conn.ptnr2_label_atom_id'            
31 5 'Structure model' '_struct_conn.ptnr2_label_comp_id'            
32 5 'Structure model' '_struct_conn.ptnr2_label_seq_id'             
33 5 'Structure model' '_struct_site.pdbx_auth_asym_id'              
34 5 'Structure model' '_struct_site.pdbx_auth_comp_id'              
35 5 'Structure model' '_struct_site.pdbx_auth_seq_id'               
# 
_pdbx_database_status.status_code                     REL 
_pdbx_database_status.entry_id                        4CPV 
_pdbx_database_status.recvd_initial_deposition_date   1989-10-18 
_pdbx_database_status.deposit_site                    ? 
_pdbx_database_status.process_site                    BNL 
_pdbx_database_status.status_code_sf                  REL 
_pdbx_database_status.status_code_mr                  ? 
_pdbx_database_status.SG_entry                        ? 
_pdbx_database_status.pdb_format_compatible           Y 
_pdbx_database_status.status_code_cs                  ? 
_pdbx_database_status.methods_development_category    ? 
_pdbx_database_status.status_code_nmr_data            ? 
# 
loop_
_audit_author.name 
_audit_author.pdbx_ordinal 
'Kumar, V.D.'     1 
'Lee, L.'         2 
'Edwards, B.F.P.' 3 
# 
_citation.id                        primary 
_citation.title                     'Refined crystal structure of calcium-liganded carp parvalbumin 4.25 at 1.5-A resolution.' 
_citation.journal_abbrev            Biochemistry 
_citation.journal_volume            29 
_citation.page_first                1404 
_citation.page_last                 1412 
_citation.year                      1990 
_citation.journal_id_ASTM           BICHAW 
_citation.country                   US 
_citation.journal_id_ISSN           0006-2960 
_citation.journal_id_CSD            0033 
_citation.book_publisher            ? 
_citation.pdbx_database_id_PubMed   2334704 
_citation.pdbx_database_id_DOI      10.1021/bi00458a010 
# 
loop_
_citation_author.citation_id 
_citation_author.name 
_citation_author.ordinal 
_citation_author.identifier_ORCID 
primary 'Kumar, V.D.'   1 ? 
primary 'Lee, L.'       2 ? 
primary 'Edwards, B.F.' 3 ? 
# 
loop_
_entity.id 
_entity.type 
_entity.src_method 
_entity.pdbx_description 
_entity.formula_weight 
_entity.pdbx_number_of_molecules 
_entity.pdbx_ec 
_entity.pdbx_mutation 
_entity.pdbx_fragment 
_entity.details 
1 polymer     man 'CALCIUM-BINDING PARVALBUMIN' 11476.829 1  ? ? ? ? 
2 non-polymer syn 'CALCIUM ION'                 40.078    2  ? ? ? ? 
3 water       nat water                         18.015    74 ? ? ? ? 
# 
_entity_poly.entity_id                      1 
_entity_poly.type                           'polypeptide(L)' 
_entity_poly.nstd_linkage                   no 
_entity_poly.nstd_monomer                   yes 
_entity_poly.pdbx_seq_one_letter_code       
;(ACE)AFAGVLNDADIAAALEACKAADSFNHKAFFAKVGLTSKSADDVKKAFAIIDQDKSGFIEEDELKLFLQNFKADAR
ALTDGETKTFLKAGDSDGDGKIGVDEFTALVKA
;
_entity_poly.pdbx_seq_one_letter_code_can   
;XAFAGVLNDADIAAALEACKAADSFNHKAFFAKVGLTSKSADDVKKAFAIIDQDKSGFIEEDELKLFLQNFKADARALTD
GETKTFLKAGDSDGDGKIGVDEFTALVKA
;
_entity_poly.pdbx_strand_id                 A 
_entity_poly.pdbx_target_identifier         ? 
# 
loop_
_pdbx_entity_nonpoly.entity_id 
_pdbx_entity_nonpoly.name 
_pdbx_entity_nonpoly.comp_id 
2 'CALCIUM ION' CA  
3 water         HOH 
# 
loop_
_entity_poly_seq.entity_id 
_entity_poly_seq.num 
_entity_poly_seq.mon_id 
_entity_poly_seq.hetero 
1 1   ACE n 
1 2   ALA n 
1 3   PHE n 
1 4   ALA n 
1 5   GLY n 
1 6   VAL n 
1 7   LEU n 
1 8   ASN n 
1 9   ASP n 
1 10  ALA n 
1 11  ASP n 
1 12  ILE n 
1 13  ALA n 
1 14  ALA n 
1 15  ALA n 
1 16  LEU n 
1 17  GLU n 
1 18  ALA n 
1 19  CYS n 
1 20  LYS n 
1 21  ALA n 
1 22  ALA n 
1 23  ASP n 
1 24  SER n 
1 25  PHE n 
1 26  ASN n 
1 27  HIS n 
1 28  LYS n 
1 29  ALA n 
1 30  PHE n 
1 31  PHE n 
1 32  ALA n 
1 33  LYS n 
1 34  VAL n 
1 35  GLY n 
1 36  LEU n 
1 37  THR n 
1 38  SER n 
1 39  LYS n 
1 40  SER n 
1 41  ALA n 
1 42  ASP n 
1 43  ASP n 
1 44  VAL n 
1 45  LYS n 
1 46  LYS n 
1 47  ALA n 
1 48  PHE n 
1 49  ALA n 
1 50  ILE n 
1 51  ILE n 
1 52  ASP n 
1 53  GLN n 
1 54  ASP n 
1 55  LYS n 
1 56  SER n 
1 57  GLY n 
1 58  PHE n 
1 59  ILE n 
1 60  GLU n 
1 61  GLU n 
1 62  ASP n 
1 63  GLU n 
1 64  LEU n 
1 65  LYS n 
1 66  LEU n 
1 67  PHE n 
1 68  LEU n 
1 69  GLN n 
1 70  ASN n 
1 71  PHE n 
1 72  LYS n 
1 73  ALA n 
1 74  ASP n 
1 75  ALA n 
1 76  ARG n 
1 77  ALA n 
1 78  LEU n 
1 79  THR n 
1 80  ASP n 
1 81  GLY n 
1 82  GLU n 
1 83  THR n 
1 84  LYS n 
1 85  THR n 
1 86  PHE n 
1 87  LEU n 
1 88  LYS n 
1 89  ALA n 
1 90  GLY n 
1 91  ASP n 
1 92  SER n 
1 93  ASP n 
1 94  GLY n 
1 95  ASP n 
1 96  GLY n 
1 97  LYS n 
1 98  ILE n 
1 99  GLY n 
1 100 VAL n 
1 101 ASP n 
1 102 GLU n 
1 103 PHE n 
1 104 THR n 
1 105 ALA n 
1 106 LEU n 
1 107 VAL n 
1 108 LYS n 
1 109 ALA n 
# 
_entity_src_gen.entity_id                          1 
_entity_src_gen.pdbx_src_id                        1 
_entity_src_gen.pdbx_alt_source_flag               sample 
_entity_src_gen.pdbx_seq_type                      ? 
_entity_src_gen.pdbx_beg_seq_num                   ? 
_entity_src_gen.pdbx_end_seq_num                   ? 
_entity_src_gen.gene_src_common_name               'common carp' 
_entity_src_gen.gene_src_genus                     Cyprinus 
_entity_src_gen.pdbx_gene_src_gene                 ? 
_entity_src_gen.gene_src_species                   ? 
_entity_src_gen.gene_src_strain                    ? 
_entity_src_gen.gene_src_tissue                    ? 
_entity_src_gen.gene_src_tissue_fraction           ? 
_entity_src_gen.gene_src_details                   ? 
_entity_src_gen.pdbx_gene_src_fragment             ? 
_entity_src_gen.pdbx_gene_src_scientific_name      'Cyprinus carpio' 
_entity_src_gen.pdbx_gene_src_ncbi_taxonomy_id     7962 
_entity_src_gen.pdbx_gene_src_variant              ? 
_entity_src_gen.pdbx_gene_src_cell_line            ? 
_entity_src_gen.pdbx_gene_src_atcc                 ? 
_entity_src_gen.pdbx_gene_src_organ                ? 
_entity_src_gen.pdbx_gene_src_organelle            ? 
_entity_src_gen.pdbx_gene_src_cell                 ? 
_entity_src_gen.pdbx_gene_src_cellular_location    ? 
_entity_src_gen.host_org_common_name               ? 
_entity_src_gen.pdbx_host_org_scientific_name      ? 
_entity_src_gen.pdbx_host_org_ncbi_taxonomy_id     ? 
_entity_src_gen.host_org_genus                     ? 
_entity_src_gen.pdbx_host_org_gene                 ? 
_entity_src_gen.pdbx_host_org_organ                ? 
_entity_src_gen.host_org_species                   ? 
_entity_src_gen.pdbx_host_org_tissue               ? 
_entity_src_gen.pdbx_host_org_tissue_fraction      ? 
_entity_src_gen.pdbx_host_org_strain               ? 
_entity_src_gen.pdbx_host_org_variant              ? 
_entity_src_gen.pdbx_host_org_cell_line            ? 
_entity_src_gen.pdbx_host_org_atcc                 ? 
_entity_src_gen.pdbx_host_org_culture_collection   ? 
_entity_src_gen.pdbx_host_org_cell                 ? 
_entity_src_gen.pdbx_host_org_organelle            ? 
_entity_src_gen.pdbx_host_org_cellular_location    ? 
_entity_src_gen.pdbx_host_org_vector_type          ? 
_entity_src_gen.pdbx_host_org_vector               ? 
_entity_src_gen.host_org_details                   ? 
_entity_src_gen.expression_system_id               ? 
_entity_src_gen.plasmid_name                       ? 
_entity_src_gen.plasmid_details                    ? 
_entity_src_gen.pdbx_description                   ? 
# 
loop_
_chem_comp.id 
_chem_comp.type 
_chem_comp.mon_nstd_flag 
_chem_comp.name 
_chem_comp.pdbx_synonyms 
_chem_comp.formula 
_chem_comp.formula_weight 
ACE non-polymer         . 'ACETYL GROUP'  ? 'C2 H4 O'        44.053  
ALA 'L-peptide linking' y ALANINE         ? 'C3 H7 N O2'     89.093  
ARG 'L-peptide linking' y ARGININE        ? 'C6 H15 N4 O2 1' 175.209 
ASN 'L-peptide linking' y ASPARAGINE      ? 'C4 H8 N2 O3'    132.118 
ASP 'L-peptide linking' y 'ASPARTIC ACID' ? 'C4 H7 N O4'     133.103 
CA  non-polymer         . 'CALCIUM ION'   ? 'Ca 2'           40.078  
CYS 'L-peptide linking' y CYSTEINE        ? 'C3 H7 N O2 S'   121.158 
GLN 'L-peptide linking' y GLUTAMINE       ? 'C5 H10 N2 O3'   146.144 
GLU 'L-peptide linking' y 'GLUTAMIC ACID' ? 'C5 H9 N O4'     147.129 
GLY 'peptide linking'   y GLYCINE         ? 'C2 H5 N O2'     75.067  
HIS 'L-peptide linking' y HISTIDINE       ? 'C6 H10 N3 O2 1' 156.162 
HOH non-polymer         . WATER           ? 'H2 O'           18.015  
ILE 'L-peptide linking' y ISOLEUCINE      ? 'C6 H13 N O2'    131.173 
LEU 'L-peptide linking' y LEUCINE         ? 'C6 H13 N O2'    131.173 
LYS 'L-peptide linking' y LYSINE          ? 'C6 H15 N2 O2 1' 147.195 
PHE 'L-peptide linking' y PHENYLALANINE   ? 'C9 H11 N O2'    165.189 
SER 'L-peptide linking' y SERINE          ? 'C3 H7 N O3'     105.093 
THR 'L-peptide linking' y THREONINE       ? 'C4 H9 N O3'     119.119 
VAL 'L-peptide linking' y VALINE          ? 'C5 H11 N O2'    117.146 
# 
loop_
_pdbx_poly_seq_scheme.asym_id 
_pdbx_poly_seq_scheme.entity_id 
_pdbx_poly_seq_scheme.seq_id 
_pdbx_poly_seq_scheme.mon_id 
_pdbx_poly_seq_scheme.ndb_seq_num 
_pdbx_poly_seq_scheme.pdb_seq_num 
_pdbx_poly_seq_scheme.auth_seq_num 
_pdbx_poly_seq_scheme.pdb_mon_id 
_pdbx_poly_seq_scheme.auth_mon_id 
_pdbx_poly_seq_scheme.pdb_strand_id 
_pdbx_poly_seq_scheme.pdb_ins_code 
_pdbx_poly_seq_scheme.hetero 
A 1 1   ACE 1   0   0   ACE ACE A . n 
A 1 2   ALA 2   1   1   ALA ALA A . n 
A 1 3   PHE 3   2   2   PHE PHE A . n 
A 1 4   ALA 4   3   3   ALA ALA A . n 
A 1 5   GLY 5   4   4   GLY GLY A . n 
A 1 6   VAL 6   5   5   VAL VAL A . n 
A 1 7   LEU 7   6   6   LEU LEU A . n 
A 1 8   ASN 8   7   7   ASN ASN A . n 
A 1 9   ASP 9   8   8   ASP ASP A . n 
A 1 10  ALA 10  9   9   ALA ALA A . n 
A 1 11  ASP 11  10  10  ASP ASP A . n 
A 1 12  ILE 12  11  11  ILE ILE A . n 
A 1 13  ALA 13  12  12  ALA ALA A . n 
A 1 14  ALA 14  13  13  ALA ALA A . n 
A 1 15  ALA 15  14  14  ALA ALA A . n 
A 1 16  LEU 16  15  15  LEU LEU A . n 
A 1 17  GLU 17  16  16  GLU GLU A . n 
A 1 18  ALA 18  17  17  ALA ALA A . n 
A 1 19  CYS 19  18  18  CYS CYS A . n 
A 1 20  LYS 20  19  19  LYS LYS A . n 
A 1 21  ALA 21  20  20  ALA ALA A . n 
A 1 22  ALA 22  21  21  ALA ALA A . n 
A 1 23  ASP 23  22  22  ASP ASP A . n 
A 1 24  SER 24  23  23  SER SER A . n 
A 1 25  PHE 25  24  24  PHE PHE A . n 
A 1 26  ASN 26  25  25  ASN ASN A . n 
A 1 27  HIS 27  26  26  HIS HIS A . n 
A 1 28  LYS 28  27  27  LYS LYS A . n 
A 1 29  ALA 29  28  28  ALA ALA A . n 
A 1 30  PHE 30  29  29  PHE PHE A . n 
A 1 31  PHE 31  30  30  PHE PHE A . n 
A 1 32  ALA 32  31  31  ALA ALA A . n 
A 1 33  LYS 33  32  32  LYS LYS A . n 
A 1 34  VAL 34  33  33  VAL VAL A . n 
A 1 35  GLY 35  34  34  GLY GLY A . n 
A 1 36  LEU 36  35  35  LEU LEU A . n 
A 1 37  THR 37  36  36  THR THR A . n 
A 1 38  SER 38  37  37  SER SER A . n 
A 1 39  LYS 39  38  38  LYS LYS A . n 
A 1 40  SER 40  39  39  SER SER A . n 
A 1 41  ALA 41  40  40  ALA ALA A . n 
A 1 42  ASP 42  41  41  ASP ASP A . n 
A 1 43  ASP 43  42  42  ASP ASP A . n 
A 1 44  VAL 44  43  43  VAL VAL A . n 
A 1 45  LYS 45  44  44  LYS LYS A . n 
A 1 46  LYS 46  45  45  LYS LYS A . n 
A 1 47  ALA 47  46  46  ALA ALA A . n 
A 1 48  PHE 48  47  47  PHE PHE A . n 
A 1 49  ALA 49  48  48  ALA ALA A . n 
A 1 50  ILE 50  49  49  ILE ILE A . n 
A 1 51  ILE 51  50  50  ILE ILE A . n 
A 1 52  ASP 52  51  51  ASP ASP A . n 
A 1 53  GLN 53  52  52  GLN GLN A . n 
A 1 54  ASP 54  53  53  ASP ASP A . n 
A 1 55  LYS 55  54  54  LYS LYS A . n 
A 1 56  SER 56  55  55  SER SER A . n 
A 1 57  GLY 57  56  56  GLY GLY A . n 
A 1 58  PHE 58  57  57  PHE PHE A . n 
A 1 59  ILE 59  58  58  ILE ILE A . n 
A 1 60  GLU 60  59  59  GLU GLU A . n 
A 1 61  GLU 61  60  60  GLU GLU A . n 
A 1 62  ASP 62  61  61  ASP ASP A . n 
A 1 63  GLU 63  62  62  GLU GLU A . n 
A 1 64  LEU 64  63  63  LEU LEU A . n 
A 1 65  LYS 65  64  64  LYS LYS A . n 
A 1 66  LEU 66  65  65  LEU LEU A . n 
A 1 67  PHE 67  66  66  PHE PHE A . n 
A 1 68  LEU 68  67  67  LEU LEU A . n 
A 1 69  GLN 69  68  68  GLN GLN A . n 
A 1 70  ASN 70  69  69  ASN ASN A . n 
A 1 71  PHE 71  70  70  PHE PHE A . n 
A 1 72  LYS 72  71  71  LYS LYS A . n 
A 1 73  ALA 73  72  72  ALA ALA A . n 
A 1 74  ASP 74  73  73  ASP ASP A . n 
A 1 75  ALA 75  74  74  ALA ALA A . n 
A 1 76  ARG 76  75  75  ARG ARG A . n 
A 1 77  ALA 77  76  76  ALA ALA A . n 
A 1 78  LEU 78  77  77  LEU LEU A . n 
A 1 79  THR 79  78  78  THR THR A . n 
A 1 80  ASP 80  79  79  ASP ASP A . n 
A 1 81  GLY 81  80  80  GLY GLY A . n 
A 1 82  GLU 82  81  81  GLU GLU A . n 
A 1 83  THR 83  82  82  THR THR A . n 
A 1 84  LYS 84  83  83  LYS LYS A . n 
A 1 85  THR 85  84  84  THR THR A . n 
A 1 86  PHE 86  85  85  PHE PHE A . n 
A 1 87  LEU 87  86  86  LEU LEU A . n 
A 1 88  LYS 88  87  87  LYS LYS A . n 
A 1 89  ALA 89  88  88  ALA ALA A . n 
A 1 90  GLY 90  89  89  GLY GLY A . n 
A 1 91  ASP 91  90  90  ASP ASP A . n 
A 1 92  SER 92  91  91  SER SER A . n 
A 1 93  ASP 93  92  92  ASP ASP A . n 
A 1 94  GLY 94  93  93  GLY GLY A . n 
A 1 95  ASP 95  94  94  ASP ASP A . n 
A 1 96  GLY 96  95  95  GLY GLY A . n 
A 1 97  LYS 97  96  96  LYS LYS A . n 
A 1 98  ILE 98  97  97  ILE ILE A . n 
A 1 99  GLY 99  98  98  GLY GLY A . n 
A 1 100 VAL 100 99  99  VAL VAL A . n 
A 1 101 ASP 101 100 100 ASP ASP A . n 
A 1 102 GLU 102 101 101 GLU GLU A . n 
A 1 103 PHE 103 102 102 PHE PHE A . n 
A 1 104 THR 104 103 103 THR THR A . n 
A 1 105 ALA 105 104 104 ALA ALA A . n 
A 1 106 LEU 106 105 105 LEU LEU A . n 
A 1 107 VAL 107 106 106 VAL VAL A . n 
A 1 108 LYS 108 107 107 LYS LYS A . n 
A 1 109 ALA 109 108 108 ALA ALA A . n 
# 
loop_
_pdbx_nonpoly_scheme.asym_id 
_pdbx_nonpoly_scheme.entity_id 
_pdbx_nonpoly_scheme.mon_id 
_pdbx_nonpoly_scheme.ndb_seq_num 
_pdbx_nonpoly_scheme.pdb_seq_num 
_pdbx_nonpoly_scheme.auth_seq_num 
_pdbx_nonpoly_scheme.pdb_mon_id 
_pdbx_nonpoly_scheme.auth_mon_id 
_pdbx_nonpoly_scheme.pdb_strand_id 
_pdbx_nonpoly_scheme.pdb_ins_code 
B 2 CA  1  109 109 CA  CA  A . 
C 2 CA  1  110 110 CA  CA  A . 
D 3 HOH 1  111 111 HOH HOH A . 
D 3 HOH 2  114 114 HOH HOH A . 
D 3 HOH 3  115 115 HOH HOH A . 
D 3 HOH 4  117 117 HOH HOH A . 
D 3 HOH 5  118 118 HOH HOH A . 
D 3 HOH 6  119 119 HOH HOH A . 
D 3 HOH 7  120 120 HOH HOH A . 
D 3 HOH 8  121 121 HOH HOH A . 
D 3 HOH 9  122 122 HOH HOH A . 
D 3 HOH 10 130 130 HOH HOH A . 
D 3 HOH 11 131 131 HOH HOH A . 
D 3 HOH 12 133 133 HOH HOH A . 
D 3 HOH 13 134 134 HOH HOH A . 
D 3 HOH 14 139 139 HOH HOH A . 
D 3 HOH 15 140 140 HOH HOH A . 
D 3 HOH 16 141 141 HOH HOH A . 
D 3 HOH 17 142 142 HOH HOH A . 
D 3 HOH 18 143 143 HOH HOH A . 
D 3 HOH 19 144 144 HOH HOH A . 
D 3 HOH 20 147 147 HOH HOH A . 
D 3 HOH 21 148 148 HOH HOH A . 
D 3 HOH 22 150 150 HOH HOH A . 
D 3 HOH 23 152 152 HOH HOH A . 
D 3 HOH 24 153 153 HOH HOH A . 
D 3 HOH 25 154 154 HOH HOH A . 
D 3 HOH 26 156 156 HOH HOH A . 
D 3 HOH 27 157 157 HOH HOH A . 
D 3 HOH 28 166 166 HOH HOH A . 
D 3 HOH 29 167 167 HOH HOH A . 
D 3 HOH 30 171 171 HOH HOH A . 
D 3 HOH 31 173 173 HOH HOH A . 
D 3 HOH 32 175 175 HOH HOH A . 
D 3 HOH 33 176 176 HOH HOH A . 
D 3 HOH 34 179 179 HOH HOH A . 
D 3 HOH 35 184 184 HOH HOH A . 
D 3 HOH 36 187 187 HOH HOH A . 
D 3 HOH 37 188 188 HOH HOH A . 
D 3 HOH 38 189 189 HOH HOH A . 
D 3 HOH 39 190 190 HOH HOH A . 
D 3 HOH 40 193 193 HOH HOH A . 
D 3 HOH 41 196 196 HOH HOH A . 
D 3 HOH 42 198 198 HOH HOH A . 
D 3 HOH 43 201 201 HOH HOH A . 
D 3 HOH 44 202 202 HOH HOH A . 
D 3 HOH 45 205 205 HOH HOH A . 
D 3 HOH 46 208 208 HOH HOH A . 
D 3 HOH 47 215 215 HOH HOH A . 
D 3 HOH 48 216 216 HOH HOH A . 
D 3 HOH 49 226 226 HOH HOH A . 
D 3 HOH 50 227 227 HOH HOH A . 
D 3 HOH 51 230 230 HOH HOH A . 
D 3 HOH 52 232 232 HOH HOH A . 
D 3 HOH 53 233 233 HOH HOH A . 
D 3 HOH 54 234 234 HOH HOH A . 
D 3 HOH 55 241 241 HOH HOH A . 
D 3 HOH 56 242 242 HOH HOH A . 
D 3 HOH 57 243 243 HOH HOH A . 
D 3 HOH 58 244 244 HOH HOH A . 
D 3 HOH 59 246 246 HOH HOH A . 
D 3 HOH 60 250 250 HOH HOH A . 
D 3 HOH 61 251 251 HOH HOH A . 
D 3 HOH 62 252 252 HOH HOH A . 
D 3 HOH 63 253 253 HOH HOH A . 
D 3 HOH 64 254 254 HOH HOH A . 
D 3 HOH 65 257 257 HOH HOH A . 
D 3 HOH 66 260 260 HOH HOH A . 
D 3 HOH 67 264 264 HOH HOH A . 
D 3 HOH 68 267 267 HOH HOH A . 
D 3 HOH 69 273 273 HOH HOH A . 
D 3 HOH 70 277 277 HOH HOH A . 
D 3 HOH 71 280 280 HOH HOH A . 
D 3 HOH 72 283 283 HOH HOH A . 
D 3 HOH 73 287 287 HOH HOH A . 
D 3 HOH 74 293 293 HOH HOH A . 
# 
_software.name             PROLSQ 
_software.classification   refinement 
_software.version          . 
_software.citation_id      ? 
_software.pdbx_ordinal     1 
# 
_cell.entry_id           4CPV 
_cell.length_a           28.460 
_cell.length_b           61.000 
_cell.length_c           54.400 
_cell.angle_alpha        90.00 
_cell.angle_beta         95.00 
_cell.angle_gamma        90.00 
_cell.Z_PDB              4 
_cell.pdbx_unique_axis   ? 
# 
_symmetry.entry_id                         4CPV 
_symmetry.space_group_name_H-M             'C 1 2 1' 
_symmetry.pdbx_full_space_group_name_H-M   ? 
_symmetry.cell_setting                     ? 
_symmetry.Int_Tables_number                5 
# 
_exptl.entry_id          4CPV 
_exptl.method            'X-RAY DIFFRACTION' 
_exptl.crystals_number   ? 
# 
_exptl_crystal.id                    1 
_exptl_crystal.density_meas          ? 
_exptl_crystal.density_Matthews      2.05 
_exptl_crystal.density_percent_sol   39.99 
_exptl_crystal.description           ? 
# 
_refine.entry_id                                 4CPV 
_refine.ls_number_reflns_obs                     ? 
_refine.ls_number_reflns_all                     ? 
_refine.pdbx_ls_sigma_I                          ? 
_refine.pdbx_ls_sigma_F                          ? 
_refine.pdbx_data_cutoff_high_absF               ? 
_refine.pdbx_data_cutoff_low_absF                ? 
_refine.pdbx_data_cutoff_high_rms_absF           ? 
_refine.ls_d_res_low                             ? 
_refine.ls_d_res_high                            1.5 
_refine.ls_percent_reflns_obs                    ? 
_refine.ls_R_factor_obs                          0.2150000 
_refine.ls_R_factor_all                          ? 
_refine.ls_R_factor_R_work                       ? 
_refine.ls_R_factor_R_free                       ? 
_refine.ls_R_factor_R_free_error                 ? 
_refine.ls_R_factor_R_free_error_details         ? 
_refine.ls_percent_reflns_R_free                 ? 
_refine.ls_number_reflns_R_free                  ? 
_refine.ls_number_parameters                     ? 
_refine.ls_number_restraints                     ? 
_refine.occupancy_min                            ? 
_refine.occupancy_max                            ? 
_refine.B_iso_mean                               ? 
_refine.aniso_B[1][1]                            ? 
_refine.aniso_B[2][2]                            ? 
_refine.aniso_B[3][3]                            ? 
_refine.aniso_B[1][2]                            ? 
_refine.aniso_B[1][3]                            ? 
_refine.aniso_B[2][3]                            ? 
_refine.solvent_model_details                    ? 
_refine.solvent_model_param_ksol                 ? 
_refine.solvent_model_param_bsol                 ? 
_refine.pdbx_ls_cross_valid_method               ? 
_refine.details                                  ? 
_refine.pdbx_starting_model                      ? 
_refine.pdbx_method_to_determine_struct          ? 
_refine.pdbx_isotropic_thermal_model             ? 
_refine.pdbx_stereochemistry_target_values       ? 
_refine.pdbx_stereochem_target_val_spec_case     ? 
_refine.pdbx_R_Free_selection_details            ? 
_refine.pdbx_overall_ESU_R                       ? 
_refine.pdbx_overall_ESU_R_Free                  ? 
_refine.overall_SU_ML                            ? 
_refine.overall_SU_B                             ? 
_refine.pdbx_refine_id                           'X-RAY DIFFRACTION' 
_refine.pdbx_diffrn_id                           1 
_refine.pdbx_TLS_residual_ADP_flag               ? 
_refine.correlation_coeff_Fo_to_Fc               ? 
_refine.correlation_coeff_Fo_to_Fc_free          ? 
_refine.pdbx_solvent_vdw_probe_radii             ? 
_refine.pdbx_solvent_ion_probe_radii             ? 
_refine.pdbx_solvent_shrinkage_radii             ? 
_refine.pdbx_overall_phase_error                 ? 
_refine.overall_SU_R_Cruickshank_DPI             ? 
_refine.pdbx_overall_SU_R_free_Cruickshank_DPI   ? 
_refine.pdbx_overall_SU_R_Blow_DPI               ? 
_refine.pdbx_overall_SU_R_free_Blow_DPI          ? 
# 
_refine_hist.pdbx_refine_id                   'X-RAY DIFFRACTION' 
_refine_hist.cycle_id                         LAST 
_refine_hist.pdbx_number_atoms_protein        810 
_refine_hist.pdbx_number_atoms_nucleic_acid   0 
_refine_hist.pdbx_number_atoms_ligand         2 
_refine_hist.number_atoms_solvent             74 
_refine_hist.number_atoms_total               886 
_refine_hist.d_res_high                       1.5 
_refine_hist.d_res_low                        . 
# 
loop_
_refine_ls_restr.type 
_refine_ls_restr.dev_ideal 
_refine_ls_restr.dev_ideal_target 
_refine_ls_restr.weight 
_refine_ls_restr.number 
_refine_ls_restr.pdbx_refine_id 
_refine_ls_restr.pdbx_restraint_function 
p_bond_d    0.024 ? ? ? 'X-RAY DIFFRACTION' ? 
p_angle_deg 1.9   ? ? ? 'X-RAY DIFFRACTION' ? 
# 
_struct.entry_id                  4CPV 
_struct.title                     'REFINED CRYSTAL STRUCTURE OF CALCIUM-LIGANDED CARP PARVALBUMIN 4.25 AT 1.5-ANGSTROMS RESOLUTION' 
_struct.pdbx_model_details        ? 
_struct.pdbx_CASP_flag            ? 
_struct.pdbx_model_type_details   ? 
# 
_struct_keywords.entry_id        4CPV 
_struct_keywords.pdbx_keywords   'CALCIUM BINDING' 
_struct_keywords.text            'CALCIUM BINDING' 
# 
loop_
_struct_asym.id 
_struct_asym.pdbx_blank_PDB_chainid_flag 
_struct_asym.pdbx_modified 
_struct_asym.entity_id 
_struct_asym.details 
A N N 1 ? 
B N N 2 ? 
C N N 2 ? 
D N N 3 ? 
# 
_struct_ref.id                         1 
_struct_ref.db_name                    UNP 
_struct_ref.db_code                    PRVB_CYPCA 
_struct_ref.entity_id                  1 
_struct_ref.pdbx_db_accession          P02618 
_struct_ref.pdbx_align_begin           1 
_struct_ref.pdbx_seq_one_letter_code   
;AFAGVLNDADIAAALEACKAADSFNHKAFFAKVGLTSKSADDVKKAFAIIDQDKSGFIEEDELKLFLQNFKADARALTDG
ETKTFLKAGDSDGDGKIGVDEFTALVKA
;
_struct_ref.pdbx_db_isoform            ? 
# 
_struct_ref_seq.align_id                      1 
_struct_ref_seq.ref_id                        1 
_struct_ref_seq.pdbx_PDB_id_code              4CPV 
_struct_ref_seq.pdbx_strand_id                A 
_struct_ref_seq.seq_align_beg                 2 
_struct_ref_seq.pdbx_seq_align_beg_ins_code   ? 
_struct_ref_seq.seq_align_end                 109 
_struct_ref_seq.pdbx_seq_align_end_ins_code   ? 
_struct_ref_seq.pdbx_db_accession             P02618 
_struct_ref_seq.db_align_beg                  1 
_struct_ref_seq.pdbx_db_align_beg_ins_code    ? 
_struct_ref_seq.db_align_end                  108 
_struct_ref_seq.pdbx_db_align_end_ins_code    ? 
_struct_ref_seq.pdbx_auth_seq_align_beg       1 
_struct_ref_seq.pdbx_auth_seq_align_end       108 
# 
_pdbx_struct_assembly.id                   1 
_pdbx_struct_assembly.details              author_defined_assembly 
_pdbx_struct_assembly.method_details       ? 
_pdbx_struct_assembly.oligomeric_details   dimeric 
_pdbx_struct_assembly.oligomeric_count     2 
# 
_pdbx_struct_assembly_gen.assembly_id       1 
_pdbx_struct_assembly_gen.oper_expression   1,2 
_pdbx_struct_assembly_gen.asym_id_list      A,B,C,D 
# 
loop_
_pdbx_struct_oper_list.id 
_pdbx_struct_oper_list.type 
_pdbx_struct_oper_list.name 
_pdbx_struct_oper_list.symmetry_operation 
_pdbx_struct_oper_list.matrix[1][1] 
_pdbx_struct_oper_list.matrix[1][2] 
_pdbx_struct_oper_list.matrix[1][3] 
_pdbx_struct_oper_list.vector[1] 
_pdbx_struct_oper_list.matrix[2][1] 
_pdbx_struct_oper_list.matrix[2][2] 
_pdbx_struct_oper_list.matrix[2][3] 
_pdbx_struct_oper_list.vector[2] 
_pdbx_struct_oper_list.matrix[3][1] 
_pdbx_struct_oper_list.matrix[3][2] 
_pdbx_struct_oper_list.matrix[3][3] 
_pdbx_struct_oper_list.vector[3] 
1 'identity operation'         1_555 x,y,z       1.0000000000 0.0000000000  0.0000000000  0.0000000000  0.0000000000  1.0000000000  0.0000000000 0.0000000000   0.0000000000  0.0000000000 1.0000000000  0.0000000000  
2 'crystal symmetry operation' 2_656 -x+1,y,-z+1 0.2769354580 -0.7181375887 -0.6384239624 -6.2200946175 -0.7181375887 -0.5961255574 0.3590441804 -23.7106523654 -0.6384239624 0.3590441804 -0.6808099006 14.2301227449 
# 
_struct_biol.id   1 
# 
loop_
_struct_conf.conf_type_id 
_struct_conf.id 
_struct_conf.pdbx_PDB_helix_id 
_struct_conf.beg_label_comp_id 
_struct_conf.beg_label_asym_id 
_struct_conf.beg_label_seq_id 
_struct_conf.pdbx_beg_PDB_ins_code 
_struct_conf.end_label_comp_id 
_struct_conf.end_label_asym_id 
_struct_conf.end_label_seq_id 
_struct_conf.pdbx_end_PDB_ins_code 
_struct_conf.beg_auth_comp_id 
_struct_conf.beg_auth_asym_id 
_struct_conf.beg_auth_seq_id 
_struct_conf.end_auth_comp_id 
_struct_conf.end_auth_asym_id 
_struct_conf.end_auth_seq_id 
_struct_conf.pdbx_PDB_helix_class 
_struct_conf.details 
_struct_conf.pdbx_PDB_helix_length 
HELX_P HELX_P1 HA ASN A 8  ? ALA A 18  ? ASN A 7  ALA A 17  1 ? 11 
HELX_P HELX_P2 HB ASN A 26 ? GLY A 35  ? ASN A 25 GLY A 34  1 ? 10 
HELX_P HELX_P3 HC SER A 40 ? ASP A 52  ? SER A 39 ASP A 51  1 ? 13 
HELX_P HELX_P4 HD GLU A 60 ? PHE A 71  ? GLU A 59 PHE A 70  5 ? 12 
HELX_P HELX_P5 HE THR A 79 ? ASP A 91  ? THR A 78 ASP A 90  1 ? 13 
HELX_P HELX_P6 HF GLY A 99 ? ALA A 109 ? GLY A 98 ALA A 108 1 ? 11 
# 
_struct_conf_type.id          HELX_P 
_struct_conf_type.criteria    ? 
_struct_conf_type.reference   ? 
# 
loop_
_struct_conn.id 
_struct_conn.conn_type_id 
_struct_conn.pdbx_leaving_atom_flag 
_struct_conn.pdbx_PDB_id 
_struct_conn.ptnr1_label_asym_id 
_struct_conn.ptnr1_label_comp_id 
_struct_conn.ptnr1_label_seq_id 
_struct_conn.ptnr1_label_atom_id 
_struct_conn.pdbx_ptnr1_label_alt_id 
_struct_conn.pdbx_ptnr1_PDB_ins_code 
_struct_conn.pdbx_ptnr1_standard_comp_id 
_struct_conn.ptnr1_symmetry 
_struct_conn.ptnr2_label_asym_id 
_struct_conn.ptnr2_label_comp_id 
_struct_conn.ptnr2_label_seq_id 
_struct_conn.ptnr2_label_atom_id 
_struct_conn.pdbx_ptnr2_label_alt_id 
_struct_conn.pdbx_ptnr2_PDB_ins_code 
_struct_conn.ptnr1_auth_asym_id 
_struct_conn.ptnr1_auth_comp_id 
_struct_conn.ptnr1_auth_seq_id 
_struct_conn.ptnr2_auth_asym_id 
_struct_conn.ptnr2_auth_comp_id 
_struct_conn.ptnr2_auth_seq_id 
_struct_conn.ptnr2_symmetry 
_struct_conn.pdbx_ptnr3_label_atom_id 
_struct_conn.pdbx_ptnr3_label_seq_id 
_struct_conn.pdbx_ptnr3_label_comp_id 
_struct_conn.pdbx_ptnr3_label_asym_id 
_struct_conn.pdbx_ptnr3_label_alt_id 
_struct_conn.pdbx_ptnr3_PDB_ins_code 
_struct_conn.details 
_struct_conn.pdbx_dist_value 
_struct_conn.pdbx_value_order 
_struct_conn.pdbx_role 
covale1  covale both ? A ACE 1   C   ? ? ? 1_555 A ALA 2 N  ? ? A ACE 0   A ALA 1   1_555 ? ? ? ? ? ? ? 1.337 ? ? 
metalc1  metalc ?    ? A ASP 52  OD1 ? ? ? 1_555 C CA  . CA ? ? A ASP 51  A CA  110 1_555 ? ? ? ? ? ? ? 2.215 ? ? 
metalc2  metalc ?    ? A ASP 54  OD1 ? ? ? 1_555 C CA  . CA ? ? A ASP 53  A CA  110 1_555 ? ? ? ? ? ? ? 2.339 ? ? 
metalc3  metalc ?    ? A SER 56  OG  ? ? ? 1_555 C CA  . CA ? ? A SER 55  A CA  110 1_555 ? ? ? ? ? ? ? 2.614 ? ? 
metalc4  metalc ?    ? A PHE 58  O   ? ? ? 1_555 C CA  . CA ? ? A PHE 57  A CA  110 1_555 ? ? ? ? ? ? ? 2.369 ? ? 
metalc5  metalc ?    ? A GLU 60  OE1 ? ? ? 1_555 C CA  . CA ? ? A GLU 59  A CA  110 1_555 ? ? ? ? ? ? ? 2.345 ? ? 
metalc6  metalc ?    ? A GLU 63  OE2 ? ? ? 1_555 C CA  . CA ? ? A GLU 62  A CA  110 1_555 ? ? ? ? ? ? ? 2.398 ? ? 
metalc7  metalc ?    ? A GLU 63  OE1 ? ? ? 1_555 C CA  . CA ? ? A GLU 62  A CA  110 1_555 ? ? ? ? ? ? ? 2.617 ? ? 
metalc8  metalc ?    ? A ASP 91  OD2 ? ? ? 1_555 B CA  . CA ? ? A ASP 90  A CA  109 1_555 ? ? ? ? ? ? ? 2.243 ? ? 
metalc9  metalc ?    ? A ASP 93  OD1 ? ? ? 1_555 B CA  . CA ? ? A ASP 92  A CA  109 1_555 ? ? ? ? ? ? ? 2.379 ? ? 
metalc10 metalc ?    ? A ASP 95  OD1 ? ? ? 1_555 B CA  . CA ? ? A ASP 94  A CA  109 1_555 ? ? ? ? ? ? ? 2.493 ? ? 
metalc11 metalc ?    ? A LYS 97  O   ? ? ? 1_555 B CA  . CA ? ? A LYS 96  A CA  109 1_555 ? ? ? ? ? ? ? 2.429 ? ? 
metalc12 metalc ?    ? A GLU 102 OE1 ? ? ? 1_555 B CA  . CA ? ? A GLU 101 A CA  109 1_555 ? ? ? ? ? ? ? 2.381 ? ? 
metalc13 metalc ?    ? A GLU 102 OE2 ? ? ? 1_555 B CA  . CA ? ? A GLU 101 A CA  109 1_555 ? ? ? ? ? ? ? 2.691 ? ? 
metalc14 metalc ?    ? B CA  .   CA  ? ? ? 1_555 D HOH . O  ? ? A CA  109 A HOH 166 1_555 ? ? ? ? ? ? ? 2.351 ? ? 
# 
loop_
_struct_conn_type.id 
_struct_conn_type.criteria 
_struct_conn_type.reference 
covale ? ? 
metalc ? ? 
# 
loop_
_pdbx_struct_conn_angle.id 
_pdbx_struct_conn_angle.ptnr1_label_atom_id 
_pdbx_struct_conn_angle.ptnr1_label_alt_id 
_pdbx_struct_conn_angle.ptnr1_label_asym_id 
_pdbx_struct_conn_angle.ptnr1_label_comp_id 
_pdbx_struct_conn_angle.ptnr1_label_seq_id 
_pdbx_struct_conn_angle.ptnr1_auth_atom_id 
_pdbx_struct_conn_angle.ptnr1_auth_asym_id 
_pdbx_struct_conn_angle.ptnr1_auth_comp_id 
_pdbx_struct_conn_angle.ptnr1_auth_seq_id 
_pdbx_struct_conn_angle.ptnr1_PDB_ins_code 
_pdbx_struct_conn_angle.ptnr1_symmetry 
_pdbx_struct_conn_angle.ptnr2_label_atom_id 
_pdbx_struct_conn_angle.ptnr2_label_alt_id 
_pdbx_struct_conn_angle.ptnr2_label_asym_id 
_pdbx_struct_conn_angle.ptnr2_label_comp_id 
_pdbx_struct_conn_angle.ptnr2_label_seq_id 
_pdbx_struct_conn_angle.ptnr2_auth_atom_id 
_pdbx_struct_conn_angle.ptnr2_auth_asym_id 
_pdbx_struct_conn_angle.ptnr2_auth_comp_id 
_pdbx_struct_conn_angle.ptnr2_auth_seq_id 
_pdbx_struct_conn_angle.ptnr2_PDB_ins_code 
_pdbx_struct_conn_angle.ptnr2_symmetry 
_pdbx_struct_conn_angle.ptnr3_label_atom_id 
_pdbx_struct_conn_angle.ptnr3_label_alt_id 
_pdbx_struct_conn_angle.ptnr3_label_asym_id 
_pdbx_struct_conn_angle.ptnr3_label_comp_id 
_pdbx_struct_conn_angle.ptnr3_label_seq_id 
_pdbx_struct_conn_angle.ptnr3_auth_atom_id 
_pdbx_struct_conn_angle.ptnr3_auth_asym_id 
_pdbx_struct_conn_angle.ptnr3_auth_comp_id 
_pdbx_struct_conn_angle.ptnr3_auth_seq_id 
_pdbx_struct_conn_angle.ptnr3_PDB_ins_code 
_pdbx_struct_conn_angle.ptnr3_symmetry 
_pdbx_struct_conn_angle.value 
_pdbx_struct_conn_angle.value_esd 
1  OD1 ? A ASP 52  ? A ASP 51  ? 1_555 CA ? C CA . ? A CA 110 ? 1_555 OD1 ? A ASP 54  ? A ASP 53  ? 1_555 86.2  ? 
2  OD1 ? A ASP 52  ? A ASP 51  ? 1_555 CA ? C CA . ? A CA 110 ? 1_555 OG  ? A SER 56  ? A SER 55  ? 1_555 88.7  ? 
3  OD1 ? A ASP 54  ? A ASP 53  ? 1_555 CA ? C CA . ? A CA 110 ? 1_555 OG  ? A SER 56  ? A SER 55  ? 1_555 76.9  ? 
4  OD1 ? A ASP 52  ? A ASP 51  ? 1_555 CA ? C CA . ? A CA 110 ? 1_555 O   ? A PHE 58  ? A PHE 57  ? 1_555 83.8  ? 
5  OD1 ? A ASP 54  ? A ASP 53  ? 1_555 CA ? C CA . ? A CA 110 ? 1_555 O   ? A PHE 58  ? A PHE 57  ? 1_555 150.3 ? 
6  OG  ? A SER 56  ? A SER 55  ? 1_555 CA ? C CA . ? A CA 110 ? 1_555 O   ? A PHE 58  ? A PHE 57  ? 1_555 75.0  ? 
7  OD1 ? A ASP 52  ? A ASP 51  ? 1_555 CA ? C CA . ? A CA 110 ? 1_555 OE1 ? A GLU 60  ? A GLU 59  ? 1_555 167.0 ? 
8  OD1 ? A ASP 54  ? A ASP 53  ? 1_555 CA ? C CA . ? A CA 110 ? 1_555 OE1 ? A GLU 60  ? A GLU 59  ? 1_555 102.6 ? 
9  OG  ? A SER 56  ? A SER 55  ? 1_555 CA ? C CA . ? A CA 110 ? 1_555 OE1 ? A GLU 60  ? A GLU 59  ? 1_555 84.1  ? 
10 O   ? A PHE 58  ? A PHE 57  ? 1_555 CA ? C CA . ? A CA 110 ? 1_555 OE1 ? A GLU 60  ? A GLU 59  ? 1_555 83.9  ? 
11 OD1 ? A ASP 52  ? A ASP 51  ? 1_555 CA ? C CA . ? A CA 110 ? 1_555 OE2 ? A GLU 63  ? A GLU 62  ? 1_555 103.9 ? 
12 OD1 ? A ASP 54  ? A ASP 53  ? 1_555 CA ? C CA . ? A CA 110 ? 1_555 OE2 ? A GLU 63  ? A GLU 62  ? 1_555 127.4 ? 
13 OG  ? A SER 56  ? A SER 55  ? 1_555 CA ? C CA . ? A CA 110 ? 1_555 OE2 ? A GLU 63  ? A GLU 62  ? 1_555 152.6 ? 
14 O   ? A PHE 58  ? A PHE 57  ? 1_555 CA ? C CA . ? A CA 110 ? 1_555 OE2 ? A GLU 63  ? A GLU 62  ? 1_555 82.2  ? 
15 OE1 ? A GLU 60  ? A GLU 59  ? 1_555 CA ? C CA . ? A CA 110 ? 1_555 OE2 ? A GLU 63  ? A GLU 62  ? 1_555 78.5  ? 
16 OD1 ? A ASP 52  ? A ASP 51  ? 1_555 CA ? C CA . ? A CA 110 ? 1_555 OE1 ? A GLU 63  ? A GLU 62  ? 1_555 103.5 ? 
17 OD1 ? A ASP 54  ? A ASP 53  ? 1_555 CA ? C CA . ? A CA 110 ? 1_555 OE1 ? A GLU 63  ? A GLU 62  ? 1_555 75.5  ? 
18 OG  ? A SER 56  ? A SER 55  ? 1_555 CA ? C CA . ? A CA 110 ? 1_555 OE1 ? A GLU 63  ? A GLU 62  ? 1_555 148.8 ? 
19 O   ? A PHE 58  ? A PHE 57  ? 1_555 CA ? C CA . ? A CA 110 ? 1_555 OE1 ? A GLU 63  ? A GLU 62  ? 1_555 134.1 ? 
20 OE1 ? A GLU 60  ? A GLU 59  ? 1_555 CA ? C CA . ? A CA 110 ? 1_555 OE1 ? A GLU 63  ? A GLU 62  ? 1_555 88.0  ? 
21 OE2 ? A GLU 63  ? A GLU 62  ? 1_555 CA ? C CA . ? A CA 110 ? 1_555 OE1 ? A GLU 63  ? A GLU 62  ? 1_555 51.9  ? 
22 OD2 ? A ASP 91  ? A ASP 90  ? 1_555 CA ? B CA . ? A CA 109 ? 1_555 OD1 ? A ASP 93  ? A ASP 92  ? 1_555 80.6  ? 
23 OD2 ? A ASP 91  ? A ASP 90  ? 1_555 CA ? B CA . ? A CA 109 ? 1_555 OD1 ? A ASP 95  ? A ASP 94  ? 1_555 87.0  ? 
24 OD1 ? A ASP 93  ? A ASP 92  ? 1_555 CA ? B CA . ? A CA 109 ? 1_555 OD1 ? A ASP 95  ? A ASP 94  ? 1_555 77.6  ? 
25 OD2 ? A ASP 91  ? A ASP 90  ? 1_555 CA ? B CA . ? A CA 109 ? 1_555 O   ? A LYS 97  ? A LYS 96  ? 1_555 86.2  ? 
26 OD1 ? A ASP 93  ? A ASP 92  ? 1_555 CA ? B CA . ? A CA 109 ? 1_555 O   ? A LYS 97  ? A LYS 96  ? 1_555 153.2 ? 
27 OD1 ? A ASP 95  ? A ASP 94  ? 1_555 CA ? B CA . ? A CA 109 ? 1_555 O   ? A LYS 97  ? A LYS 96  ? 1_555 78.5  ? 
28 OD2 ? A ASP 91  ? A ASP 90  ? 1_555 CA ? B CA . ? A CA 109 ? 1_555 OE1 ? A GLU 102 ? A GLU 101 ? 1_555 116.2 ? 
29 OD1 ? A ASP 93  ? A ASP 92  ? 1_555 CA ? B CA . ? A CA 109 ? 1_555 OE1 ? A GLU 102 ? A GLU 101 ? 1_555 124.6 ? 
30 OD1 ? A ASP 95  ? A ASP 94  ? 1_555 CA ? B CA . ? A CA 109 ? 1_555 OE1 ? A GLU 102 ? A GLU 101 ? 1_555 148.6 ? 
31 O   ? A LYS 97  ? A LYS 96  ? 1_555 CA ? B CA . ? A CA 109 ? 1_555 OE1 ? A GLU 102 ? A GLU 101 ? 1_555 82.2  ? 
32 OD2 ? A ASP 91  ? A ASP 90  ? 1_555 CA ? B CA . ? A CA 109 ? 1_555 OE2 ? A GLU 102 ? A GLU 101 ? 1_555 91.5  ? 
33 OD1 ? A ASP 93  ? A ASP 92  ? 1_555 CA ? B CA . ? A CA 109 ? 1_555 OE2 ? A GLU 102 ? A GLU 101 ? 1_555 78.6  ? 
34 OD1 ? A ASP 95  ? A ASP 94  ? 1_555 CA ? B CA . ? A CA 109 ? 1_555 OE2 ? A GLU 102 ? A GLU 101 ? 1_555 156.0 ? 
35 O   ? A LYS 97  ? A LYS 96  ? 1_555 CA ? B CA . ? A CA 109 ? 1_555 OE2 ? A GLU 102 ? A GLU 101 ? 1_555 125.3 ? 
36 OE1 ? A GLU 102 ? A GLU 101 ? 1_555 CA ? B CA . ? A CA 109 ? 1_555 OE2 ? A GLU 102 ? A GLU 101 ? 1_555 50.5  ? 
37 OD2 ? A ASP 91  ? A ASP 90  ? 1_555 CA ? B CA . ? A CA 109 ? 1_555 O   ? D HOH .   ? A HOH 166 ? 1_555 160.6 ? 
38 OD1 ? A ASP 93  ? A ASP 92  ? 1_555 CA ? B CA . ? A CA 109 ? 1_555 O   ? D HOH .   ? A HOH 166 ? 1_555 93.1  ? 
39 OD1 ? A ASP 95  ? A ASP 94  ? 1_555 CA ? B CA . ? A CA 109 ? 1_555 O   ? D HOH .   ? A HOH 166 ? 1_555 73.7  ? 
40 O   ? A LYS 97  ? A LYS 96  ? 1_555 CA ? B CA . ? A CA 109 ? 1_555 O   ? D HOH .   ? A HOH 166 ? 1_555 91.7  ? 
41 OE1 ? A GLU 102 ? A GLU 101 ? 1_555 CA ? B CA . ? A CA 109 ? 1_555 O   ? D HOH .   ? A HOH 166 ? 1_555 82.5  ? 
42 OE2 ? A GLU 102 ? A GLU 101 ? 1_555 CA ? B CA . ? A CA 109 ? 1_555 O   ? D HOH .   ? A HOH 166 ? 1_555 105.3 ? 
# 
_pdbx_modification_feature.ordinal                            1 
_pdbx_modification_feature.label_comp_id                      ACE 
_pdbx_modification_feature.label_asym_id                      A 
_pdbx_modification_feature.label_seq_id                       1 
_pdbx_modification_feature.label_alt_id                       ? 
_pdbx_modification_feature.modified_residue_label_comp_id     ALA 
_pdbx_modification_feature.modified_residue_label_asym_id     A 
_pdbx_modification_feature.modified_residue_label_seq_id      2 
_pdbx_modification_feature.modified_residue_label_alt_id      ? 
_pdbx_modification_feature.auth_comp_id                       ACE 
_pdbx_modification_feature.auth_asym_id                       A 
_pdbx_modification_feature.auth_seq_id                        0 
_pdbx_modification_feature.PDB_ins_code                       ? 
_pdbx_modification_feature.symmetry                           1_555 
_pdbx_modification_feature.modified_residue_auth_comp_id      ALA 
_pdbx_modification_feature.modified_residue_auth_asym_id      A 
_pdbx_modification_feature.modified_residue_auth_seq_id       1 
_pdbx_modification_feature.modified_residue_PDB_ins_code      ? 
_pdbx_modification_feature.modified_residue_symmetry          1_555 
_pdbx_modification_feature.comp_id_linking_atom               . 
_pdbx_modification_feature.modified_residue_id_linking_atom   . 
_pdbx_modification_feature.modified_residue_id                ALA 
_pdbx_modification_feature.ref_pcm_id                         1 
_pdbx_modification_feature.ref_comp_id                        ACE 
_pdbx_modification_feature.type                               None 
_pdbx_modification_feature.category                           'Terminal acetylation' 
# 
loop_
_struct_site.id 
_struct_site.pdbx_evidence_code 
_struct_site.pdbx_auth_asym_id 
_struct_site.pdbx_auth_comp_id 
_struct_site.pdbx_auth_seq_id 
_struct_site.pdbx_auth_ins_code 
_struct_site.pdbx_num_residues 
_struct_site.details 
CD  Unknown  ? ?  ?   ? 6 ?                                   
EF  Unknown  ? ?  ?   ? 6 ?                                   
AC1 Software A CA 109 ? 6 'BINDING SITE FOR RESIDUE CA A 109' 
AC2 Software A CA 110 ? 6 'BINDING SITE FOR RESIDUE CA A 110' 
# 
loop_
_struct_site_gen.id 
_struct_site_gen.site_id 
_struct_site_gen.pdbx_num_res 
_struct_site_gen.label_comp_id 
_struct_site_gen.label_asym_id 
_struct_site_gen.label_seq_id 
_struct_site_gen.pdbx_auth_ins_code 
_struct_site_gen.auth_comp_id 
_struct_site_gen.auth_asym_id 
_struct_site_gen.auth_seq_id 
_struct_site_gen.label_atom_id 
_struct_site_gen.label_alt_id 
_struct_site_gen.symmetry 
_struct_site_gen.details 
1  CD  6 ASP A 52  ? ASP A 51  . ? 1_555 ? 
2  CD  6 ASP A 54  ? ASP A 53  . ? 1_555 ? 
3  CD  6 SER A 56  ? SER A 55  . ? 1_555 ? 
4  CD  6 PHE A 58  ? PHE A 57  . ? 1_555 ? 
5  CD  6 GLU A 60  ? GLU A 59  . ? 1_555 ? 
6  CD  6 GLU A 63  ? GLU A 62  . ? 1_555 ? 
7  EF  6 ASP A 91  ? ASP A 90  . ? 1_555 ? 
8  EF  6 ASP A 93  ? ASP A 92  . ? 1_555 ? 
9  EF  6 ASP A 95  ? ASP A 94  . ? 1_555 ? 
10 EF  6 LYS A 97  ? LYS A 96  . ? 1_555 ? 
11 EF  6 GLU A 102 ? GLU A 101 . ? 1_555 ? 
12 EF  6 HOH D .   ? HOH A 166 . ? 1_555 ? 
13 AC1 6 ASP A 91  ? ASP A 90  . ? 1_555 ? 
14 AC1 6 ASP A 93  ? ASP A 92  . ? 1_555 ? 
15 AC1 6 ASP A 95  ? ASP A 94  . ? 1_555 ? 
16 AC1 6 LYS A 97  ? LYS A 96  . ? 1_555 ? 
17 AC1 6 GLU A 102 ? GLU A 101 . ? 1_555 ? 
18 AC1 6 HOH D .   ? HOH A 166 . ? 1_555 ? 
19 AC2 6 ASP A 52  ? ASP A 51  . ? 1_555 ? 
20 AC2 6 ASP A 54  ? ASP A 53  . ? 1_555 ? 
21 AC2 6 SER A 56  ? SER A 55  . ? 1_555 ? 
22 AC2 6 PHE A 58  ? PHE A 57  . ? 1_555 ? 
23 AC2 6 GLU A 60  ? GLU A 59  . ? 1_555 ? 
24 AC2 6 GLU A 63  ? GLU A 62  . ? 1_555 ? 
# 
_pdbx_entry_details.entry_id                   4CPV 
_pdbx_entry_details.compound_details           ? 
_pdbx_entry_details.source_details             ? 
_pdbx_entry_details.nonpolymer_details         ? 
_pdbx_entry_details.sequence_details           ? 
_pdbx_entry_details.has_ligand_of_interest     ? 
_pdbx_entry_details.has_protein_modification   Y 
# 
_pdbx_validate_symm_contact.id                1 
_pdbx_validate_symm_contact.PDB_model_num     1 
_pdbx_validate_symm_contact.auth_atom_id_1    O 
_pdbx_validate_symm_contact.auth_asym_id_1    A 
_pdbx_validate_symm_contact.auth_comp_id_1    HOH 
_pdbx_validate_symm_contact.auth_seq_id_1     153 
_pdbx_validate_symm_contact.PDB_ins_code_1    ? 
_pdbx_validate_symm_contact.label_alt_id_1    ? 
_pdbx_validate_symm_contact.site_symmetry_1   1_555 
_pdbx_validate_symm_contact.auth_atom_id_2    O 
_pdbx_validate_symm_contact.auth_asym_id_2    A 
_pdbx_validate_symm_contact.auth_comp_id_2    HOH 
_pdbx_validate_symm_contact.auth_seq_id_2     188 
_pdbx_validate_symm_contact.PDB_ins_code_2    ? 
_pdbx_validate_symm_contact.label_alt_id_2    ? 
_pdbx_validate_symm_contact.site_symmetry_2   1_455 
_pdbx_validate_symm_contact.dist              0.22 
# 
_pdbx_validate_rmsd_bond.id                        1 
_pdbx_validate_rmsd_bond.PDB_model_num             1 
_pdbx_validate_rmsd_bond.auth_atom_id_1            CD 
_pdbx_validate_rmsd_bond.auth_asym_id_1            A 
_pdbx_validate_rmsd_bond.auth_comp_id_1            GLU 
_pdbx_validate_rmsd_bond.auth_seq_id_1             60 
_pdbx_validate_rmsd_bond.PDB_ins_code_1            ? 
_pdbx_validate_rmsd_bond.label_alt_id_1            ? 
_pdbx_validate_rmsd_bond.auth_atom_id_2            OE1 
_pdbx_validate_rmsd_bond.auth_asym_id_2            A 
_pdbx_validate_rmsd_bond.auth_comp_id_2            GLU 
_pdbx_validate_rmsd_bond.auth_seq_id_2             60 
_pdbx_validate_rmsd_bond.PDB_ins_code_2            ? 
_pdbx_validate_rmsd_bond.label_alt_id_2            ? 
_pdbx_validate_rmsd_bond.bond_value                1.182 
_pdbx_validate_rmsd_bond.bond_target_value         1.252 
_pdbx_validate_rmsd_bond.bond_deviation            -0.070 
_pdbx_validate_rmsd_bond.bond_standard_deviation   0.011 
_pdbx_validate_rmsd_bond.linker_flag               N 
# 
loop_
_pdbx_validate_rmsd_angle.id 
_pdbx_validate_rmsd_angle.PDB_model_num 
_pdbx_validate_rmsd_angle.auth_atom_id_1 
_pdbx_validate_rmsd_angle.auth_asym_id_1 
_pdbx_validate_rmsd_angle.auth_comp_id_1 
_pdbx_validate_rmsd_angle.auth_seq_id_1 
_pdbx_validate_rmsd_angle.PDB_ins_code_1 
_pdbx_validate_rmsd_angle.label_alt_id_1 
_pdbx_validate_rmsd_angle.auth_atom_id_2 
_pdbx_validate_rmsd_angle.auth_asym_id_2 
_pdbx_validate_rmsd_angle.auth_comp_id_2 
_pdbx_validate_rmsd_angle.auth_seq_id_2 
_pdbx_validate_rmsd_angle.PDB_ins_code_2 
_pdbx_validate_rmsd_angle.label_alt_id_2 
_pdbx_validate_rmsd_angle.auth_atom_id_3 
_pdbx_validate_rmsd_angle.auth_asym_id_3 
_pdbx_validate_rmsd_angle.auth_comp_id_3 
_pdbx_validate_rmsd_angle.auth_seq_id_3 
_pdbx_validate_rmsd_angle.PDB_ins_code_3 
_pdbx_validate_rmsd_angle.label_alt_id_3 
_pdbx_validate_rmsd_angle.angle_value 
_pdbx_validate_rmsd_angle.angle_target_value 
_pdbx_validate_rmsd_angle.angle_deviation 
_pdbx_validate_rmsd_angle.angle_standard_deviation 
_pdbx_validate_rmsd_angle.linker_flag 
1  1 CB  A LEU 6  ? ? CA A LEU 6  ? ? C   A LEU 6  ? ? 122.07 110.20 11.87  1.90 N 
2  1 N   A ASN 7  ? ? CA A ASN 7  ? ? CB  A ASN 7  ? ? 122.59 110.60 11.99  1.80 N 
3  1 CB  A LYS 32 ? ? CG A LYS 32 ? ? CD  A LYS 32 ? ? 146.74 111.60 35.14  2.60 N 
4  1 CB  A ASP 51 ? ? CG A ASP 51 ? ? OD1 A ASP 51 ? ? 125.71 118.30 7.41   0.90 N 
5  1 CB  A ASP 51 ? ? CG A ASP 51 ? ? OD2 A ASP 51 ? ? 109.41 118.30 -8.89  0.90 N 
6  1 N   A ASP 61 ? ? CA A ASP 61 ? ? CB  A ASP 61 ? ? 129.85 110.60 19.25  1.80 N 
7  1 OD1 A ASP 61 ? ? CG A ASP 61 ? ? OD2 A ASP 61 ? ? 105.12 123.30 -18.18 1.90 N 
8  1 CB  A ASP 61 ? ? CG A ASP 61 ? ? OD1 A ASP 61 ? ? 129.93 118.30 11.63  0.90 N 
9  1 CB  A ASP 61 ? ? CG A ASP 61 ? ? OD2 A ASP 61 ? ? 124.94 118.30 6.64   0.90 N 
10 1 OE1 A GLU 62 ? ? CD A GLU 62 ? ? OE2 A GLU 62 ? ? 131.96 123.30 8.66   1.20 N 
11 1 CB  A ASP 73 ? ? CG A ASP 73 ? ? OD1 A ASP 73 ? ? 126.23 118.30 7.93   0.90 N 
12 1 CA  A ASP 79 ? ? CB A ASP 79 ? ? CG  A ASP 79 ? ? 129.62 113.40 16.22  2.20 N 
13 1 CB  A ASP 79 ? ? CG A ASP 79 ? ? OD2 A ASP 79 ? ? 129.59 118.30 11.29  0.90 N 
14 1 CB  A ASP 92 ? ? CG A ASP 92 ? ? OD1 A ASP 92 ? ? 124.21 118.30 5.91   0.90 N 
15 1 CB  A VAL 99 ? ? CA A VAL 99 ? ? C   A VAL 99 ? ? 98.70  111.40 -12.70 1.90 N 
16 1 CG1 A VAL 99 ? ? CB A VAL 99 ? ? CG2 A VAL 99 ? ? 124.07 110.90 13.17  1.60 N 
# 
loop_
_pdbx_validate_torsion.id 
_pdbx_validate_torsion.PDB_model_num 
_pdbx_validate_torsion.auth_comp_id 
_pdbx_validate_torsion.auth_asym_id 
_pdbx_validate_torsion.auth_seq_id 
_pdbx_validate_torsion.PDB_ins_code 
_pdbx_validate_torsion.label_alt_id 
_pdbx_validate_torsion.phi 
_pdbx_validate_torsion.psi 
1 1 ALA A 3 ? ? -40.55 -74.64  
2 1 LEU A 6 ? ? -91.26 -105.18 
3 1 ASN A 7 ? ? 174.57 119.44  
# 
_pdbx_struct_special_symmetry.id              1 
_pdbx_struct_special_symmetry.PDB_model_num   1 
_pdbx_struct_special_symmetry.auth_asym_id    A 
_pdbx_struct_special_symmetry.auth_comp_id    HOH 
_pdbx_struct_special_symmetry.auth_seq_id     227 
_pdbx_struct_special_symmetry.PDB_ins_code    ? 
_pdbx_struct_special_symmetry.label_asym_id   D 
_pdbx_struct_special_symmetry.label_comp_id   HOH 
_pdbx_struct_special_symmetry.label_seq_id    . 
# 
loop_
_chem_comp_atom.comp_id 
_chem_comp_atom.atom_id 
_chem_comp_atom.type_symbol 
_chem_comp_atom.pdbx_aromatic_flag 
_chem_comp_atom.pdbx_stereo_config 
_chem_comp_atom.pdbx_ordinal 
ACE C    C  N N 1   
ACE O    O  N N 2   
ACE CH3  C  N N 3   
ACE H    H  N N 4   
ACE H1   H  N N 5   
ACE H2   H  N N 6   
ACE H3   H  N N 7   
ALA N    N  N N 8   
ALA CA   C  N S 9   
ALA C    C  N N 10  
ALA O    O  N N 11  
ALA CB   C  N N 12  
ALA OXT  O  N N 13  
ALA H    H  N N 14  
ALA H2   H  N N 15  
ALA HA   H  N N 16  
ALA HB1  H  N N 17  
ALA HB2  H  N N 18  
ALA HB3  H  N N 19  
ALA HXT  H  N N 20  
ARG N    N  N N 21  
ARG CA   C  N S 22  
ARG C    C  N N 23  
ARG O    O  N N 24  
ARG CB   C  N N 25  
ARG CG   C  N N 26  
ARG CD   C  N N 27  
ARG NE   N  N N 28  
ARG CZ   C  N N 29  
ARG NH1  N  N N 30  
ARG NH2  N  N N 31  
ARG OXT  O  N N 32  
ARG H    H  N N 33  
ARG H2   H  N N 34  
ARG HA   H  N N 35  
ARG HB2  H  N N 36  
ARG HB3  H  N N 37  
ARG HG2  H  N N 38  
ARG HG3  H  N N 39  
ARG HD2  H  N N 40  
ARG HD3  H  N N 41  
ARG HE   H  N N 42  
ARG HH11 H  N N 43  
ARG HH12 H  N N 44  
ARG HH21 H  N N 45  
ARG HH22 H  N N 46  
ARG HXT  H  N N 47  
ASN N    N  N N 48  
ASN CA   C  N S 49  
ASN C    C  N N 50  
ASN O    O  N N 51  
ASN CB   C  N N 52  
ASN CG   C  N N 53  
ASN OD1  O  N N 54  
ASN ND2  N  N N 55  
ASN OXT  O  N N 56  
ASN H    H  N N 57  
ASN H2   H  N N 58  
ASN HA   H  N N 59  
ASN HB2  H  N N 60  
ASN HB3  H  N N 61  
ASN HD21 H  N N 62  
ASN HD22 H  N N 63  
ASN HXT  H  N N 64  
ASP N    N  N N 65  
ASP CA   C  N S 66  
ASP C    C  N N 67  
ASP O    O  N N 68  
ASP CB   C  N N 69  
ASP CG   C  N N 70  
ASP OD1  O  N N 71  
ASP OD2  O  N N 72  
ASP OXT  O  N N 73  
ASP H    H  N N 74  
ASP H2   H  N N 75  
ASP HA   H  N N 76  
ASP HB2  H  N N 77  
ASP HB3  H  N N 78  
ASP HD2  H  N N 79  
ASP HXT  H  N N 80  
CA  CA   CA N N 81  
CYS N    N  N N 82  
CYS CA   C  N R 83  
CYS C    C  N N 84  
CYS O    O  N N 85  
CYS CB   C  N N 86  
CYS SG   S  N N 87  
CYS OXT  O  N N 88  
CYS H    H  N N 89  
CYS H2   H  N N 90  
CYS HA   H  N N 91  
CYS HB2  H  N N 92  
CYS HB3  H  N N 93  
CYS HG   H  N N 94  
CYS HXT  H  N N 95  
GLN N    N  N N 96  
GLN CA   C  N S 97  
GLN C    C  N N 98  
GLN O    O  N N 99  
GLN CB   C  N N 100 
GLN CG   C  N N 101 
GLN CD   C  N N 102 
GLN OE1  O  N N 103 
GLN NE2  N  N N 104 
GLN OXT  O  N N 105 
GLN H    H  N N 106 
GLN H2   H  N N 107 
GLN HA   H  N N 108 
GLN HB2  H  N N 109 
GLN HB3  H  N N 110 
GLN HG2  H  N N 111 
GLN HG3  H  N N 112 
GLN HE21 H  N N 113 
GLN HE22 H  N N 114 
GLN HXT  H  N N 115 
GLU N    N  N N 116 
GLU CA   C  N S 117 
GLU C    C  N N 118 
GLU O    O  N N 119 
GLU CB   C  N N 120 
GLU CG   C  N N 121 
GLU CD   C  N N 122 
GLU OE1  O  N N 123 
GLU OE2  O  N N 124 
GLU OXT  O  N N 125 
GLU H    H  N N 126 
GLU H2   H  N N 127 
GLU HA   H  N N 128 
GLU HB2  H  N N 129 
GLU HB3  H  N N 130 
GLU HG2  H  N N 131 
GLU HG3  H  N N 132 
GLU HE2  H  N N 133 
GLU HXT  H  N N 134 
GLY N    N  N N 135 
GLY CA   C  N N 136 
GLY C    C  N N 137 
GLY O    O  N N 138 
GLY OXT  O  N N 139 
GLY H    H  N N 140 
GLY H2   H  N N 141 
GLY HA2  H  N N 142 
GLY HA3  H  N N 143 
GLY HXT  H  N N 144 
HIS N    N  N N 145 
HIS CA   C  N S 146 
HIS C    C  N N 147 
HIS O    O  N N 148 
HIS CB   C  N N 149 
HIS CG   C  Y N 150 
HIS ND1  N  Y N 151 
HIS CD2  C  Y N 152 
HIS CE1  C  Y N 153 
HIS NE2  N  Y N 154 
HIS OXT  O  N N 155 
HIS H    H  N N 156 
HIS H2   H  N N 157 
HIS HA   H  N N 158 
HIS HB2  H  N N 159 
HIS HB3  H  N N 160 
HIS HD1  H  N N 161 
HIS HD2  H  N N 162 
HIS HE1  H  N N 163 
HIS HE2  H  N N 164 
HIS HXT  H  N N 165 
HOH O    O  N N 166 
HOH H1   H  N N 167 
HOH H2   H  N N 168 
ILE N    N  N N 169 
ILE CA   C  N S 170 
ILE C    C  N N 171 
ILE O    O  N N 172 
ILE CB   C  N S 173 
ILE CG1  C  N N 174 
ILE CG2  C  N N 175 
ILE CD1  C  N N 176 
ILE OXT  O  N N 177 
ILE H    H  N N 178 
ILE H2   H  N N 179 
ILE HA   H  N N 180 
ILE HB   H  N N 181 
ILE HG12 H  N N 182 
ILE HG13 H  N N 183 
ILE HG21 H  N N 184 
ILE HG22 H  N N 185 
ILE HG23 H  N N 186 
ILE HD11 H  N N 187 
ILE HD12 H  N N 188 
ILE HD13 H  N N 189 
ILE HXT  H  N N 190 
LEU N    N  N N 191 
LEU CA   C  N S 192 
LEU C    C  N N 193 
LEU O    O  N N 194 
LEU CB   C  N N 195 
LEU CG   C  N N 196 
LEU CD1  C  N N 197 
LEU CD2  C  N N 198 
LEU OXT  O  N N 199 
LEU H    H  N N 200 
LEU H2   H  N N 201 
LEU HA   H  N N 202 
LEU HB2  H  N N 203 
LEU HB3  H  N N 204 
LEU HG   H  N N 205 
LEU HD11 H  N N 206 
LEU HD12 H  N N 207 
LEU HD13 H  N N 208 
LEU HD21 H  N N 209 
LEU HD22 H  N N 210 
LEU HD23 H  N N 211 
LEU HXT  H  N N 212 
LYS N    N  N N 213 
LYS CA   C  N S 214 
LYS C    C  N N 215 
LYS O    O  N N 216 
LYS CB   C  N N 217 
LYS CG   C  N N 218 
LYS CD   C  N N 219 
LYS CE   C  N N 220 
LYS NZ   N  N N 221 
LYS OXT  O  N N 222 
LYS H    H  N N 223 
LYS H2   H  N N 224 
LYS HA   H  N N 225 
LYS HB2  H  N N 226 
LYS HB3  H  N N 227 
LYS HG2  H  N N 228 
LYS HG3  H  N N 229 
LYS HD2  H  N N 230 
LYS HD3  H  N N 231 
LYS HE2  H  N N 232 
LYS HE3  H  N N 233 
LYS HZ1  H  N N 234 
LYS HZ2  H  N N 235 
LYS HZ3  H  N N 236 
LYS HXT  H  N N 237 
PHE N    N  N N 238 
PHE CA   C  N S 239 
PHE C    C  N N 240 
PHE O    O  N N 241 
PHE CB   C  N N 242 
PHE CG   C  Y N 243 
PHE CD1  C  Y N 244 
PHE CD2  C  Y N 245 
PHE CE1  C  Y N 246 
PHE CE2  C  Y N 247 
PHE CZ   C  Y N 248 
PHE OXT  O  N N 249 
PHE H    H  N N 250 
PHE H2   H  N N 251 
PHE HA   H  N N 252 
PHE HB2  H  N N 253 
PHE HB3  H  N N 254 
PHE HD1  H  N N 255 
PHE HD2  H  N N 256 
PHE HE1  H  N N 257 
PHE HE2  H  N N 258 
PHE HZ   H  N N 259 
PHE HXT  H  N N 260 
SER N    N  N N 261 
SER CA   C  N S 262 
SER C    C  N N 263 
SER O    O  N N 264 
SER CB   C  N N 265 
SER OG   O  N N 266 
SER OXT  O  N N 267 
SER H    H  N N 268 
SER H2   H  N N 269 
SER HA   H  N N 270 
SER HB2  H  N N 271 
SER HB3  H  N N 272 
SER HG   H  N N 273 
SER HXT  H  N N 274 
THR N    N  N N 275 
THR CA   C  N S 276 
THR C    C  N N 277 
THR O    O  N N 278 
THR CB   C  N R 279 
THR OG1  O  N N 280 
THR CG2  C  N N 281 
THR OXT  O  N N 282 
THR H    H  N N 283 
THR H2   H  N N 284 
THR HA   H  N N 285 
THR HB   H  N N 286 
THR HG1  H  N N 287 
THR HG21 H  N N 288 
THR HG22 H  N N 289 
THR HG23 H  N N 290 
THR HXT  H  N N 291 
VAL N    N  N N 292 
VAL CA   C  N S 293 
VAL C    C  N N 294 
VAL O    O  N N 295 
VAL CB   C  N N 296 
VAL CG1  C  N N 297 
VAL CG2  C  N N 298 
VAL OXT  O  N N 299 
VAL H    H  N N 300 
VAL H2   H  N N 301 
VAL HA   H  N N 302 
VAL HB   H  N N 303 
VAL HG11 H  N N 304 
VAL HG12 H  N N 305 
VAL HG13 H  N N 306 
VAL HG21 H  N N 307 
VAL HG22 H  N N 308 
VAL HG23 H  N N 309 
VAL HXT  H  N N 310 
# 
loop_
_chem_comp_bond.comp_id 
_chem_comp_bond.atom_id_1 
_chem_comp_bond.atom_id_2 
_chem_comp_bond.value_order 
_chem_comp_bond.pdbx_aromatic_flag 
_chem_comp_bond.pdbx_stereo_config 
_chem_comp_bond.pdbx_ordinal 
ACE C   O    doub N N 1   
ACE C   CH3  sing N N 2   
ACE C   H    sing N N 3   
ACE CH3 H1   sing N N 4   
ACE CH3 H2   sing N N 5   
ACE CH3 H3   sing N N 6   
ALA N   CA   sing N N 7   
ALA N   H    sing N N 8   
ALA N   H2   sing N N 9   
ALA CA  C    sing N N 10  
ALA CA  CB   sing N N 11  
ALA CA  HA   sing N N 12  
ALA C   O    doub N N 13  
ALA C   OXT  sing N N 14  
ALA CB  HB1  sing N N 15  
ALA CB  HB2  sing N N 16  
ALA CB  HB3  sing N N 17  
ALA OXT HXT  sing N N 18  
ARG N   CA   sing N N 19  
ARG N   H    sing N N 20  
ARG N   H2   sing N N 21  
ARG CA  C    sing N N 22  
ARG CA  CB   sing N N 23  
ARG CA  HA   sing N N 24  
ARG C   O    doub N N 25  
ARG C   OXT  sing N N 26  
ARG CB  CG   sing N N 27  
ARG CB  HB2  sing N N 28  
ARG CB  HB3  sing N N 29  
ARG CG  CD   sing N N 30  
ARG CG  HG2  sing N N 31  
ARG CG  HG3  sing N N 32  
ARG CD  NE   sing N N 33  
ARG CD  HD2  sing N N 34  
ARG CD  HD3  sing N N 35  
ARG NE  CZ   sing N N 36  
ARG NE  HE   sing N N 37  
ARG CZ  NH1  sing N N 38  
ARG CZ  NH2  doub N N 39  
ARG NH1 HH11 sing N N 40  
ARG NH1 HH12 sing N N 41  
ARG NH2 HH21 sing N N 42  
ARG NH2 HH22 sing N N 43  
ARG OXT HXT  sing N N 44  
ASN N   CA   sing N N 45  
ASN N   H    sing N N 46  
ASN N   H2   sing N N 47  
ASN CA  C    sing N N 48  
ASN CA  CB   sing N N 49  
ASN CA  HA   sing N N 50  
ASN C   O    doub N N 51  
ASN C   OXT  sing N N 52  
ASN CB  CG   sing N N 53  
ASN CB  HB2  sing N N 54  
ASN CB  HB3  sing N N 55  
ASN CG  OD1  doub N N 56  
ASN CG  ND2  sing N N 57  
ASN ND2 HD21 sing N N 58  
ASN ND2 HD22 sing N N 59  
ASN OXT HXT  sing N N 60  
ASP N   CA   sing N N 61  
ASP N   H    sing N N 62  
ASP N   H2   sing N N 63  
ASP CA  C    sing N N 64  
ASP CA  CB   sing N N 65  
ASP CA  HA   sing N N 66  
ASP C   O    doub N N 67  
ASP C   OXT  sing N N 68  
ASP CB  CG   sing N N 69  
ASP CB  HB2  sing N N 70  
ASP CB  HB3  sing N N 71  
ASP CG  OD1  doub N N 72  
ASP CG  OD2  sing N N 73  
ASP OD2 HD2  sing N N 74  
ASP OXT HXT  sing N N 75  
CYS N   CA   sing N N 76  
CYS N   H    sing N N 77  
CYS N   H2   sing N N 78  
CYS CA  C    sing N N 79  
CYS CA  CB   sing N N 80  
CYS CA  HA   sing N N 81  
CYS C   O    doub N N 82  
CYS C   OXT  sing N N 83  
CYS CB  SG   sing N N 84  
CYS CB  HB2  sing N N 85  
CYS CB  HB3  sing N N 86  
CYS SG  HG   sing N N 87  
CYS OXT HXT  sing N N 88  
GLN N   CA   sing N N 89  
GLN N   H    sing N N 90  
GLN N   H2   sing N N 91  
GLN CA  C    sing N N 92  
GLN CA  CB   sing N N 93  
GLN CA  HA   sing N N 94  
GLN C   O    doub N N 95  
GLN C   OXT  sing N N 96  
GLN CB  CG   sing N N 97  
GLN CB  HB2  sing N N 98  
GLN CB  HB3  sing N N 99  
GLN CG  CD   sing N N 100 
GLN CG  HG2  sing N N 101 
GLN CG  HG3  sing N N 102 
GLN CD  OE1  doub N N 103 
GLN CD  NE2  sing N N 104 
GLN NE2 HE21 sing N N 105 
GLN NE2 HE22 sing N N 106 
GLN OXT HXT  sing N N 107 
GLU N   CA   sing N N 108 
GLU N   H    sing N N 109 
GLU N   H2   sing N N 110 
GLU CA  C    sing N N 111 
GLU CA  CB   sing N N 112 
GLU CA  HA   sing N N 113 
GLU C   O    doub N N 114 
GLU C   OXT  sing N N 115 
GLU CB  CG   sing N N 116 
GLU CB  HB2  sing N N 117 
GLU CB  HB3  sing N N 118 
GLU CG  CD   sing N N 119 
GLU CG  HG2  sing N N 120 
GLU CG  HG3  sing N N 121 
GLU CD  OE1  doub N N 122 
GLU CD  OE2  sing N N 123 
GLU OE2 HE2  sing N N 124 
GLU OXT HXT  sing N N 125 
GLY N   CA   sing N N 126 
GLY N   H    sing N N 127 
GLY N   H2   sing N N 128 
GLY CA  C    sing N N 129 
GLY CA  HA2  sing N N 130 
GLY CA  HA3  sing N N 131 
GLY C   O    doub N N 132 
GLY C   OXT  sing N N 133 
GLY OXT HXT  sing N N 134 
HIS N   CA   sing N N 135 
HIS N   H    sing N N 136 
HIS N   H2   sing N N 137 
HIS CA  C    sing N N 138 
HIS CA  CB   sing N N 139 
HIS CA  HA   sing N N 140 
HIS C   O    doub N N 141 
HIS C   OXT  sing N N 142 
HIS CB  CG   sing N N 143 
HIS CB  HB2  sing N N 144 
HIS CB  HB3  sing N N 145 
HIS CG  ND1  sing Y N 146 
HIS CG  CD2  doub Y N 147 
HIS ND1 CE1  doub Y N 148 
HIS ND1 HD1  sing N N 149 
HIS CD2 NE2  sing Y N 150 
HIS CD2 HD2  sing N N 151 
HIS CE1 NE2  sing Y N 152 
HIS CE1 HE1  sing N N 153 
HIS NE2 HE2  sing N N 154 
HIS OXT HXT  sing N N 155 
HOH O   H1   sing N N 156 
HOH O   H2   sing N N 157 
ILE N   CA   sing N N 158 
ILE N   H    sing N N 159 
ILE N   H2   sing N N 160 
ILE CA  C    sing N N 161 
ILE CA  CB   sing N N 162 
ILE CA  HA   sing N N 163 
ILE C   O    doub N N 164 
ILE C   OXT  sing N N 165 
ILE CB  CG1  sing N N 166 
ILE CB  CG2  sing N N 167 
ILE CB  HB   sing N N 168 
ILE CG1 CD1  sing N N 169 
ILE CG1 HG12 sing N N 170 
ILE CG1 HG13 sing N N 171 
ILE CG2 HG21 sing N N 172 
ILE CG2 HG22 sing N N 173 
ILE CG2 HG23 sing N N 174 
ILE CD1 HD11 sing N N 175 
ILE CD1 HD12 sing N N 176 
ILE CD1 HD13 sing N N 177 
ILE OXT HXT  sing N N 178 
LEU N   CA   sing N N 179 
LEU N   H    sing N N 180 
LEU N   H2   sing N N 181 
LEU CA  C    sing N N 182 
LEU CA  CB   sing N N 183 
LEU CA  HA   sing N N 184 
LEU C   O    doub N N 185 
LEU C   OXT  sing N N 186 
LEU CB  CG   sing N N 187 
LEU CB  HB2  sing N N 188 
LEU CB  HB3  sing N N 189 
LEU CG  CD1  sing N N 190 
LEU CG  CD2  sing N N 191 
LEU CG  HG   sing N N 192 
LEU CD1 HD11 sing N N 193 
LEU CD1 HD12 sing N N 194 
LEU CD1 HD13 sing N N 195 
LEU CD2 HD21 sing N N 196 
LEU CD2 HD22 sing N N 197 
LEU CD2 HD23 sing N N 198 
LEU OXT HXT  sing N N 199 
LYS N   CA   sing N N 200 
LYS N   H    sing N N 201 
LYS N   H2   sing N N 202 
LYS CA  C    sing N N 203 
LYS CA  CB   sing N N 204 
LYS CA  HA   sing N N 205 
LYS C   O    doub N N 206 
LYS C   OXT  sing N N 207 
LYS CB  CG   sing N N 208 
LYS CB  HB2  sing N N 209 
LYS CB  HB3  sing N N 210 
LYS CG  CD   sing N N 211 
LYS CG  HG2  sing N N 212 
LYS CG  HG3  sing N N 213 
LYS CD  CE   sing N N 214 
LYS CD  HD2  sing N N 215 
LYS CD  HD3  sing N N 216 
LYS CE  NZ   sing N N 217 
LYS CE  HE2  sing N N 218 
LYS CE  HE3  sing N N 219 
LYS NZ  HZ1  sing N N 220 
LYS NZ  HZ2  sing N N 221 
LYS NZ  HZ3  sing N N 222 
LYS OXT HXT  sing N N 223 
PHE N   CA   sing N N 224 
PHE N   H    sing N N 225 
PHE N   H2   sing N N 226 
PHE CA  C    sing N N 227 
PHE CA  CB   sing N N 228 
PHE CA  HA   sing N N 229 
PHE C   O    doub N N 230 
PHE C   OXT  sing N N 231 
PHE CB  CG   sing N N 232 
PHE CB  HB2  sing N N 233 
PHE CB  HB3  sing N N 234 
PHE CG  CD1  doub Y N 235 
PHE CG  CD2  sing Y N 236 
PHE CD1 CE1  sing Y N 237 
PHE CD1 HD1  sing N N 238 
PHE CD2 CE2  doub Y N 239 
PHE CD2 HD2  sing N N 240 
PHE CE1 CZ   doub Y N 241 
PHE CE1 HE1  sing N N 242 
PHE CE2 CZ   sing Y N 243 
PHE CE2 HE2  sing N N 244 
PHE CZ  HZ   sing N N 245 
PHE OXT HXT  sing N N 246 
SER N   CA   sing N N 247 
SER N   H    sing N N 248 
SER N   H2   sing N N 249 
SER CA  C    sing N N 250 
SER CA  CB   sing N N 251 
SER CA  HA   sing N N 252 
SER C   O    doub N N 253 
SER C   OXT  sing N N 254 
SER CB  OG   sing N N 255 
SER CB  HB2  sing N N 256 
SER CB  HB3  sing N N 257 
SER OG  HG   sing N N 258 
SER OXT HXT  sing N N 259 
THR N   CA   sing N N 260 
THR N   H    sing N N 261 
THR N   H2   sing N N 262 
THR CA  C    sing N N 263 
THR CA  CB   sing N N 264 
THR CA  HA   sing N N 265 
THR C   O    doub N N 266 
THR C   OXT  sing N N 267 
THR CB  OG1  sing N N 268 
THR CB  CG2  sing N N 269 
THR CB  HB   sing N N 270 
THR OG1 HG1  sing N N 271 
THR CG2 HG21 sing N N 272 
THR CG2 HG22 sing N N 273 
THR CG2 HG23 sing N N 274 
THR OXT HXT  sing N N 275 
VAL N   CA   sing N N 276 
VAL N   H    sing N N 277 
VAL N   H2   sing N N 278 
VAL CA  C    sing N N 279 
VAL CA  CB   sing N N 280 
VAL CA  HA   sing N N 281 
VAL C   O    doub N N 282 
VAL C   OXT  sing N N 283 
VAL CB  CG1  sing N N 284 
VAL CB  CG2  sing N N 285 
VAL CB  HB   sing N N 286 
VAL CG1 HG11 sing N N 287 
VAL CG1 HG12 sing N N 288 
VAL CG1 HG13 sing N N 289 
VAL CG2 HG21 sing N N 290 
VAL CG2 HG22 sing N N 291 
VAL CG2 HG23 sing N N 292 
VAL OXT HXT  sing N N 293 
# 
_atom_sites.entry_id                    4CPV 
_atom_sites.fract_transf_matrix[1][1]   0.01925437 
_atom_sites.fract_transf_matrix[1][2]   0.00929945 
_atom_sites.fract_transf_matrix[1][3]   0.02805080 
_atom_sites.fract_transf_matrix[2][1]   -0.01309869 
_atom_sites.fract_transf_matrix[2][2]   0.00736659 
_atom_sites.fract_transf_matrix[2][3]   0.00654890 
_atom_sites.fract_transf_matrix[3][1]   -0.00375552 
_atom_sites.fract_transf_matrix[3][2]   -0.01526661 
_atom_sites.fract_transf_matrix[3][3]   0.00966125 
_atom_sites.fract_transf_vector[1]      0.470544 
_atom_sites.fract_transf_vector[2]      0.423222 
_atom_sites.fract_transf_vector[3]      0.238601 
# 
loop_
_atom_type.symbol 
C  
CA 
N  
O  
S  
# 
loop_
_atom_site.group_PDB 
_atom_site.id 
_atom_site.type_symbol 
_atom_site.label_atom_id 
_atom_site.label_alt_id 
_atom_site.label_comp_id 
_atom_site.label_asym_id 
_atom_site.label_entity_id 
_atom_site.label_seq_id 
_atom_site.pdbx_PDB_ins_code 
_atom_site.Cartn_x 
_atom_site.Cartn_y 
_atom_site.Cartn_z 
_atom_site.occupancy 
_atom_site.B_iso_or_equiv 
_atom_site.pdbx_formal_charge 
_atom_site.auth_seq_id 
_atom_site.auth_comp_id 
_atom_site.auth_asym_id 
_atom_site.auth_atom_id 
_atom_site.pdbx_PDB_model_num 
HETATM 1   C  C   . ACE A 1 1   ? -12.618 -2.299  2.743   1.00 40.49 ? 0   ACE A C   1 
HETATM 2   O  O   . ACE A 1 1   ? -13.598 -2.474  3.510   1.00 40.77 ? 0   ACE A O   1 
HETATM 3   C  CH3 . ACE A 1 1   ? -12.738 -1.835  1.317   1.00 40.37 ? 0   ACE A CH3 1 
ATOM   4   N  N   . ALA A 1 2   ? -11.443 -2.841  3.081   1.00 40.36 ? 1   ALA A N   1 
ATOM   5   C  CA  . ALA A 1 2   ? -11.238 -3.663  4.245   1.00 40.00 ? 1   ALA A CA  1 
ATOM   6   C  C   . ALA A 1 2   ? -10.640 -2.901  5.410   1.00 39.86 ? 1   ALA A C   1 
ATOM   7   O  O   . ALA A 1 2   ? -10.145 -3.578  6.334   1.00 39.96 ? 1   ALA A O   1 
ATOM   8   C  CB  . ALA A 1 2   ? -10.259 -4.774  3.827   1.00 39.97 ? 1   ALA A CB  1 
ATOM   9   N  N   . PHE A 1 3   ? -10.669 -1.583  5.352   1.00 39.55 ? 2   PHE A N   1 
ATOM   10  C  CA  . PHE A 1 3   ? -10.056 -0.768  6.446   1.00 39.22 ? 2   PHE A CA  1 
ATOM   11  C  C   . PHE A 1 3   ? -11.120 0.042   7.176   1.00 40.26 ? 2   PHE A C   1 
ATOM   12  O  O   . PHE A 1 3   ? -10.947 1.192   7.631   1.00 40.58 ? 2   PHE A O   1 
ATOM   13  C  CB  . PHE A 1 3   ? -8.906  0.056   5.884   1.00 37.33 ? 2   PHE A CB  1 
ATOM   14  C  CG  . PHE A 1 3   ? -7.703  -0.652  5.352   1.00 35.63 ? 2   PHE A CG  1 
ATOM   15  C  CD1 . PHE A 1 3   ? -7.604  -0.981  4.009   1.00 34.97 ? 2   PHE A CD1 1 
ATOM   16  C  CD2 . PHE A 1 3   ? -6.641  -0.991  6.205   1.00 34.88 ? 2   PHE A CD2 1 
ATOM   17  C  CE1 . PHE A 1 3   ? -6.490  -1.615  3.497   1.00 34.31 ? 2   PHE A CE1 1 
ATOM   18  C  CE2 . PHE A 1 3   ? -5.504  -1.634  5.718   1.00 34.17 ? 2   PHE A CE2 1 
ATOM   19  C  CZ  . PHE A 1 3   ? -5.425  -1.940  4.347   1.00 34.28 ? 2   PHE A CZ  1 
ATOM   20  N  N   . ALA A 1 4   ? -12.268 -0.613  7.311   1.00 40.98 ? 3   ALA A N   1 
ATOM   21  C  CA  . ALA A 1 4   ? -13.467 -0.098  7.932   1.00 41.43 ? 3   ALA A CA  1 
ATOM   22  C  C   . ALA A 1 4   ? -13.262 0.721   9.193   1.00 41.80 ? 3   ALA A C   1 
ATOM   23  O  O   . ALA A 1 4   ? -13.409 1.974   9.090   1.00 42.26 ? 3   ALA A O   1 
ATOM   24  C  CB  . ALA A 1 4   ? -14.465 -1.229  8.176   1.00 41.64 ? 3   ALA A CB  1 
ATOM   25  N  N   . GLY A 1 5   ? -12.950 0.059   10.308  1.00 41.71 ? 4   GLY A N   1 
ATOM   26  C  CA  . GLY A 1 5   ? -12.793 0.817   11.557  1.00 41.24 ? 4   GLY A CA  1 
ATOM   27  C  C   . GLY A 1 5   ? -11.383 1.057   11.967  1.00 41.03 ? 4   GLY A C   1 
ATOM   28  O  O   . GLY A 1 5   ? -11.122 1.497   13.133  1.00 41.59 ? 4   GLY A O   1 
ATOM   29  N  N   . VAL A 1 6   ? -10.469 0.797   11.032  1.00 40.11 ? 5   VAL A N   1 
ATOM   30  C  CA  . VAL A 1 6   ? -9.031  0.996   11.329  1.00 38.79 ? 5   VAL A CA  1 
ATOM   31  C  C   . VAL A 1 6   ? -8.511  2.328   10.842  1.00 37.88 ? 5   VAL A C   1 
ATOM   32  O  O   . VAL A 1 6   ? -7.754  3.005   11.584  1.00 37.67 ? 5   VAL A O   1 
ATOM   33  C  CB  . VAL A 1 6   ? -8.325  -0.275  10.788  1.00 38.84 ? 5   VAL A CB  1 
ATOM   34  C  CG1 . VAL A 1 6   ? -9.041  -0.793  9.548   1.00 38.57 ? 5   VAL A CG1 1 
ATOM   35  C  CG2 . VAL A 1 6   ? -6.843  -0.044  10.588  1.00 38.83 ? 5   VAL A CG2 1 
ATOM   36  N  N   . LEU A 1 7   ? -8.893  2.731   9.624   1.00 36.92 ? 6   LEU A N   1 
ATOM   37  C  CA  . LEU A 1 7   ? -8.386  4.008   9.095   1.00 36.04 ? 6   LEU A CA  1 
ATOM   38  C  C   . LEU A 1 7   ? -9.268  5.156   9.412   1.00 35.82 ? 6   LEU A C   1 
ATOM   39  O  O   . LEU A 1 7   ? -9.135  5.591   10.633  1.00 37.08 ? 6   LEU A O   1 
ATOM   40  C  CB  . LEU A 1 7   ? -7.833  3.771   7.688   1.00 35.50 ? 6   LEU A CB  1 
ATOM   41  C  CG  . LEU A 1 7   ? -6.536  2.914   7.689   1.00 35.16 ? 6   LEU A CG  1 
ATOM   42  C  CD1 . LEU A 1 7   ? -5.888  2.853   6.316   1.00 34.88 ? 6   LEU A CD1 1 
ATOM   43  C  CD2 . LEU A 1 7   ? -5.535  3.471   8.699   1.00 34.87 ? 6   LEU A CD2 1 
ATOM   44  N  N   . ASN A 1 8   ? -10.030 5.739   8.614   1.00 34.96 ? 7   ASN A N   1 
ATOM   45  C  CA  . ASN A 1 8   ? -10.936 6.878   8.789   1.00 33.86 ? 7   ASN A CA  1 
ATOM   46  C  C   . ASN A 1 8   ? -11.407 7.079   7.304   1.00 33.27 ? 7   ASN A C   1 
ATOM   47  O  O   . ASN A 1 8   ? -10.541 7.305   6.464   1.00 32.77 ? 7   ASN A O   1 
ATOM   48  C  CB  . ASN A 1 8   ? -10.496 8.165   9.383   1.00 33.79 ? 7   ASN A CB  1 
ATOM   49  C  CG  . ASN A 1 8   ? -10.022 8.310   10.772  1.00 33.83 ? 7   ASN A CG  1 
ATOM   50  O  OD1 . ASN A 1 8   ? -10.496 7.713   11.754  1.00 33.95 ? 7   ASN A OD1 1 
ATOM   51  N  ND2 . ASN A 1 8   ? -8.972  9.139   10.990  1.00 33.79 ? 7   ASN A ND2 1 
ATOM   52  N  N   . ASP A 1 9   ? -12.684 6.941   7.147   1.00 32.73 ? 8   ASP A N   1 
ATOM   53  C  CA  . ASP A 1 9   ? -13.307 7.081   5.818   1.00 32.26 ? 8   ASP A CA  1 
ATOM   54  C  C   . ASP A 1 9   ? -12.804 8.312   5.095   1.00 30.97 ? 8   ASP A C   1 
ATOM   55  O  O   . ASP A 1 9   ? -12.452 8.226   3.891   1.00 31.10 ? 8   ASP A O   1 
ATOM   56  C  CB  . ASP A 1 9   ? -14.836 6.992   5.981   1.00 33.82 ? 8   ASP A CB  1 
ATOM   57  C  CG  . ASP A 1 9   ? -15.648 8.252   5.916   1.00 34.94 ? 8   ASP A CG  1 
ATOM   58  O  OD1 . ASP A 1 9   ? -16.627 8.369   5.111   1.00 35.56 ? 8   ASP A OD1 1 
ATOM   59  O  OD2 . ASP A 1 9   ? -15.342 9.216   6.697   1.00 35.87 ? 8   ASP A OD2 1 
ATOM   60  N  N   . ALA A 1 10  ? -12.767 9.432   5.767   1.00 29.21 ? 9   ALA A N   1 
ATOM   61  C  CA  . ALA A 1 10  ? -12.333 10.712  5.225   1.00 28.09 ? 9   ALA A CA  1 
ATOM   62  C  C   . ALA A 1 10  ? -10.872 10.729  4.791   1.00 26.77 ? 9   ALA A C   1 
ATOM   63  O  O   . ALA A 1 10  ? -10.559 11.399  3.781   1.00 27.09 ? 9   ALA A O   1 
ATOM   64  C  CB  . ALA A 1 10  ? -12.613 11.829  6.244   1.00 28.39 ? 9   ALA A CB  1 
ATOM   65  N  N   . ASP A 1 11  ? -10.040 10.050  5.517   1.00 25.59 ? 10  ASP A N   1 
ATOM   66  C  CA  . ASP A 1 11  ? -8.592  9.929   5.265   1.00 24.50 ? 10  ASP A CA  1 
ATOM   67  C  C   . ASP A 1 11  ? -8.374  9.125   3.978   1.00 23.64 ? 10  ASP A C   1 
ATOM   68  O  O   . ASP A 1 11  ? -7.585  9.544   3.104   1.00 23.53 ? 10  ASP A O   1 
ATOM   69  C  CB  . ASP A 1 11  ? -7.885  9.342   6.477   1.00 24.67 ? 10  ASP A CB  1 
ATOM   70  C  CG  . ASP A 1 11  ? -7.870  10.397  7.600   1.00 24.48 ? 10  ASP A CG  1 
ATOM   71  O  OD1 . ASP A 1 11  ? -8.159  11.554  7.328   1.00 24.59 ? 10  ASP A OD1 1 
ATOM   72  O  OD2 . ASP A 1 11  ? -7.562  9.973   8.706   1.00 24.79 ? 10  ASP A OD2 1 
ATOM   73  N  N   . ILE A 1 12  ? -9.091  8.039   3.893   1.00 22.30 ? 11  ILE A N   1 
ATOM   74  C  CA  . ILE A 1 12  ? -8.981  7.191   2.695   1.00 21.98 ? 11  ILE A CA  1 
ATOM   75  C  C   . ILE A 1 12  ? -9.468  7.967   1.478   1.00 21.36 ? 11  ILE A C   1 
ATOM   76  O  O   . ILE A 1 12  ? -8.804  7.940   0.430   1.00 21.27 ? 11  ILE A O   1 
ATOM   77  C  CB  . ILE A 1 12  ? -9.686  5.814   2.867   1.00 21.95 ? 11  ILE A CB  1 
ATOM   78  C  CG1 . ILE A 1 12  ? -9.121  5.058   4.095   1.00 22.12 ? 11  ILE A CG1 1 
ATOM   79  C  CG2 . ILE A 1 12  ? -9.548  4.967   1.562   1.00 22.24 ? 11  ILE A CG2 1 
ATOM   80  C  CD1 . ILE A 1 12  ? -9.859  3.695   4.378   1.00 22.43 ? 11  ILE A CD1 1 
ATOM   81  N  N   . ALA A 1 13  ? -10.604 8.668   1.623   1.00 21.05 ? 12  ALA A N   1 
ATOM   82  C  CA  . ALA A 1 13  ? -11.135 9.423   0.500   1.00 20.57 ? 12  ALA A CA  1 
ATOM   83  C  C   . ALA A 1 13  ? -10.150 10.500  0.022   1.00 20.13 ? 12  ALA A C   1 
ATOM   84  O  O   . ALA A 1 13  ? -9.981  10.671  -1.216  1.00 20.67 ? 12  ALA A O   1 
ATOM   85  C  CB  . ALA A 1 13  ? -12.499 10.033  0.823   1.00 20.65 ? 12  ALA A CB  1 
ATOM   86  N  N   . ALA A 1 14  ? -9.551  11.197  0.956   1.00 19.96 ? 13  ALA A N   1 
ATOM   87  C  CA  . ALA A 1 14  ? -8.604  12.271  0.603   1.00 19.83 ? 13  ALA A CA  1 
ATOM   88  C  C   . ALA A 1 14  ? -7.388  11.670  -0.086  1.00 19.68 ? 13  ALA A C   1 
ATOM   89  O  O   . ALA A 1 14  ? -6.900  12.235  -1.090  1.00 19.96 ? 13  ALA A O   1 
ATOM   90  C  CB  . ALA A 1 14  ? -8.284  13.098  1.813   1.00 19.83 ? 13  ALA A CB  1 
ATOM   91  N  N   . ALA A 1 15  ? -6.941  10.550  0.477   1.00 19.34 ? 14  ALA A N   1 
ATOM   92  C  CA  . ALA A 1 15  ? -5.753  9.868   -0.099  1.00 19.06 ? 14  ALA A CA  1 
ATOM   93  C  C   . ALA A 1 15  ? -5.961  9.471   -1.540  1.00 18.56 ? 14  ALA A C   1 
ATOM   94  O  O   . ALA A 1 15  ? -5.087  9.627   -2.388  1.00 18.63 ? 14  ALA A O   1 
ATOM   95  C  CB  . ALA A 1 15  ? -5.358  8.664   0.722   1.00 19.21 ? 14  ALA A CB  1 
ATOM   96  N  N   . LEU A 1 16  ? -7.092  8.906   -1.860  1.00 18.26 ? 15  LEU A N   1 
ATOM   97  C  CA  . LEU A 1 16  ? -7.512  8.441   -3.150  1.00 18.70 ? 15  LEU A CA  1 
ATOM   98  C  C   . LEU A 1 16  ? -7.706  9.600   -4.147  1.00 18.75 ? 15  LEU A C   1 
ATOM   99  O  O   . LEU A 1 16  ? -7.321  9.523   -5.313  1.00 18.11 ? 15  LEU A O   1 
ATOM   100 C  CB  . LEU A 1 16  ? -8.745  7.541   -2.953  1.00 18.96 ? 15  LEU A CB  1 
ATOM   101 C  CG  . LEU A 1 16  ? -8.534  6.154   -2.387  1.00 19.04 ? 15  LEU A CG  1 
ATOM   102 C  CD1 . LEU A 1 16  ? -9.828  5.347   -2.368  1.00 19.27 ? 15  LEU A CD1 1 
ATOM   103 C  CD2 . LEU A 1 16  ? -7.518  5.445   -3.278  1.00 19.17 ? 15  LEU A CD2 1 
ATOM   104 N  N   . GLU A 1 17  ? -8.308  10.684  -3.642  1.00 19.75 ? 16  GLU A N   1 
ATOM   105 C  CA  . GLU A 1 17  ? -8.521  11.859  -4.524  1.00 20.55 ? 16  GLU A CA  1 
ATOM   106 C  C   . GLU A 1 17  ? -7.177  12.425  -4.991  1.00 19.74 ? 16  GLU A C   1 
ATOM   107 O  O   . GLU A 1 17  ? -7.008  12.757  -6.181  1.00 20.11 ? 16  GLU A O   1 
ATOM   108 C  CB  . GLU A 1 17  ? -9.338  12.860  -3.754  1.00 22.74 ? 16  GLU A CB  1 
ATOM   109 C  CG  . GLU A 1 17  ? -10.483 13.601  -4.412  1.00 25.56 ? 16  GLU A CG  1 
ATOM   110 C  CD  . GLU A 1 17  ? -10.104 14.814  -5.210  1.00 27.21 ? 16  GLU A CD  1 
ATOM   111 O  OE1 . GLU A 1 17  ? -9.525  15.792  -4.755  1.00 28.41 ? 16  GLU A OE1 1 
ATOM   112 O  OE2 . GLU A 1 17  ? -10.451 14.723  -6.421  1.00 28.47 ? 16  GLU A OE2 1 
ATOM   113 N  N   . ALA A 1 18  ? -6.198  12.490  -4.123  1.00 18.56 ? 17  ALA A N   1 
ATOM   114 C  CA  . ALA A 1 18  ? -4.894  13.049  -4.468  1.00 18.47 ? 17  ALA A CA  1 
ATOM   115 C  C   . ALA A 1 18  ? -4.163  12.294  -5.540  1.00 18.41 ? 17  ALA A C   1 
ATOM   116 O  O   . ALA A 1 18  ? -3.392  12.909  -6.325  1.00 18.22 ? 17  ALA A O   1 
ATOM   117 C  CB  . ALA A 1 18  ? -4.126  13.231  -3.181  1.00 18.90 ? 17  ALA A CB  1 
ATOM   118 N  N   . CYS A 1 19  ? -4.353  10.975  -5.658  1.00 17.80 ? 18  CYS A N   1 
ATOM   119 C  CA  . CYS A 1 19  ? -3.639  10.203  -6.674  1.00 17.61 ? 18  CYS A CA  1 
ATOM   120 C  C   . CYS A 1 19  ? -4.524  9.656   -7.751  1.00 18.01 ? 18  CYS A C   1 
ATOM   121 O  O   . CYS A 1 19  ? -4.183  8.579   -8.291  1.00 17.39 ? 18  CYS A O   1 
ATOM   122 C  CB  . CYS A 1 19  ? -2.792  9.098   -6.034  1.00 17.33 ? 18  CYS A CB  1 
ATOM   123 S  SG  . CYS A 1 19  ? -3.719  7.836   -5.122  1.00 17.76 ? 18  CYS A SG  1 
ATOM   124 N  N   . LYS A 1 20  ? -5.596  10.367  -8.089  1.00 18.72 ? 19  LYS A N   1 
ATOM   125 C  CA  . LYS A 1 20  ? -6.495  9.842   -9.135  1.00 20.04 ? 19  LYS A CA  1 
ATOM   126 C  C   . LYS A 1 20  ? -5.877  9.856   -10.488 1.00 19.32 ? 19  LYS A C   1 
ATOM   127 O  O   . LYS A 1 20  ? -6.088  8.923   -11.274 1.00 20.20 ? 19  LYS A O   1 
ATOM   128 C  CB  . LYS A 1 20  ? -7.862  10.534  -9.090  1.00 22.29 ? 19  LYS A CB  1 
ATOM   129 C  CG  . LYS A 1 20  ? -7.742  12.028  -9.393  1.00 24.94 ? 19  LYS A CG  1 
ATOM   130 C  CD  . LYS A 1 20  ? -8.540  12.855  -8.370  1.00 26.37 ? 19  LYS A CD  1 
ATOM   131 C  CE  . LYS A 1 20  ? -9.820  12.090  -7.972  1.00 27.52 ? 19  LYS A CE  1 
ATOM   132 N  NZ  . LYS A 1 20  ? -10.600 11.729  -9.198  1.00 28.35 ? 19  LYS A NZ  1 
ATOM   133 N  N   . ALA A 1 21  ? -5.066  10.840  -10.839 1.00 19.15 ? 20  ALA A N   1 
ATOM   134 C  CA  . ALA A 1 21  ? -4.389  10.958  -12.134 1.00 18.22 ? 20  ALA A CA  1 
ATOM   135 C  C   . ALA A 1 21  ? -3.321  9.872   -12.309 1.00 17.99 ? 20  ALA A C   1 
ATOM   136 O  O   . ALA A 1 21  ? -2.587  9.543   -11.367 1.00 16.56 ? 20  ALA A O   1 
ATOM   137 C  CB  . ALA A 1 21  ? -3.733  12.324  -12.222 1.00 18.46 ? 20  ALA A CB  1 
ATOM   138 N  N   . ALA A 1 22  ? -3.251  9.330   -13.502 1.00 18.13 ? 21  ALA A N   1 
ATOM   139 C  CA  . ALA A 1 22  ? -2.266  8.295   -13.847 1.00 17.89 ? 21  ALA A CA  1 
ATOM   140 C  C   . ALA A 1 22  ? -0.885  8.798   -13.485 1.00 17.51 ? 21  ALA A C   1 
ATOM   141 O  O   . ALA A 1 22  ? -0.511  9.966   -13.742 1.00 17.81 ? 21  ALA A O   1 
ATOM   142 C  CB  . ALA A 1 22  ? -2.360  8.018   -15.337 1.00 18.50 ? 21  ALA A CB  1 
ATOM   143 N  N   . ASP A 1 23  ? -0.044  8.007   -12.853 1.00 16.45 ? 22  ASP A N   1 
ATOM   144 C  CA  . ASP A 1 23  ? 1.324   8.329   -12.436 1.00 16.38 ? 22  ASP A CA  1 
ATOM   145 C  C   . ASP A 1 23  ? 1.454   9.392   -11.368 1.00 15.86 ? 22  ASP A C   1 
ATOM   146 O  O   . ASP A 1 23  ? 2.604   9.933   -11.211 1.00 17.26 ? 22  ASP A O   1 
ATOM   147 C  CB  . ASP A 1 23  ? 2.223   8.646   -13.677 1.00 16.77 ? 22  ASP A CB  1 
ATOM   148 C  CG  . ASP A 1 23  ? 2.298   7.424   -14.561 1.00 17.26 ? 22  ASP A CG  1 
ATOM   149 O  OD1 . ASP A 1 23  ? 1.903   7.445   -15.727 1.00 18.81 ? 22  ASP A OD1 1 
ATOM   150 O  OD2 . ASP A 1 23  ? 2.747   6.381   -14.036 1.00 17.72 ? 22  ASP A OD2 1 
ATOM   151 N  N   . SER A 1 24  ? 0.459   9.679   -10.584 1.00 14.51 ? 23  SER A N   1 
ATOM   152 C  CA  . SER A 1 24  ? 0.483   10.649  -9.515  1.00 13.84 ? 23  SER A CA  1 
ATOM   153 C  C   . SER A 1 24  ? 0.679   10.029  -8.136  1.00 13.11 ? 23  SER A C   1 
ATOM   154 O  O   . SER A 1 24  ? 0.755   10.716  -7.143  1.00 13.50 ? 23  SER A O   1 
ATOM   155 C  CB  . SER A 1 24  ? -0.802  11.460  -9.503  1.00 14.04 ? 23  SER A CB  1 
ATOM   156 O  OG  . SER A 1 24  ? -1.935  10.737  -9.123  1.00 14.93 ? 23  SER A OG  1 
ATOM   157 N  N   . PHE A 1 25  ? 0.699   8.661   -8.135  1.00 13.12 ? 24  PHE A N   1 
ATOM   158 C  CA  . PHE A 1 25  ? 0.871   7.977   -6.858  1.00 12.35 ? 24  PHE A CA  1 
ATOM   159 C  C   . PHE A 1 25  ? 2.275   8.142   -6.272  1.00 11.72 ? 24  PHE A C   1 
ATOM   160 O  O   . PHE A 1 25  ? 3.306   8.067   -6.942  1.00 12.40 ? 24  PHE A O   1 
ATOM   161 C  CB  . PHE A 1 25  ? 0.653   6.459   -7.023  1.00 12.51 ? 24  PHE A CB  1 
ATOM   162 C  CG  . PHE A 1 25  ? 0.693   5.649   -5.736  1.00 11.82 ? 24  PHE A CG  1 
ATOM   163 C  CD1 . PHE A 1 25  ? 1.832   4.902   -5.459  1.00 12.32 ? 24  PHE A CD1 1 
ATOM   164 C  CD2 . PHE A 1 25  ? -0.369  5.677   -4.844  1.00 12.17 ? 24  PHE A CD2 1 
ATOM   165 C  CE1 . PHE A 1 25  ? 1.929   4.137   -4.286  1.00 12.42 ? 24  PHE A CE1 1 
ATOM   166 C  CE2 . PHE A 1 25  ? -0.309  4.932   -3.633  1.00 12.41 ? 24  PHE A CE2 1 
ATOM   167 C  CZ  . PHE A 1 25  ? 0.850   4.182   -3.375  1.00 12.12 ? 24  PHE A CZ  1 
ATOM   168 N  N   . ASN A 1 26  ? 2.277   8.304   -4.972  1.00 11.50 ? 25  ASN A N   1 
ATOM   169 C  CA  . ASN A 1 26  ? 3.466   8.389   -4.136  1.00 10.98 ? 25  ASN A CA  1 
ATOM   170 C  C   . ASN A 1 26  ? 3.075   7.677   -2.801  1.00 10.74 ? 25  ASN A C   1 
ATOM   171 O  O   . ASN A 1 26  ? 2.229   8.110   -2.093  1.00 10.13 ? 25  ASN A O   1 
ATOM   172 C  CB  . ASN A 1 26  ? 3.991   9.791   -3.999  1.00 11.55 ? 25  ASN A CB  1 
ATOM   173 C  CG  . ASN A 1 26  ? 5.131   9.876   -3.013  1.00 11.65 ? 25  ASN A CG  1 
ATOM   174 O  OD1 . ASN A 1 26  ? 4.996   9.567   -1.821  1.00 12.31 ? 25  ASN A OD1 1 
ATOM   175 N  ND2 . ASN A 1 26  ? 6.312   10.301  -3.493  1.00 12.02 ? 25  ASN A ND2 1 
ATOM   176 N  N   . HIS A 1 27  ? 3.866   6.617   -2.614  1.00 11.85 ? 26  HIS A N   1 
ATOM   177 C  CA  . HIS A 1 27  ? 3.532   5.794   -1.395  1.00 12.32 ? 26  HIS A CA  1 
ATOM   178 C  C   . HIS A 1 27  ? 3.673   6.521   -0.107  1.00 12.54 ? 26  HIS A C   1 
ATOM   179 O  O   . HIS A 1 27  ? 2.839   6.297   0.807   1.00 12.33 ? 26  HIS A O   1 
ATOM   180 C  CB  . HIS A 1 27  ? 4.228   4.420   -1.444  1.00 13.02 ? 26  HIS A CB  1 
ATOM   181 C  CG  . HIS A 1 27  ? 5.694   4.565   -1.277  1.00 14.28 ? 26  HIS A CG  1 
ATOM   182 N  ND1 . HIS A 1 27  ? 6.543   4.671   -2.357  1.00 15.27 ? 26  HIS A ND1 1 
ATOM   183 C  CD2 . HIS A 1 27  ? 6.476   4.669   -0.170  1.00 14.54 ? 26  HIS A CD2 1 
ATOM   184 C  CE1 . HIS A 1 27  ? 7.769   4.812   -1.907  1.00 15.24 ? 26  HIS A CE1 1 
ATOM   185 N  NE2 . HIS A 1 27  ? 7.747   4.809   -0.605  1.00 15.68 ? 26  HIS A NE2 1 
ATOM   186 N  N   . LYS A 1 28  ? 4.702   7.383   0.051   1.00 12.88 ? 27  LYS A N   1 
ATOM   187 C  CA  . LYS A 1 28  ? 4.861   8.133   1.299   1.00 14.31 ? 27  LYS A CA  1 
ATOM   188 C  C   . LYS A 1 28  ? 3.677   9.078   1.510   1.00 13.84 ? 27  LYS A C   1 
ATOM   189 O  O   . LYS A 1 28  ? 3.125   9.218   2.627   1.00 14.65 ? 27  LYS A O   1 
ATOM   190 C  CB  . LYS A 1 28  ? 6.237   8.805   1.361   1.00 16.33 ? 27  LYS A CB  1 
ATOM   191 C  CG  . LYS A 1 28  ? 7.240   8.003   2.201   1.00 18.94 ? 27  LYS A CG  1 
ATOM   192 C  CD  . LYS A 1 28  ? 8.693   8.382   1.925   1.00 21.07 ? 27  LYS A CD  1 
ATOM   193 C  CE  . LYS A 1 28  ? 9.758   7.801   2.800   1.00 21.87 ? 27  LYS A CE  1 
ATOM   194 N  NZ  . LYS A 1 28  ? 11.050  8.580   2.857   1.00 22.37 ? 27  LYS A NZ  1 
ATOM   195 N  N   . ALA A 1 29  ? 3.224   9.773   0.474   1.00 12.88 ? 28  ALA A N   1 
ATOM   196 C  CA  . ALA A 1 29  ? 2.098   10.680  0.577   1.00 13.48 ? 28  ALA A CA  1 
ATOM   197 C  C   . ALA A 1 29  ? 0.837   9.884   0.963   1.00 13.15 ? 28  ALA A C   1 
ATOM   198 O  O   . ALA A 1 29  ? 0.110   10.393  1.781   1.00 13.42 ? 28  ALA A O   1 
ATOM   199 C  CB  . ALA A 1 29  ? 1.807   11.437  -0.726  1.00 13.63 ? 28  ALA A CB  1 
ATOM   200 N  N   . PHE A 1 30  ? 0.678   8.733   0.330   1.00 12.95 ? 29  PHE A N   1 
ATOM   201 C  CA  . PHE A 1 30  ? -0.534  7.917   0.621   1.00 13.28 ? 29  PHE A CA  1 
ATOM   202 C  C   . PHE A 1 30  ? -0.558  7.443   2.050   1.00 12.94 ? 29  PHE A C   1 
ATOM   203 O  O   . PHE A 1 30  ? -1.571  7.643   2.733   1.00 13.73 ? 29  PHE A O   1 
ATOM   204 C  CB  . PHE A 1 30  ? -0.532  6.753   -0.394  1.00 13.08 ? 29  PHE A CB  1 
ATOM   205 C  CG  . PHE A 1 30  ? -1.881  6.014   -0.289  1.00 13.53 ? 29  PHE A CG  1 
ATOM   206 C  CD1 . PHE A 1 30  ? -1.951  4.962   0.630   1.00 14.20 ? 29  PHE A CD1 1 
ATOM   207 C  CD2 . PHE A 1 30  ? -2.943  6.379   -1.063  1.00 13.82 ? 29  PHE A CD2 1 
ATOM   208 C  CE1 . PHE A 1 30  ? -3.181  4.275   0.731   1.00 14.45 ? 29  PHE A CE1 1 
ATOM   209 C  CE2 . PHE A 1 30  ? -4.186  5.708   -0.976  1.00 14.09 ? 29  PHE A CE2 1 
ATOM   210 C  CZ  . PHE A 1 30  ? -4.261  4.680   -0.059  1.00 14.43 ? 29  PHE A CZ  1 
ATOM   211 N  N   . PHE A 1 31  ? 0.520   6.795   2.458   1.00 13.95 ? 30  PHE A N   1 
ATOM   212 C  CA  . PHE A 1 31  ? 0.596   6.259   3.860   1.00 14.76 ? 30  PHE A CA  1 
ATOM   213 C  C   . PHE A 1 31  ? 0.367   7.315   4.906   1.00 15.16 ? 30  PHE A C   1 
ATOM   214 O  O   . PHE A 1 31  ? -0.337  7.081   5.911   1.00 15.62 ? 30  PHE A O   1 
ATOM   215 C  CB  . PHE A 1 31  ? 1.892   5.510   4.151   1.00 14.82 ? 30  PHE A CB  1 
ATOM   216 C  CG  . PHE A 1 31  ? 2.044   4.220   3.383   1.00 14.81 ? 30  PHE A CG  1 
ATOM   217 C  CD1 . PHE A 1 31  ? 3.249   3.917   2.809   1.00 14.85 ? 30  PHE A CD1 1 
ATOM   218 C  CD2 . PHE A 1 31  ? 0.956   3.357   3.276   1.00 15.07 ? 30  PHE A CD2 1 
ATOM   219 C  CE1 . PHE A 1 31  ? 3.415   2.712   2.112   1.00 14.95 ? 30  PHE A CE1 1 
ATOM   220 C  CE2 . PHE A 1 31  ? 1.104   2.137   2.605   1.00 15.33 ? 30  PHE A CE2 1 
ATOM   221 C  CZ  . PHE A 1 31  ? 2.343   1.847   2.014   1.00 14.99 ? 30  PHE A CZ  1 
ATOM   222 N  N   . ALA A 1 32  ? 0.976   8.480   4.687   1.00 15.48 ? 31  ALA A N   1 
ATOM   223 C  CA  . ALA A 1 32  ? 0.838   9.628   5.640   1.00 16.46 ? 31  ALA A CA  1 
ATOM   224 C  C   . ALA A 1 32  ? -0.599  10.088  5.645   1.00 17.10 ? 31  ALA A C   1 
ATOM   225 O  O   . ALA A 1 32  ? -1.226  10.170  6.742   1.00 17.68 ? 31  ALA A O   1 
ATOM   226 C  CB  . ALA A 1 32  ? 1.861   10.685  5.248   1.00 15.87 ? 31  ALA A CB  1 
ATOM   227 N  N   . LYS A 1 33  ? -1.225  10.338  4.517   1.00 17.55 ? 32  LYS A N   1 
ATOM   228 C  CA  . LYS A 1 33  ? -2.585  10.786  4.442   1.00 18.48 ? 32  LYS A CA  1 
ATOM   229 C  C   . LYS A 1 33  ? -3.642  9.809   4.978   1.00 18.62 ? 32  LYS A C   1 
ATOM   230 O  O   . LYS A 1 33  ? -4.536  10.270  5.713   1.00 18.73 ? 32  LYS A O   1 
ATOM   231 C  CB  . LYS A 1 33  ? -3.034  11.213  3.035   1.00 19.83 ? 32  LYS A CB  1 
ATOM   232 C  CG  . LYS A 1 33  ? -3.879  12.399  3.059   1.00 21.93 ? 32  LYS A CG  1 
ATOM   233 C  CD  . LYS A 1 33  ? -4.908  13.071  3.688   1.00 23.32 ? 32  LYS A CD  1 
ATOM   234 C  CE  . LYS A 1 33  ? -5.627  12.710  4.919   1.00 24.77 ? 32  LYS A CE  1 
ATOM   235 N  NZ  . LYS A 1 33  ? -5.005  13.019  6.226   1.00 25.54 ? 32  LYS A NZ  1 
ATOM   236 N  N   . VAL A 1 34  ? -3.499  8.554   4.591   1.00 18.29 ? 33  VAL A N   1 
ATOM   237 C  CA  . VAL A 1 34  ? -4.463  7.523   5.015   1.00 18.62 ? 33  VAL A CA  1 
ATOM   238 C  C   . VAL A 1 34  ? -4.364  7.234   6.504   1.00 19.12 ? 33  VAL A C   1 
ATOM   239 O  O   . VAL A 1 34  ? -5.343  6.631   7.029   1.00 18.98 ? 33  VAL A O   1 
ATOM   240 C  CB  . VAL A 1 34  ? -4.309  6.294   4.083   1.00 18.52 ? 33  VAL A CB  1 
ATOM   241 C  CG1 . VAL A 1 34  ? -3.282  5.269   4.508   1.00 18.23 ? 33  VAL A CG1 1 
ATOM   242 C  CG2 . VAL A 1 34  ? -5.652  5.672   3.839   1.00 18.91 ? 33  VAL A CG2 1 
ATOM   243 N  N   . GLY A 1 35  ? -3.290  7.626   7.141   1.00 18.72 ? 34  GLY A N   1 
ATOM   244 C  CA  . GLY A 1 35  ? -2.997  7.472   8.526   1.00 19.37 ? 34  GLY A CA  1 
ATOM   245 C  C   . GLY A 1 35  ? -2.272  6.202   8.921   1.00 19.87 ? 34  GLY A C   1 
ATOM   246 O  O   . GLY A 1 35  ? -2.280  5.876   10.163  1.00 19.88 ? 34  GLY A O   1 
ATOM   247 N  N   . LEU A 1 36  ? -1.631  5.484   8.015   1.00 20.01 ? 35  LEU A N   1 
ATOM   248 C  CA  . LEU A 1 36  ? -0.944  4.240   8.388   1.00 20.69 ? 35  LEU A CA  1 
ATOM   249 C  C   . LEU A 1 36  ? 0.387   4.420   9.069   1.00 21.35 ? 35  LEU A C   1 
ATOM   250 O  O   . LEU A 1 36  ? 0.791   3.540   9.837   1.00 21.75 ? 35  LEU A O   1 
ATOM   251 C  CB  . LEU A 1 36  ? -0.755  3.378   7.130   1.00 20.68 ? 35  LEU A CB  1 
ATOM   252 C  CG  . LEU A 1 36  ? -1.639  2.177   6.908   1.00 21.00 ? 35  LEU A CG  1 
ATOM   253 C  CD1 . LEU A 1 36  ? -1.310  1.567   5.533   1.00 20.89 ? 35  LEU A CD1 1 
ATOM   254 C  CD2 . LEU A 1 36  ? -1.287  1.174   8.000   1.00 21.14 ? 35  LEU A CD2 1 
ATOM   255 N  N   . THR A 1 37  ? 1.083   5.529   8.739   1.00 22.22 ? 36  THR A N   1 
ATOM   256 C  CA  . THR A 1 37  ? 2.396   5.779   9.303   1.00 22.78 ? 36  THR A CA  1 
ATOM   257 C  C   . THR A 1 37  ? 2.440   5.898   10.797  1.00 23.24 ? 36  THR A C   1 
ATOM   258 O  O   . THR A 1 37  ? 3.558   5.669   11.340  1.00 23.82 ? 36  THR A O   1 
ATOM   259 C  CB  . THR A 1 37  ? 3.023   7.111   8.680   1.00 22.61 ? 36  THR A CB  1 
ATOM   260 O  OG1 . THR A 1 37  ? 2.125   8.124   9.220   1.00 22.90 ? 36  THR A OG1 1 
ATOM   261 C  CG2 . THR A 1 37  ? 3.084   6.976   7.185   1.00 22.86 ? 36  THR A CG2 1 
ATOM   262 N  N   . SER A 1 38  ? 1.344   6.261   11.413  1.00 23.82 ? 37  SER A N   1 
ATOM   263 C  CA  . SER A 1 38  ? 1.355   6.397   12.887  1.00 24.76 ? 37  SER A CA  1 
ATOM   264 C  C   . SER A 1 38  ? 0.863   5.146   13.594  1.00 25.04 ? 37  SER A C   1 
ATOM   265 O  O   . SER A 1 38  ? 0.701   5.167   14.832  1.00 25.31 ? 37  SER A O   1 
ATOM   266 C  CB  . SER A 1 38  ? 0.557   7.639   13.279  1.00 25.30 ? 37  SER A CB  1 
ATOM   267 O  OG  . SER A 1 38  ? -0.735  7.563   12.691  1.00 26.12 ? 37  SER A OG  1 
ATOM   268 N  N   . LYS A 1 39  ? 0.657   4.067   12.825  1.00 24.96 ? 38  LYS A N   1 
ATOM   269 C  CA  . LYS A 1 39  ? 0.165   2.826   13.397  1.00 25.57 ? 38  LYS A CA  1 
ATOM   270 C  C   . LYS A 1 39  ? 1.284   1.974   14.002  1.00 25.45 ? 38  LYS A C   1 
ATOM   271 O  O   . LYS A 1 39  ? 2.458   2.081   13.672  1.00 25.25 ? 38  LYS A O   1 
ATOM   272 C  CB  . LYS A 1 39  ? -0.582  1.956   12.390  1.00 25.76 ? 38  LYS A CB  1 
ATOM   273 C  CG  . LYS A 1 39  ? -1.832  2.583   11.817  1.00 26.06 ? 38  LYS A CG  1 
ATOM   274 C  CD  . LYS A 1 39  ? -2.986  2.430   12.753  1.00 26.99 ? 38  LYS A CD  1 
ATOM   275 C  CE  . LYS A 1 39  ? -4.024  3.507   12.624  1.00 27.29 ? 38  LYS A CE  1 
ATOM   276 N  NZ  . LYS A 1 39  ? -5.077  3.332   13.654  1.00 28.09 ? 38  LYS A NZ  1 
ATOM   277 N  N   . SER A 1 40  ? 0.763   1.139   14.918  1.00 25.88 ? 39  SER A N   1 
ATOM   278 C  CA  . SER A 1 40  ? 1.627   0.200   15.628  1.00 26.17 ? 39  SER A CA  1 
ATOM   279 C  C   . SER A 1 40  ? 2.035   -0.895  14.623  1.00 26.50 ? 39  SER A C   1 
ATOM   280 O  O   . SER A 1 40  ? 1.238   -1.203  13.754  1.00 25.80 ? 39  SER A O   1 
ATOM   281 C  CB  . SER A 1 40  ? 0.942   -0.485  16.816  1.00 26.08 ? 39  SER A CB  1 
ATOM   282 O  OG  . SER A 1 40  ? -0.023  -1.444  16.394  1.00 25.95 ? 39  SER A OG  1 
ATOM   283 N  N   . ALA A 1 41  ? 3.226   -1.395  14.856  1.00 27.65 ? 40  ALA A N   1 
ATOM   284 C  CA  . ALA A 1 41  ? 3.824   -2.481  14.048  1.00 28.20 ? 40  ALA A CA  1 
ATOM   285 C  C   . ALA A 1 41  ? 2.801   -3.588  13.836  1.00 28.43 ? 40  ALA A C   1 
ATOM   286 O  O   . ALA A 1 41  ? 2.781   -4.196  12.752  1.00 28.39 ? 40  ALA A O   1 
ATOM   287 C  CB  . ALA A 1 41  ? 5.108   -2.972  14.699  1.00 28.05 ? 40  ALA A CB  1 
ATOM   288 N  N   . ASP A 1 42  ? 1.968   -3.816  14.826  1.00 28.99 ? 41  ASP A N   1 
ATOM   289 C  CA  . ASP A 1 42  ? 0.884   -4.780  14.880  1.00 29.20 ? 41  ASP A CA  1 
ATOM   290 C  C   . ASP A 1 42  ? -0.201  -4.550  13.817  1.00 27.77 ? 41  ASP A C   1 
ATOM   291 O  O   . ASP A 1 42  ? -0.616  -5.438  13.090  1.00 27.46 ? 41  ASP A O   1 
ATOM   292 C  CB  . ASP A 1 42  ? 0.132   -4.752  16.222  1.00 31.17 ? 41  ASP A CB  1 
ATOM   293 C  CG  . ASP A 1 42  ? 0.673   -5.843  17.115  1.00 32.88 ? 41  ASP A CG  1 
ATOM   294 O  OD1 . ASP A 1 42  ? 1.829   -5.659  17.588  1.00 33.97 ? 41  ASP A OD1 1 
ATOM   295 O  OD2 . ASP A 1 42  ? -0.085  -6.832  17.278  1.00 33.95 ? 41  ASP A OD2 1 
ATOM   296 N  N   . ASP A 1 43  ? -0.661  -3.296  13.821  1.00 26.06 ? 42  ASP A N   1 
ATOM   297 C  CA  . ASP A 1 43  ? -1.704  -2.890  12.853  1.00 24.34 ? 42  ASP A CA  1 
ATOM   298 C  C   . ASP A 1 43  ? -1.068  -2.847  11.450  1.00 21.70 ? 42  ASP A C   1 
ATOM   299 O  O   . ASP A 1 43  ? -1.779  -3.077  10.484  1.00 20.80 ? 42  ASP A O   1 
ATOM   300 C  CB  . ASP A 1 43  ? -2.397  -1.598  13.292  1.00 25.85 ? 42  ASP A CB  1 
ATOM   301 C  CG  . ASP A 1 43  ? -3.222  -1.879  14.560  1.00 27.20 ? 42  ASP A CG  1 
ATOM   302 O  OD1 . ASP A 1 43  ? -4.307  -2.452  14.475  1.00 27.93 ? 42  ASP A OD1 1 
ATOM   303 O  OD2 . ASP A 1 43  ? -2.658  -1.536  15.630  1.00 28.54 ? 42  ASP A OD2 1 
ATOM   304 N  N   . VAL A 1 44  ? 0.224   -2.566  11.411  1.00 20.04 ? 43  VAL A N   1 
ATOM   305 C  CA  . VAL A 1 44  ? 0.929   -2.512  10.103  1.00 18.09 ? 43  VAL A CA  1 
ATOM   306 C  C   . VAL A 1 44  ? 0.928   -3.947  9.527   1.00 17.98 ? 43  VAL A C   1 
ATOM   307 O  O   . VAL A 1 44  ? 0.697   -4.137  8.360   1.00 16.93 ? 43  VAL A O   1 
ATOM   308 C  CB  . VAL A 1 44  ? 2.248   -1.771  10.184  1.00 18.03 ? 43  VAL A CB  1 
ATOM   309 C  CG1 . VAL A 1 44  ? 3.060   -1.866  8.923   1.00 18.31 ? 43  VAL A CG1 1 
ATOM   310 C  CG2 . VAL A 1 44  ? 2.000   -0.295  10.562  1.00 17.82 ? 43  VAL A CG2 1 
ATOM   311 N  N   . LYS A 1 45  ? 1.187   -4.937  10.413  1.00 17.55 ? 44  LYS A N   1 
ATOM   312 C  CA  . LYS A 1 45  ? 1.151   -6.350  9.997   1.00 17.95 ? 44  LYS A CA  1 
ATOM   313 C  C   . LYS A 1 45  ? -0.224  -6.801  9.535   1.00 17.35 ? 44  LYS A C   1 
ATOM   314 O  O   . LYS A 1 45  ? -0.369  -7.659  8.624   1.00 16.89 ? 44  LYS A O   1 
ATOM   315 C  CB  . LYS A 1 45  ? 1.548   -7.282  11.121  1.00 18.90 ? 44  LYS A CB  1 
ATOM   316 C  CG  . LYS A 1 45  ? 3.028   -7.296  11.431  1.00 20.49 ? 44  LYS A CG  1 
ATOM   317 C  CD  . LYS A 1 45  ? 3.264   -8.419  12.497  1.00 22.05 ? 44  LYS A CD  1 
ATOM   318 C  CE  . LYS A 1 45  ? 4.723   -8.668  12.629  1.00 23.58 ? 44  LYS A CE  1 
ATOM   319 N  NZ  . LYS A 1 45  ? 5.535   -7.450  12.892  1.00 24.80 ? 44  LYS A NZ  1 
ATOM   320 N  N   . LYS A 1 46  ? -1.275  -6.265  10.150  1.00 17.18 ? 45  LYS A N   1 
ATOM   321 C  CA  . LYS A 1 46  ? -2.659  -6.546  9.786   1.00 16.98 ? 45  LYS A CA  1 
ATOM   322 C  C   . LYS A 1 46  ? -2.934  -6.000  8.361   1.00 15.63 ? 45  LYS A C   1 
ATOM   323 O  O   . LYS A 1 46  ? -3.526  -6.603  7.495   1.00 15.13 ? 45  LYS A O   1 
ATOM   324 C  CB  . LYS A 1 46  ? -3.653  -6.044  10.782  1.00 19.19 ? 45  LYS A CB  1 
ATOM   325 C  CG  . LYS A 1 46  ? -3.794  -6.935  12.012  1.00 21.29 ? 45  LYS A CG  1 
ATOM   326 C  CD  . LYS A 1 46  ? -2.736  -6.600  13.058  1.00 23.04 ? 45  LYS A CD  1 
ATOM   327 C  CE  . LYS A 1 46  ? -3.331  -6.690  14.461  1.00 23.88 ? 45  LYS A CE  1 
ATOM   328 N  NZ  . LYS A 1 46  ? -3.113  -5.415  15.223  1.00 24.77 ? 45  LYS A NZ  1 
ATOM   329 N  N   . ALA A 1 47  ? -2.457  -4.766  8.125   1.00 14.56 ? 46  ALA A N   1 
ATOM   330 C  CA  . ALA A 1 47  ? -2.572  -4.106  6.821   1.00 13.79 ? 46  ALA A CA  1 
ATOM   331 C  C   . ALA A 1 47  ? -1.853  -4.934  5.744   1.00 12.59 ? 46  ALA A C   1 
ATOM   332 O  O   . ALA A 1 47  ? -2.355  -5.117  4.678   1.00 12.58 ? 46  ALA A O   1 
ATOM   333 C  CB  . ALA A 1 47  ? -1.985  -2.685  6.890   1.00 13.18 ? 46  ALA A CB  1 
ATOM   334 N  N   . PHE A 1 48  ? -0.658  -5.426  6.093   1.00 11.85 ? 47  PHE A N   1 
ATOM   335 C  CA  . PHE A 1 48  ? 0.146   -6.239  5.182   1.00 11.84 ? 47  PHE A CA  1 
ATOM   336 C  C   . PHE A 1 48  ? -0.648  -7.446  4.664   1.00 11.21 ? 47  PHE A C   1 
ATOM   337 O  O   . PHE A 1 48  ? -0.732  -7.787  3.522   1.00 11.48 ? 47  PHE A O   1 
ATOM   338 C  CB  . PHE A 1 48  ? 1.453   -6.729  5.824   1.00 11.80 ? 47  PHE A CB  1 
ATOM   339 C  CG  . PHE A 1 48  ? 2.257   -7.641  5.000   1.00 12.05 ? 47  PHE A CG  1 
ATOM   340 C  CD1 . PHE A 1 48  ? 3.128   -7.187  4.012   1.00 12.41 ? 47  PHE A CD1 1 
ATOM   341 C  CD2 . PHE A 1 48  ? 2.213   -9.059  5.215   1.00 12.12 ? 47  PHE A CD2 1 
ATOM   342 C  CE1 . PHE A 1 48  ? 3.876   -8.017  3.228   1.00 12.41 ? 47  PHE A CE1 1 
ATOM   343 C  CE2 . PHE A 1 48  ? 2.963   -9.930  4.477   1.00 12.33 ? 47  PHE A CE2 1 
ATOM   344 C  CZ  . PHE A 1 48  ? 3.809   -9.416  3.480   1.00 12.73 ? 47  PHE A CZ  1 
ATOM   345 N  N   . ALA A 1 49  ? -1.238  -8.117  5.708   1.00 11.42 ? 48  ALA A N   1 
ATOM   346 C  CA  . ALA A 1 49  ? -2.034  -9.322  5.416   1.00 11.61 ? 48  ALA A CA  1 
ATOM   347 C  C   . ALA A 1 49  ? -3.166  -9.071  4.490   1.00 11.33 ? 48  ALA A C   1 
ATOM   348 O  O   . ALA A 1 49  ? -3.500  -9.925  3.657   1.00 12.22 ? 48  ALA A O   1 
ATOM   349 C  CB  . ALA A 1 49  ? -2.539  -9.971  6.726   1.00 11.93 ? 48  ALA A CB  1 
ATOM   350 N  N   . ILE A 1 50  ? -3.818  -7.907  4.557   1.00 11.81 ? 49  ILE A N   1 
ATOM   351 C  CA  . ILE A 1 50  ? -4.902  -7.524  3.677   1.00 12.10 ? 49  ILE A CA  1 
ATOM   352 C  C   . ILE A 1 50  ? -4.373  -7.348  2.224   1.00 11.44 ? 49  ILE A C   1 
ATOM   353 O  O   . ILE A 1 50  ? -4.958  -7.840  1.261   1.00 11.75 ? 49  ILE A O   1 
ATOM   354 C  CB  . ILE A 1 50  ? -5.628  -6.203  4.153   1.00 13.11 ? 49  ILE A CB  1 
ATOM   355 C  CG1 . ILE A 1 50  ? -6.451  -6.450  5.464   1.00 13.57 ? 49  ILE A CG1 1 
ATOM   356 C  CG2 . ILE A 1 50  ? -6.516  -5.642  3.018   1.00 13.11 ? 49  ILE A CG2 1 
ATOM   357 C  CD1 . ILE A 1 50  ? -6.732  -5.195  6.324   1.00 14.68 ? 49  ILE A CD1 1 
ATOM   358 N  N   . ILE A 1 51  ? -3.220  -6.668  2.131   1.00 11.17 ? 50  ILE A N   1 
ATOM   359 C  CA  . ILE A 1 51  ? -2.641  -6.401  0.792   1.00 11.03 ? 50  ILE A CA  1 
ATOM   360 C  C   . ILE A 1 51  ? -2.128  -7.675  0.133   1.00 10.72 ? 50  ILE A C   1 
ATOM   361 O  O   . ILE A 1 51  ? -2.135  -7.830  -1.081  1.00 10.72 ? 50  ILE A O   1 
ATOM   362 C  CB  . ILE A 1 51  ? -1.617  -5.240  0.857   1.00 11.20 ? 50  ILE A CB  1 
ATOM   363 C  CG1 . ILE A 1 51  ? -2.310  -3.976  1.451   1.00 12.16 ? 50  ILE A CG1 1 
ATOM   364 C  CG2 . ILE A 1 51  ? -0.992  -4.894  -0.552  1.00 11.32 ? 50  ILE A CG2 1 
ATOM   365 C  CD1 . ILE A 1 51  ? -1.265  -2.959  1.978   1.00 13.37 ? 50  ILE A CD1 1 
ATOM   366 N  N   . ASP A 1 52  ? -1.669  -8.564  1.002   1.00 10.27 ? 51  ASP A N   1 
ATOM   367 C  CA  . ASP A 1 52  ? -1.173  -9.890  0.481   1.00 10.67 ? 51  ASP A CA  1 
ATOM   368 C  C   . ASP A 1 52  ? -2.431  -10.733 0.197   1.00 11.65 ? 51  ASP A C   1 
ATOM   369 O  O   . ASP A 1 52  ? -2.788  -11.593 1.060   1.00 11.13 ? 51  ASP A O   1 
ATOM   370 C  CB  . ASP A 1 52  ? -0.263  -10.477 1.577   1.00 10.22 ? 51  ASP A CB  1 
ATOM   371 C  CG  . ASP A 1 52  ? 0.144   -11.908 1.192   1.00 9.98  ? 51  ASP A CG  1 
ATOM   372 O  OD1 . ASP A 1 52  ? 0.066   -12.379 0.115   1.00 10.47 ? 51  ASP A OD1 1 
ATOM   373 O  OD2 . ASP A 1 52  ? 0.574   -12.541 2.258   1.00 11.10 ? 51  ASP A OD2 1 
ATOM   374 N  N   . GLN A 1 53  ? -3.119  -10.541 -0.880  1.00 12.92 ? 52  GLN A N   1 
ATOM   375 C  CA  . GLN A 1 53  ? -4.339  -11.160 -1.299  1.00 15.16 ? 52  GLN A CA  1 
ATOM   376 C  C   . GLN A 1 53  ? -4.360  -12.702 -1.134  1.00 14.43 ? 52  GLN A C   1 
ATOM   377 O  O   . GLN A 1 53  ? -5.368  -13.117 -0.563  1.00 15.41 ? 52  GLN A O   1 
ATOM   378 C  CB  . GLN A 1 53  ? -4.772  -10.985 -2.795  1.00 18.03 ? 52  GLN A CB  1 
ATOM   379 C  CG  . GLN A 1 53  ? -4.368  -12.178 -3.629  1.00 22.38 ? 52  GLN A CG  1 
ATOM   380 C  CD  . GLN A 1 53  ? -5.257  -13.288 -4.090  1.00 24.10 ? 52  GLN A CD  1 
ATOM   381 O  OE1 . GLN A 1 53  ? -5.254  -13.637 -5.339  1.00 25.74 ? 52  GLN A OE1 1 
ATOM   382 N  NE2 . GLN A 1 53  ? -6.099  -13.986 -3.296  1.00 25.09 ? 52  GLN A NE2 1 
ATOM   383 N  N   . ASP A 1 54  ? -3.360  -13.328 -1.628  1.00 13.59 ? 53  ASP A N   1 
ATOM   384 C  CA  . ASP A 1 54  ? -3.326  -14.825 -1.584  1.00 13.42 ? 53  ASP A CA  1 
ATOM   385 C  C   . ASP A 1 54  ? -2.665  -15.328 -0.328  1.00 12.96 ? 53  ASP A C   1 
ATOM   386 O  O   . ASP A 1 54  ? -2.554  -16.607 -0.266  1.00 13.77 ? 53  ASP A O   1 
ATOM   387 C  CB  . ASP A 1 54  ? -2.705  -15.328 -2.876  1.00 13.65 ? 53  ASP A CB  1 
ATOM   388 C  CG  . ASP A 1 54  ? -1.211  -15.034 -3.001  1.00 13.82 ? 53  ASP A CG  1 
ATOM   389 O  OD1 . ASP A 1 54  ? -0.583  -14.441 -2.125  1.00 13.05 ? 53  ASP A OD1 1 
ATOM   390 O  OD2 . ASP A 1 54  ? -0.673  -15.430 -4.033  1.00 15.59 ? 53  ASP A OD2 1 
ATOM   391 N  N   . LYS A 1 55  ? -2.284  -14.555 0.624   1.00 12.95 ? 54  LYS A N   1 
ATOM   392 C  CA  . LYS A 1 55  ? -1.634  -15.020 1.857   1.00 12.18 ? 54  LYS A CA  1 
ATOM   393 C  C   . LYS A 1 55  ? -0.403  -15.818 1.568   1.00 12.36 ? 54  LYS A C   1 
ATOM   394 O  O   . LYS A 1 55  ? -0.134  -16.899 2.223   1.00 13.22 ? 54  LYS A O   1 
ATOM   395 C  CB  . LYS A 1 55  ? -2.647  -15.818 2.717   1.00 13.10 ? 54  LYS A CB  1 
ATOM   396 C  CG  . LYS A 1 55  ? -3.861  -14.991 3.034   1.00 14.22 ? 54  LYS A CG  1 
ATOM   397 C  CD  . LYS A 1 55  ? -3.582  -13.738 3.865   1.00 14.44 ? 54  LYS A CD  1 
ATOM   398 C  CE  . LYS A 1 55  ? -4.742  -12.860 4.073   1.00 14.72 ? 54  LYS A CE  1 
ATOM   399 N  NZ  . LYS A 1 55  ? -5.175  -12.001 2.930   1.00 14.81 ? 54  LYS A NZ  1 
ATOM   400 N  N   . SER A 1 56  ? 0.439   -15.447 0.616   1.00 11.22 ? 55  SER A N   1 
ATOM   401 C  CA  . SER A 1 56  ? 1.679   -16.168 0.347   1.00 11.55 ? 55  SER A CA  1 
ATOM   402 C  C   . SER A 1 56  ? 2.803   -15.750 1.299   1.00 10.95 ? 55  SER A C   1 
ATOM   403 O  O   . SER A 1 56  ? 3.895   -16.380 1.344   1.00 11.64 ? 55  SER A O   1 
ATOM   404 C  CB  . SER A 1 56  ? 2.193   -15.922 -1.058  1.00 11.44 ? 55  SER A CB  1 
ATOM   405 O  OG  . SER A 1 56  ? 2.367   -14.478 -1.216  1.00 12.30 ? 55  SER A OG  1 
ATOM   406 N  N   . GLY A 1 57  ? 2.610   -14.656 2.001   1.00 10.75 ? 56  GLY A N   1 
ATOM   407 C  CA  . GLY A 1 57  ? 3.552   -14.045 2.898   1.00 9.89  ? 56  GLY A CA  1 
ATOM   408 C  C   . GLY A 1 57  ? 4.350   -12.901 2.168   1.00 10.34 ? 56  GLY A C   1 
ATOM   409 O  O   . GLY A 1 57  ? 5.227   -12.370 2.806   1.00 11.14 ? 56  GLY A O   1 
ATOM   410 N  N   . PHE A 1 58  ? 3.988   -12.677 0.933   1.00 10.77 ? 57  PHE A N   1 
ATOM   411 C  CA  . PHE A 1 58  ? 4.720   -11.583 0.198   1.00 11.29 ? 57  PHE A CA  1 
ATOM   412 C  C   . PHE A 1 58  ? 3.670   -10.882 -0.680  1.00 11.29 ? 57  PHE A C   1 
ATOM   413 O  O   . PHE A 1 58  ? 2.709   -11.459 -1.132  1.00 10.87 ? 57  PHE A O   1 
ATOM   414 C  CB  . PHE A 1 58  ? 5.759   -12.108 -0.777  1.00 13.02 ? 57  PHE A CB  1 
ATOM   415 C  CG  . PHE A 1 58  ? 6.846   -12.877 -0.127  1.00 14.64 ? 57  PHE A CG  1 
ATOM   416 C  CD1 . PHE A 1 58  ? 8.062   -12.289 0.186   1.00 15.53 ? 57  PHE A CD1 1 
ATOM   417 C  CD2 . PHE A 1 58  ? 6.609   -14.224 0.193   1.00 15.50 ? 57  PHE A CD2 1 
ATOM   418 C  CE1 . PHE A 1 58  ? 9.075   -13.002 0.788   1.00 16.50 ? 57  PHE A CE1 1 
ATOM   419 C  CE2 . PHE A 1 58  ? 7.624   -14.956 0.823   1.00 16.24 ? 57  PHE A CE2 1 
ATOM   420 C  CZ  . PHE A 1 58  ? 8.832   -14.343 1.121   1.00 16.39 ? 57  PHE A CZ  1 
ATOM   421 N  N   . ILE A 1 59  ? 3.974   -9.587  -0.882  1.00 10.32 ? 58  ILE A N   1 
ATOM   422 C  CA  . ILE A 1 59  ? 3.064   -8.807  -1.793  1.00 10.84 ? 58  ILE A CA  1 
ATOM   423 C  C   . ILE A 1 59  ? 3.800   -8.947  -3.136  1.00 10.85 ? 58  ILE A C   1 
ATOM   424 O  O   . ILE A 1 59  ? 4.920   -8.397  -3.215  1.00 11.83 ? 58  ILE A O   1 
ATOM   425 C  CB  . ILE A 1 59  ? 2.917   -7.357  -1.303  1.00 11.12 ? 58  ILE A CB  1 
ATOM   426 C  CG1 . ILE A 1 59  ? 2.221   -7.265  0.071   1.00 11.53 ? 58  ILE A CG1 1 
ATOM   427 C  CG2 . ILE A 1 59  ? 2.140   -6.512  -2.370  1.00 11.91 ? 58  ILE A CG2 1 
ATOM   428 C  CD1 . ILE A 1 59  ? 2.318   -5.909  0.790   1.00 12.04 ? 58  ILE A CD1 1 
ATOM   429 N  N   . GLU A 1 60  ? 3.243   -9.689  -4.034  1.00 11.17 ? 59  GLU A N   1 
ATOM   430 C  CA  . GLU A 1 60  ? 3.881   -9.897  -5.358  1.00 12.20 ? 59  GLU A CA  1 
ATOM   431 C  C   . GLU A 1 60  ? 3.449   -8.695  -6.223  1.00 12.93 ? 59  GLU A C   1 
ATOM   432 O  O   . GLU A 1 60  ? 2.549   -7.954  -5.802  1.00 12.30 ? 59  GLU A O   1 
ATOM   433 C  CB  . GLU A 1 60  ? 3.555   -11.240 -5.975  1.00 12.48 ? 59  GLU A CB  1 
ATOM   434 C  CG  . GLU A 1 60  ? 4.113   -12.477 -5.187  1.00 12.75 ? 59  GLU A CG  1 
ATOM   435 C  CD  . GLU A 1 60  ? 3.156   -12.954 -4.059  1.00 13.53 ? 59  GLU A CD  1 
ATOM   436 O  OE1 . GLU A 1 60  ? 2.010   -12.643 -3.969  1.00 13.50 ? 59  GLU A OE1 1 
ATOM   437 O  OE2 . GLU A 1 60  ? 3.793   -13.762 -3.330  1.00 14.70 ? 59  GLU A OE2 1 
ATOM   438 N  N   . GLU A 1 61  ? 4.120   -8.652  -7.382  1.00 14.06 ? 60  GLU A N   1 
ATOM   439 C  CA  . GLU A 1 61  ? 3.787   -7.477  -8.258  1.00 15.49 ? 60  GLU A CA  1 
ATOM   440 C  C   . GLU A 1 61  ? 2.363   -7.397  -8.627  1.00 15.23 ? 60  GLU A C   1 
ATOM   441 O  O   . GLU A 1 61  ? 1.877   -6.151  -8.620  1.00 15.58 ? 60  GLU A O   1 
ATOM   442 C  CB  . GLU A 1 61  ? 4.804   -7.534  -9.383  1.00 16.88 ? 60  GLU A CB  1 
ATOM   443 C  CG  . GLU A 1 61  ? 4.800   -6.544  -10.494 1.00 19.66 ? 60  GLU A CG  1 
ATOM   444 C  CD  . GLU A 1 61  ? 6.165   -6.205  -11.076 1.00 20.57 ? 60  GLU A CD  1 
ATOM   445 O  OE1 . GLU A 1 61  ? 7.184   -6.698  -10.737 1.00 21.46 ? 60  GLU A OE1 1 
ATOM   446 O  OE2 . GLU A 1 61  ? 6.020   -5.325  -11.948 1.00 22.22 ? 60  GLU A OE2 1 
ATOM   447 N  N   . ASP A 1 62  ? 1.567   -8.426  -8.964  1.00 15.61 ? 61  ASP A N   1 
ATOM   448 C  CA  . ASP A 1 62  ? 0.175   -8.182  -9.327  1.00 16.53 ? 61  ASP A CA  1 
ATOM   449 C  C   . ASP A 1 62  ? -0.583  -7.666  -8.086  1.00 15.45 ? 61  ASP A C   1 
ATOM   450 O  O   . ASP A 1 62  ? -1.580  -6.966  -8.328  1.00 15.28 ? 61  ASP A O   1 
ATOM   451 C  CB  . ASP A 1 62  ? -0.820  -9.084  -10.073 1.00 20.21 ? 61  ASP A CB  1 
ATOM   452 C  CG  . ASP A 1 62  ? -2.060  -8.249  -10.574 1.00 22.29 ? 61  ASP A CG  1 
ATOM   453 O  OD1 . ASP A 1 62  ? -2.119  -7.068  -11.001 1.00 23.27 ? 61  ASP A OD1 1 
ATOM   454 O  OD2 . ASP A 1 62  ? -3.247  -8.683  -10.641 1.00 23.77 ? 61  ASP A OD2 1 
ATOM   455 N  N   . GLU A 1 63  ? -0.183  -8.097  -6.876  1.00 13.80 ? 62  GLU A N   1 
ATOM   456 C  CA  . GLU A 1 63  ? -0.896  -7.575  -5.716  1.00 12.92 ? 62  GLU A CA  1 
ATOM   457 C  C   . GLU A 1 63  ? -0.646  -6.097  -5.480  1.00 12.38 ? 62  GLU A C   1 
ATOM   458 O  O   . GLU A 1 63  ? -1.551  -5.345  -5.096  1.00 12.45 ? 62  GLU A O   1 
ATOM   459 C  CB  . GLU A 1 63  ? -0.539  -8.368  -4.428  1.00 12.07 ? 62  GLU A CB  1 
ATOM   460 C  CG  . GLU A 1 63  ? -1.162  -9.789  -4.540  1.00 12.41 ? 62  GLU A CG  1 
ATOM   461 C  CD  . GLU A 1 63  ? -0.605  -10.746 -3.486  1.00 12.07 ? 62  GLU A CD  1 
ATOM   462 O  OE1 . GLU A 1 63  ? -1.279  -11.764 -3.389  1.00 12.92 ? 62  GLU A OE1 1 
ATOM   463 O  OE2 . GLU A 1 63  ? 0.360   -10.374 -2.901  1.00 10.95 ? 62  GLU A OE2 1 
ATOM   464 N  N   . LEU A 1 64  ? 0.566   -5.673  -5.751  1.00 13.08 ? 63  LEU A N   1 
ATOM   465 C  CA  . LEU A 1 64  ? 0.989   -4.282  -5.592  1.00 13.13 ? 63  LEU A CA  1 
ATOM   466 C  C   . LEU A 1 64  ? 0.219   -3.405  -6.591  1.00 12.77 ? 63  LEU A C   1 
ATOM   467 O  O   . LEU A 1 64  ? -0.151  -2.273  -6.211  1.00 12.49 ? 63  LEU A O   1 
ATOM   468 C  CB  . LEU A 1 64  ? 2.496   -4.180  -5.871  1.00 14.16 ? 63  LEU A CB  1 
ATOM   469 C  CG  . LEU A 1 64  ? 3.484   -3.780  -4.856  1.00 15.84 ? 63  LEU A CG  1 
ATOM   470 C  CD1 . LEU A 1 64  ? 4.671   -3.018  -5.466  1.00 14.79 ? 63  LEU A CD1 1 
ATOM   471 C  CD2 . LEU A 1 64  ? 2.902   -2.989  -3.705  1.00 15.81 ? 63  LEU A CD2 1 
ATOM   472 N  N   . LYS A 1 65  ? 0.053   -3.943  -7.738  1.00 12.82 ? 64  LYS A N   1 
ATOM   473 C  CA  . LYS A 1 65  ? -0.671  -3.189  -8.813  1.00 14.23 ? 64  LYS A CA  1 
ATOM   474 C  C   . LYS A 1 65  ? -2.069  -2.840  -8.407  1.00 13.58 ? 64  LYS A C   1 
ATOM   475 O  O   . LYS A 1 65  ? -2.686  -1.800  -8.737  1.00 12.82 ? 64  LYS A O   1 
ATOM   476 C  CB  . LYS A 1 65  ? -0.488  -3.989  -10.049 1.00 16.71 ? 64  LYS A CB  1 
ATOM   477 C  CG  . LYS A 1 65  ? -0.493  -3.406  -11.400 1.00 20.06 ? 64  LYS A CG  1 
ATOM   478 C  CD  . LYS A 1 65  ? -1.852  -2.940  -11.832 1.00 21.73 ? 64  LYS A CD  1 
ATOM   479 C  CE  . LYS A 1 65  ? -1.730  -2.826  -13.399 1.00 22.75 ? 64  LYS A CE  1 
ATOM   480 N  NZ  . LYS A 1 65  ? -2.902  -1.987  -13.786 1.00 24.61 ? 64  LYS A NZ  1 
ATOM   481 N  N   . LEU A 1 66  ? -2.663  -3.721  -7.573  1.00 12.35 ? 65  LEU A N   1 
ATOM   482 C  CA  . LEU A 1 66  ? -4.014  -3.573  -7.044  1.00 12.02 ? 65  LEU A CA  1 
ATOM   483 C  C   . LEU A 1 66  ? -4.036  -2.957  -5.668  1.00 10.78 ? 65  LEU A C   1 
ATOM   484 O  O   . LEU A 1 66  ? -5.112  -2.977  -5.002  1.00 10.67 ? 65  LEU A O   1 
ATOM   485 C  CB  . LEU A 1 66  ? -4.751  -4.944  -7.039  1.00 13.68 ? 65  LEU A CB  1 
ATOM   486 C  CG  . LEU A 1 66  ? -4.983  -5.653  -8.311  1.00 15.19 ? 65  LEU A CG  1 
ATOM   487 C  CD1 . LEU A 1 66  ? -5.369  -4.664  -9.450  1.00 15.64 ? 65  LEU A CD1 1 
ATOM   488 C  CD2 . LEU A 1 66  ? -3.768  -6.376  -8.791  1.00 16.85 ? 65  LEU A CD2 1 
ATOM   489 N  N   . PHE A 1 67  ? -2.970  -2.378  -5.185  1.00 10.28 ? 66  PHE A N   1 
ATOM   490 C  CA  . PHE A 1 67  ? -2.854  -1.771  -3.865  1.00 10.30 ? 66  PHE A CA  1 
ATOM   491 C  C   . PHE A 1 67  ? -4.010  -0.943  -3.391  1.00 10.10 ? 66  PHE A C   1 
ATOM   492 O  O   . PHE A 1 67  ? -4.594  -1.057  -2.305  1.00 10.66 ? 66  PHE A O   1 
ATOM   493 C  CB  . PHE A 1 67  ? -1.484  -0.989  -3.811  1.00 10.97 ? 66  PHE A CB  1 
ATOM   494 C  CG  . PHE A 1 67  ? -1.308  -0.226  -2.552  1.00 11.21 ? 66  PHE A CG  1 
ATOM   495 C  CD1 . PHE A 1 67  ? -1.537  1.145   -2.488  1.00 11.53 ? 66  PHE A CD1 1 
ATOM   496 C  CD2 . PHE A 1 67  ? -0.889  -0.893  -1.364  1.00 11.71 ? 66  PHE A CD2 1 
ATOM   497 C  CE1 . PHE A 1 67  ? -1.359  1.856   -1.324  1.00 12.33 ? 66  PHE A CE1 1 
ATOM   498 C  CE2 . PHE A 1 67  ? -0.725  -0.169  -0.198  1.00 12.13 ? 66  PHE A CE2 1 
ATOM   499 C  CZ  . PHE A 1 67  ? -0.959  1.225   -0.166  1.00 12.65 ? 66  PHE A CZ  1 
ATOM   500 N  N   . LEU A 1 68  ? -4.407  0.040   -4.254  1.00 9.93  ? 67  LEU A N   1 
ATOM   501 C  CA  . LEU A 1 68  ? -5.498  0.947   -3.915  1.00 9.66  ? 67  LEU A CA  1 
ATOM   502 C  C   . LEU A 1 68  ? -6.856  0.272   -3.704  1.00 9.75  ? 67  LEU A C   1 
ATOM   503 O  O   . LEU A 1 68  ? -7.636  0.860   -2.950  1.00 9.51  ? 67  LEU A O   1 
ATOM   504 C  CB  . LEU A 1 68  ? -5.646  2.024   -5.030  1.00 10.34 ? 67  LEU A CB  1 
ATOM   505 C  CG  . LEU A 1 68  ? -4.397  2.909   -5.172  1.00 9.60  ? 67  LEU A CG  1 
ATOM   506 C  CD1 . LEU A 1 68  ? -4.799  3.918   -6.312  1.00 10.21 ? 67  LEU A CD1 1 
ATOM   507 C  CD2 . LEU A 1 68  ? -3.973  3.563   -3.927  1.00 9.80  ? 67  LEU A CD2 1 
ATOM   508 N  N   . GLN A 1 69  ? -7.037  -0.822  -4.407  1.00 10.23 ? 68  GLN A N   1 
ATOM   509 C  CA  . GLN A 1 69  ? -8.319  -1.563  -4.340  1.00 11.02 ? 68  GLN A CA  1 
ATOM   510 C  C   . GLN A 1 69  ? -8.567  -2.148  -2.955  1.00 11.68 ? 68  GLN A C   1 
ATOM   511 O  O   . GLN A 1 69  ? -9.760  -2.391  -2.665  1.00 12.71 ? 68  GLN A O   1 
ATOM   512 C  CB  . GLN A 1 69  ? -8.468  -2.559  -5.471  1.00 11.80 ? 68  GLN A CB  1 
ATOM   513 C  CG  . GLN A 1 69  ? -8.494  -1.755  -6.824  1.00 12.77 ? 68  GLN A CG  1 
ATOM   514 C  CD  . GLN A 1 69  ? -8.418  -2.648  -7.976  1.00 13.35 ? 68  GLN A CD  1 
ATOM   515 O  OE1 . GLN A 1 69  ? -8.565  -3.860  -7.922  1.00 14.09 ? 68  GLN A OE1 1 
ATOM   516 N  NE2 . GLN A 1 69  ? -8.112  -2.148  -9.182  1.00 14.19 ? 68  GLN A NE2 1 
ATOM   517 N  N   . ASN A 1 70  ? -7.538  -2.268  -2.149  1.00 11.39 ? 69  ASN A N   1 
ATOM   518 C  CA  . ASN A 1 70  ? -7.793  -2.763  -0.763  1.00 12.79 ? 69  ASN A CA  1 
ATOM   519 C  C   . ASN A 1 70  ? -8.437  -1.699  0.090   1.00 13.23 ? 69  ASN A C   1 
ATOM   520 O  O   . ASN A 1 70  ? -9.006  -2.056  1.148   1.00 14.28 ? 69  ASN A O   1 
ATOM   521 C  CB  . ASN A 1 70  ? -6.439  -3.194  -0.134  1.00 12.53 ? 69  ASN A CB  1 
ATOM   522 C  CG  . ASN A 1 70  ? -5.771  -4.259  -0.975  1.00 12.67 ? 69  ASN A CG  1 
ATOM   523 O  OD1 . ASN A 1 70  ? -4.740  -4.055  -1.638  1.00 13.13 ? 69  ASN A OD1 1 
ATOM   524 N  ND2 . ASN A 1 70  ? -6.377  -5.417  -1.065  1.00 12.40 ? 69  ASN A ND2 1 
ATOM   525 N  N   . PHE A 1 71  ? -8.353  -0.443  -0.270  1.00 12.36 ? 70  PHE A N   1 
ATOM   526 C  CA  . PHE A 1 71  ? -8.865  0.698   0.473   1.00 13.24 ? 70  PHE A CA  1 
ATOM   527 C  C   . PHE A 1 71  ? -10.253 1.107   0.051   1.00 13.69 ? 70  PHE A C   1 
ATOM   528 O  O   . PHE A 1 71  ? -11.066 1.517   0.889   1.00 14.73 ? 70  PHE A O   1 
ATOM   529 C  CB  . PHE A 1 71  ? -7.902  1.933   0.403   1.00 12.56 ? 70  PHE A CB  1 
ATOM   530 C  CG  . PHE A 1 71  ? -6.562  1.605   0.997   1.00 12.03 ? 70  PHE A CG  1 
ATOM   531 C  CD1 . PHE A 1 71  ? -6.278  1.915   2.342   1.00 12.40 ? 70  PHE A CD1 1 
ATOM   532 C  CD2 . PHE A 1 71  ? -5.629  0.922   0.205   1.00 12.32 ? 70  PHE A CD2 1 
ATOM   533 C  CE1 . PHE A 1 71  ? -5.052  1.528   2.880   1.00 12.11 ? 70  PHE A CE1 1 
ATOM   534 C  CE2 . PHE A 1 71  ? -4.400  0.562   0.727   1.00 12.20 ? 70  PHE A CE2 1 
ATOM   535 C  CZ  . PHE A 1 71  ? -4.112  0.870   2.055   1.00 12.03 ? 70  PHE A CZ  1 
ATOM   536 N  N   . LYS A 1 72  ? -10.483 1.027   -1.221  1.00 14.81 ? 71  LYS A N   1 
ATOM   537 C  CA  . LYS A 1 72  ? -11.792 1.350   -1.861  1.00 15.17 ? 71  LYS A CA  1 
ATOM   538 C  C   . LYS A 1 72  ? -11.851 0.458   -3.068  1.00 14.85 ? 71  LYS A C   1 
ATOM   539 O  O   . LYS A 1 72  ? -11.004 0.562   -3.969  1.00 14.75 ? 71  LYS A O   1 
ATOM   540 C  CB  . LYS A 1 72  ? -11.957 2.829   -2.137  1.00 16.40 ? 71  LYS A CB  1 
ATOM   541 C  CG  . LYS A 1 72  ? -13.415 3.212   -2.247  1.00 18.62 ? 71  LYS A CG  1 
ATOM   542 C  CD  . LYS A 1 72  ? -13.592 4.690   -2.666  1.00 20.22 ? 71  LYS A CD  1 
ATOM   543 C  CE  . LYS A 1 72  ? -15.001 4.838   -3.241  1.00 21.18 ? 71  LYS A CE  1 
ATOM   544 N  NZ  . LYS A 1 72  ? -15.120 6.068   -4.022  1.00 22.60 ? 71  LYS A NZ  1 
ATOM   545 N  N   . ALA A 1 73  ? -12.776 -0.497  -3.107  1.00 14.94 ? 72  ALA A N   1 
ATOM   546 C  CA  . ALA A 1 73  ? -12.926 -1.473  -4.145  1.00 14.74 ? 72  ALA A CA  1 
ATOM   547 C  C   . ALA A 1 73  ? -12.909 -1.015  -5.595  1.00 14.78 ? 72  ALA A C   1 
ATOM   548 O  O   . ALA A 1 73  ? -12.471 -1.762  -6.465  1.00 14.60 ? 72  ALA A O   1 
ATOM   549 C  CB  . ALA A 1 73  ? -14.209 -2.314  -3.832  1.00 14.89 ? 72  ALA A CB  1 
ATOM   550 N  N   . ASP A 1 74  ? -13.411 0.201   -5.813  1.00 15.48 ? 73  ASP A N   1 
ATOM   551 C  CA  . ASP A 1 74  ? -13.487 0.749   -7.152  1.00 16.57 ? 73  ASP A CA  1 
ATOM   552 C  C   . ASP A 1 74  ? -12.294 1.661   -7.444  1.00 16.25 ? 73  ASP A C   1 
ATOM   553 O  O   . ASP A 1 74  ? -12.435 2.352   -8.497  1.00 17.45 ? 73  ASP A O   1 
ATOM   554 C  CB  . ASP A 1 74  ? -14.842 1.450   -7.363  1.00 17.72 ? 73  ASP A CB  1 
ATOM   555 C  CG  . ASP A 1 74  ? -15.064 2.525   -6.353  1.00 18.46 ? 73  ASP A CG  1 
ATOM   556 O  OD1 . ASP A 1 74  ? -14.302 2.850   -5.480  1.00 19.15 ? 73  ASP A OD1 1 
ATOM   557 O  OD2 . ASP A 1 74  ? -16.192 3.120   -6.450  1.00 20.12 ? 73  ASP A OD2 1 
ATOM   558 N  N   . ALA A 1 75  ? -11.299 1.648   -6.657  1.00 15.47 ? 74  ALA A N   1 
ATOM   559 C  CA  . ALA A 1 75  ? -10.080 2.508   -6.900  1.00 14.43 ? 74  ALA A CA  1 
ATOM   560 C  C   . ALA A 1 75  ? -9.396  1.962   -8.124  1.00 13.41 ? 74  ALA A C   1 
ATOM   561 O  O   . ALA A 1 75  ? -9.563  0.771   -8.531  1.00 13.62 ? 74  ALA A O   1 
ATOM   562 C  CB  . ALA A 1 75  ? -9.215  2.505   -5.663  1.00 14.24 ? 74  ALA A CB  1 
ATOM   563 N  N   . ARG A 1 76  ? -8.622  2.809   -8.806  1.00 11.97 ? 75  ARG A N   1 
ATOM   564 C  CA  . ARG A 1 76  ? -7.905  2.408   -9.986  1.00 11.78 ? 75  ARG A CA  1 
ATOM   565 C  C   . ARG A 1 76  ? -6.697  1.517   -9.640  1.00 11.49 ? 75  ARG A C   1 
ATOM   566 O  O   . ARG A 1 76  ? -6.231  1.524   -8.512  1.00 11.83 ? 75  ARG A O   1 
ATOM   567 C  CB  . ARG A 1 76  ? -7.322  3.707   -10.667 1.00 11.60 ? 75  ARG A CB  1 
ATOM   568 C  CG  . ARG A 1 76  ? -6.197  4.385   -9.918  1.00 11.69 ? 75  ARG A CG  1 
ATOM   569 C  CD  . ARG A 1 76  ? -5.696  5.604   -10.706 1.00 11.16 ? 75  ARG A CD  1 
ATOM   570 N  NE  . ARG A 1 76  ? -4.625  6.291   -10.067 1.00 10.87 ? 75  ARG A NE  1 
ATOM   571 C  CZ  . ARG A 1 76  ? -3.305  5.996   -10.152 1.00 10.03 ? 75  ARG A CZ  1 
ATOM   572 N  NH1 . ARG A 1 76  ? -2.916  4.941   -10.907 1.00 10.11 ? 75  ARG A NH1 1 
ATOM   573 N  NH2 . ARG A 1 76  ? -2.442  6.752   -9.554  1.00 10.33 ? 75  ARG A NH2 1 
ATOM   574 N  N   . ALA A 1 77  ? -6.258  0.820   -10.676 1.00 11.83 ? 76  ALA A N   1 
ATOM   575 C  CA  . ALA A 1 77  ? -5.097  -0.016  -10.629 1.00 12.34 ? 76  ALA A CA  1 
ATOM   576 C  C   . ALA A 1 77  ? -3.894  0.929   -10.738 1.00 12.30 ? 76  ALA A C   1 
ATOM   577 O  O   . ALA A 1 77  ? -4.130  2.027   -11.380 1.00 13.12 ? 76  ALA A O   1 
ATOM   578 C  CB  . ALA A 1 77  ? -4.947  -0.973  -11.787 1.00 12.51 ? 76  ALA A CB  1 
ATOM   579 N  N   . LEU A 1 78  ? -2.774  0.697   -10.217 1.00 11.96 ? 77  LEU A N   1 
ATOM   580 C  CA  . LEU A 1 78  ? -1.584  1.549   -10.379 1.00 12.71 ? 77  LEU A CA  1 
ATOM   581 C  C   . LEU A 1 78  ? -1.054  1.288   -11.783 1.00 13.02 ? 77  LEU A C   1 
ATOM   582 O  O   . LEU A 1 78  ? -1.297  0.163   -12.316 1.00 13.84 ? 77  LEU A O   1 
ATOM   583 C  CB  . LEU A 1 78  ? -0.487  1.134   -9.362  1.00 12.58 ? 77  LEU A CB  1 
ATOM   584 C  CG  . LEU A 1 78  ? -0.732  1.359   -7.892  1.00 12.87 ? 77  LEU A CG  1 
ATOM   585 C  CD1 . LEU A 1 78  ? 0.503   1.054   -7.095  1.00 12.66 ? 77  LEU A CD1 1 
ATOM   586 C  CD2 . LEU A 1 78  ? -1.248  2.795   -7.735  1.00 13.64 ? 77  LEU A CD2 1 
ATOM   587 N  N   . THR A 1 79  ? -0.350  2.226   -12.403 1.00 13.59 ? 78  THR A N   1 
ATOM   588 C  CA  . THR A 1 79  ? 0.250   1.983   -13.702 1.00 14.29 ? 78  THR A CA  1 
ATOM   589 C  C   . THR A 1 79  ? 1.475   1.094   -13.513 1.00 15.34 ? 78  THR A C   1 
ATOM   590 O  O   . THR A 1 79  ? 1.938   0.931   -12.369 1.00 14.75 ? 78  THR A O   1 
ATOM   591 C  CB  . THR A 1 79  ? 0.706   3.357   -14.337 1.00 13.71 ? 78  THR A CB  1 
ATOM   592 O  OG1 . THR A 1 79  ? 1.750   3.906   -13.529 1.00 14.06 ? 78  THR A OG1 1 
ATOM   593 C  CG2 . THR A 1 79  ? -0.530  4.292   -14.400 1.00 14.40 ? 78  THR A CG2 1 
ATOM   594 N  N   . ASP A 1 80  ? 2.036   0.588   -14.572 1.00 17.29 ? 79  ASP A N   1 
ATOM   595 C  CA  . ASP A 1 80  ? 3.270   -0.268  -14.529 1.00 19.25 ? 79  ASP A CA  1 
ATOM   596 C  C   . ASP A 1 80  ? 4.381   0.549   -13.917 1.00 18.34 ? 79  ASP A C   1 
ATOM   597 O  O   . ASP A 1 80  ? 5.122   0.113   -13.057 1.00 18.01 ? 79  ASP A O   1 
ATOM   598 C  CB  . ASP A 1 80  ? 3.499   -0.883  -15.879 1.00 22.66 ? 79  ASP A CB  1 
ATOM   599 C  CG  . ASP A 1 80  ? 4.467   -0.523  -16.917 1.00 25.99 ? 79  ASP A CG  1 
ATOM   600 O  OD1 . ASP A 1 80  ? 4.803   -1.499  -17.757 1.00 28.17 ? 79  ASP A OD1 1 
ATOM   601 O  OD2 . ASP A 1 80  ? 5.056   0.601   -17.135 1.00 27.39 ? 79  ASP A OD2 1 
ATOM   602 N  N   . GLY A 1 81  ? 4.539   1.809   -14.328 1.00 17.60 ? 80  GLY A N   1 
ATOM   603 C  CA  . GLY A 1 81  ? 5.535   2.719   -13.818 1.00 16.62 ? 80  GLY A CA  1 
ATOM   604 C  C   . GLY A 1 81  ? 5.403   2.886   -12.287 1.00 15.20 ? 80  GLY A C   1 
ATOM   605 O  O   . GLY A 1 81  ? 6.398   2.866   -11.566 1.00 15.68 ? 80  GLY A O   1 
ATOM   606 N  N   . GLU A 1 82  ? 4.172   3.092   -11.852 1.00 14.16 ? 81  GLU A N   1 
ATOM   607 C  CA  . GLU A 1 82  ? 3.923   3.284   -10.432 1.00 13.21 ? 81  GLU A CA  1 
ATOM   608 C  C   . GLU A 1 82  ? 4.262   2.031   -9.581  1.00 12.40 ? 81  GLU A C   1 
ATOM   609 O  O   . GLU A 1 82  ? 4.840   2.199   -8.509  1.00 12.28 ? 81  GLU A O   1 
ATOM   610 C  CB  . GLU A 1 82  ? 2.458   3.679   -10.141 1.00 13.03 ? 81  GLU A CB  1 
ATOM   611 C  CG  . GLU A 1 82  ? 2.141   5.135   -10.586 1.00 12.99 ? 81  GLU A CG  1 
ATOM   612 C  CD  . GLU A 1 82  ? 0.688   5.453   -10.528 1.00 12.42 ? 81  GLU A CD  1 
ATOM   613 O  OE1 . GLU A 1 82  ? 0.264   6.563   -10.194 1.00 12.31 ? 81  GLU A OE1 1 
ATOM   614 O  OE2 . GLU A 1 82  ? -0.096  4.580   -10.829 1.00 12.59 ? 81  GLU A OE2 1 
ATOM   615 N  N   . THR A 1 83  ? 3.858   0.926   -10.181 1.00 12.61 ? 82  THR A N   1 
ATOM   616 C  CA  . THR A 1 83  ? 4.093   -0.374  -9.475  1.00 13.30 ? 82  THR A CA  1 
ATOM   617 C  C   . THR A 1 83  ? 5.576   -0.661  -9.311  1.00 14.45 ? 82  THR A C   1 
ATOM   618 O  O   . THR A 1 83  ? 6.057   -1.009  -8.233  1.00 13.37 ? 82  THR A O   1 
ATOM   619 C  CB  . THR A 1 83  ? 3.336   -1.493  -10.240 1.00 13.48 ? 82  THR A CB  1 
ATOM   620 O  OG1 . THR A 1 83  ? 1.944   -1.088  -10.334 1.00 13.70 ? 82  THR A OG1 1 
ATOM   621 C  CG2 . THR A 1 83  ? 3.537   -2.817  -9.506  1.00 14.15 ? 82  THR A CG2 1 
ATOM   622 N  N   . LYS A 1 84  ? 6.284   -0.448  -10.454 1.00 15.19 ? 83  LYS A N   1 
ATOM   623 C  CA  . LYS A 1 84  ? 7.725   -0.685  -10.455 1.00 17.00 ? 83  LYS A CA  1 
ATOM   624 C  C   . LYS A 1 84  ? 8.432   0.213   -9.469  1.00 15.98 ? 83  LYS A C   1 
ATOM   625 O  O   . LYS A 1 84  ? 9.344   -0.195  -8.754  1.00 16.56 ? 83  LYS A O   1 
ATOM   626 C  CB  . LYS A 1 84  ? 8.342   -0.603  -11.860 1.00 19.18 ? 83  LYS A CB  1 
ATOM   627 C  CG  . LYS A 1 84  ? 9.882   -0.348  -11.724 1.00 22.15 ? 83  LYS A CG  1 
ATOM   628 C  CD  . LYS A 1 84  ? 10.387  0.577   -12.863 1.00 24.46 ? 83  LYS A CD  1 
ATOM   629 C  CE  . LYS A 1 84  ? 11.441  1.567   -12.335 1.00 26.02 ? 83  LYS A CE  1 
ATOM   630 N  NZ  . LYS A 1 84  ? 12.795  0.898   -12.291 1.00 27.51 ? 83  LYS A NZ  1 
ATOM   631 N  N   . THR A 1 85  ? 8.066   1.511   -9.415  1.00 14.96 ? 84  THR A N   1 
ATOM   632 C  CA  . THR A 1 85  ? 8.649   2.458   -8.510  1.00 14.59 ? 84  THR A CA  1 
ATOM   633 C  C   . THR A 1 85  ? 8.429   2.059   -7.039  1.00 14.03 ? 84  THR A C   1 
ATOM   634 O  O   . THR A 1 85  ? 9.307   2.146   -6.220  1.00 14.12 ? 84  THR A O   1 
ATOM   635 C  CB  . THR A 1 85  ? 8.067   3.932   -8.812  1.00 15.31 ? 84  THR A CB  1 
ATOM   636 O  OG1 . THR A 1 85  ? 8.628   4.244   -10.103 1.00 16.24 ? 84  THR A OG1 1 
ATOM   637 C  CG2 . THR A 1 85  ? 8.407   4.968   -7.786  1.00 15.85 ? 84  THR A CG2 1 
ATOM   638 N  N   . PHE A 1 86  ? 7.211   1.631   -6.762  1.00 13.38 ? 85  PHE A N   1 
ATOM   639 C  CA  . PHE A 1 86  ? 6.751   1.197   -5.429  1.00 13.33 ? 85  PHE A CA  1 
ATOM   640 C  C   . PHE A 1 86  ? 7.525   -0.093  -5.060  1.00 13.32 ? 85  PHE A C   1 
ATOM   641 O  O   . PHE A 1 86  ? 8.032   -0.137  -3.936  1.00 13.16 ? 85  PHE A O   1 
ATOM   642 C  CB  . PHE A 1 86  ? 5.260   1.056   -5.453  1.00 13.22 ? 85  PHE A CB  1 
ATOM   643 C  CG  . PHE A 1 86  ? 4.483   0.926   -4.184  1.00 12.96 ? 85  PHE A CG  1 
ATOM   644 C  CD1 . PHE A 1 86  ? 5.123   0.982   -2.948  1.00 13.43 ? 85  PHE A CD1 1 
ATOM   645 C  CD2 . PHE A 1 86  ? 3.104   0.782   -4.257  1.00 12.89 ? 85  PHE A CD2 1 
ATOM   646 C  CE1 . PHE A 1 86  ? 4.381   0.875   -1.769  1.00 13.71 ? 85  PHE A CE1 1 
ATOM   647 C  CE2 . PHE A 1 86  ? 2.363   0.651   -3.072  1.00 13.08 ? 85  PHE A CE2 1 
ATOM   648 C  CZ  . PHE A 1 86  ? 3.003   0.720   -1.834  1.00 13.34 ? 85  PHE A CZ  1 
ATOM   649 N  N   . LEU A 1 87  ? 7.558   -0.976  -6.013  1.00 14.59 ? 86  LEU A N   1 
ATOM   650 C  CA  . LEU A 1 87  ? 8.303   -2.239  -5.783  1.00 16.05 ? 86  LEU A CA  1 
ATOM   651 C  C   . LEU A 1 87  ? 9.737   -1.901  -5.456  1.00 17.04 ? 86  LEU A C   1 
ATOM   652 O  O   . LEU A 1 87  ? 10.306  -2.331  -4.430  1.00 17.78 ? 86  LEU A O   1 
ATOM   653 C  CB  . LEU A 1 87  ? 8.096   -3.115  -7.003  1.00 16.50 ? 86  LEU A CB  1 
ATOM   654 C  CG  . LEU A 1 87  ? 8.828   -4.461  -6.948  1.00 17.15 ? 86  LEU A CG  1 
ATOM   655 C  CD1 . LEU A 1 87  ? 8.291   -5.257  -5.781  1.00 17.18 ? 86  LEU A CD1 1 
ATOM   656 C  CD2 . LEU A 1 87  ? 8.587   -5.188  -8.267  1.00 17.51 ? 86  LEU A CD2 1 
ATOM   657 N  N   . LYS A 1 88  ? 10.376  -1.118  -6.315  1.00 18.11 ? 87  LYS A N   1 
ATOM   658 C  CA  . LYS A 1 88  ? 11.815  -0.734  -6.091  1.00 19.48 ? 87  LYS A CA  1 
ATOM   659 C  C   . LYS A 1 88  ? 12.118  -0.100  -4.770  1.00 18.90 ? 87  LYS A C   1 
ATOM   660 O  O   . LYS A 1 88  ? 13.152  -0.379  -4.118  1.00 19.77 ? 87  LYS A O   1 
ATOM   661 C  CB  . LYS A 1 88  ? 12.291  0.177   -7.220  1.00 20.51 ? 87  LYS A CB  1 
ATOM   662 C  CG  . LYS A 1 88  ? 12.304  -0.460  -8.571  1.00 23.10 ? 87  LYS A CG  1 
ATOM   663 C  CD  . LYS A 1 88  ? 13.303  -1.529  -8.878  1.00 25.32 ? 87  LYS A CD  1 
ATOM   664 C  CE  . LYS A 1 88  ? 14.747  -1.252  -8.556  1.00 26.33 ? 87  LYS A CE  1 
ATOM   665 N  NZ  . LYS A 1 88  ? 15.513  -0.666  -9.694  1.00 27.97 ? 87  LYS A NZ  1 
ATOM   666 N  N   . ALA A 1 89  ? 11.242  0.758   -4.274  1.00 18.33 ? 88  ALA A N   1 
ATOM   667 C  CA  . ALA A 1 89  ? 11.393  1.444   -2.997  1.00 17.64 ? 88  ALA A CA  1 
ATOM   668 C  C   . ALA A 1 89  ? 11.333  0.479   -1.787  1.00 17.69 ? 88  ALA A C   1 
ATOM   669 O  O   . ALA A 1 89  ? 12.014  0.694   -0.816  1.00 18.15 ? 88  ALA A O   1 
ATOM   670 C  CB  . ALA A 1 89  ? 10.301  2.485   -2.824  1.00 17.45 ? 88  ALA A CB  1 
ATOM   671 N  N   . GLY A 1 90  ? 10.429  -0.520  -1.913  1.00 16.96 ? 89  GLY A N   1 
ATOM   672 C  CA  . GLY A 1 90  ? 10.264  -1.458  -0.822  1.00 16.43 ? 89  GLY A CA  1 
ATOM   673 C  C   . GLY A 1 90  ? 11.053  -2.731  -0.887  1.00 16.12 ? 89  GLY A C   1 
ATOM   674 O  O   . GLY A 1 90  ? 11.330  -3.247  0.208   1.00 15.42 ? 89  GLY A O   1 
ATOM   675 N  N   . ASP A 1 91  ? 11.448  -3.191  -2.021  1.00 16.16 ? 90  ASP A N   1 
ATOM   676 C  CA  . ASP A 1 91  ? 12.166  -4.471  -2.157  1.00 15.92 ? 90  ASP A CA  1 
ATOM   677 C  C   . ASP A 1 91  ? 13.675  -4.412  -1.893  1.00 16.55 ? 90  ASP A C   1 
ATOM   678 O  O   . ASP A 1 91  ? 14.476  -4.455  -2.815  1.00 17.05 ? 90  ASP A O   1 
ATOM   679 C  CB  . ASP A 1 91  ? 11.781  -5.089  -3.464  1.00 15.32 ? 90  ASP A CB  1 
ATOM   680 C  CG  . ASP A 1 91  ? 12.436  -6.406  -3.764  1.00 15.01 ? 90  ASP A CG  1 
ATOM   681 O  OD1 . ASP A 1 91  ? 12.676  -6.715  -4.899  1.00 15.40 ? 90  ASP A OD1 1 
ATOM   682 O  OD2 . ASP A 1 91  ? 12.713  -7.125  -2.734  1.00 15.23 ? 90  ASP A OD2 1 
ATOM   683 N  N   . SER A 1 92  ? 14.010  -4.376  -0.654  1.00 17.20 ? 91  SER A N   1 
ATOM   684 C  CA  . SER A 1 92  ? 15.317  -4.299  -0.039  1.00 18.24 ? 91  SER A CA  1 
ATOM   685 C  C   . SER A 1 92  ? 16.264  -5.394  -0.445  1.00 18.31 ? 91  SER A C   1 
ATOM   686 O  O   . SER A 1 92  ? 17.455  -5.106  -0.638  1.00 19.33 ? 91  SER A O   1 
ATOM   687 C  CB  . SER A 1 92  ? 15.179  -4.425  1.511   1.00 19.40 ? 91  SER A CB  1 
ATOM   688 O  OG  . SER A 1 92  ? 14.603  -3.254  2.004   1.00 21.30 ? 91  SER A OG  1 
ATOM   689 N  N   . ASP A 1 93  ? 15.756  -6.602  -0.526  1.00 17.59 ? 92  ASP A N   1 
ATOM   690 C  CA  . ASP A 1 93  ? 16.605  -7.769  -0.890  1.00 17.09 ? 92  ASP A CA  1 
ATOM   691 C  C   . ASP A 1 93  ? 16.580  -8.103  -2.351  1.00 16.44 ? 92  ASP A C   1 
ATOM   692 O  O   . ASP A 1 93  ? 17.261  -9.075  -2.766  1.00 16.95 ? 92  ASP A O   1 
ATOM   693 C  CB  . ASP A 1 93  ? 16.262  -8.932  0.049   1.00 17.63 ? 92  ASP A CB  1 
ATOM   694 C  CG  . ASP A 1 93  ? 14.889  -9.508  -0.190  1.00 18.63 ? 92  ASP A CG  1 
ATOM   695 O  OD1 . ASP A 1 93  ? 14.155  -9.171  -1.098  1.00 17.81 ? 92  ASP A OD1 1 
ATOM   696 O  OD2 . ASP A 1 93  ? 14.531  -10.401 0.648   1.00 19.63 ? 92  ASP A OD2 1 
ATOM   697 N  N   . GLY A 1 94  ? 15.866  -7.381  -3.194  1.00 15.53 ? 93  GLY A N   1 
ATOM   698 C  CA  . GLY A 1 94  ? 15.821  -7.589  -4.590  1.00 16.01 ? 93  GLY A CA  1 
ATOM   699 C  C   . GLY A 1 94  ? 15.233  -8.849  -5.109  1.00 15.99 ? 93  GLY A C   1 
ATOM   700 O  O   . GLY A 1 94  ? 15.496  -9.257  -6.228  1.00 16.74 ? 93  GLY A O   1 
ATOM   701 N  N   . ASP A 1 95  ? 14.410  -9.554  -4.306  1.00 16.23 ? 94  ASP A N   1 
ATOM   702 C  CA  . ASP A 1 95  ? 13.772  -10.788 -4.818  1.00 16.52 ? 94  ASP A CA  1 
ATOM   703 C  C   . ASP A 1 95  ? 12.523  -10.503 -5.646  1.00 16.18 ? 94  ASP A C   1 
ATOM   704 O  O   . ASP A 1 95  ? 11.917  -11.442 -6.194  1.00 16.87 ? 94  ASP A O   1 
ATOM   705 C  CB  . ASP A 1 95  ? 13.571  -11.822 -3.685  1.00 17.02 ? 94  ASP A CB  1 
ATOM   706 C  CG  . ASP A 1 95  ? 12.432  -11.428 -2.784  1.00 17.84 ? 94  ASP A CG  1 
ATOM   707 O  OD1 . ASP A 1 95  ? 11.911  -10.289 -2.842  1.00 17.30 ? 94  ASP A OD1 1 
ATOM   708 O  OD2 . ASP A 1 95  ? 12.027  -12.307 -1.982  1.00 19.01 ? 94  ASP A OD2 1 
ATOM   709 N  N   . GLY A 1 96  ? 12.106  -9.250  -5.838  1.00 15.46 ? 95  GLY A N   1 
ATOM   710 C  CA  . GLY A 1 96  ? 10.982  -8.905  -6.645  1.00 14.97 ? 95  GLY A CA  1 
ATOM   711 C  C   . GLY A 1 96  ? 9.608   -8.911  -5.971  1.00 14.93 ? 95  GLY A C   1 
ATOM   712 O  O   . GLY A 1 96  ? 8.622   -8.793  -6.670  1.00 14.82 ? 95  GLY A O   1 
ATOM   713 N  N   . LYS A 1 97  ? 9.593   -9.059  -4.658  1.00 14.96 ? 96  LYS A N   1 
ATOM   714 C  CA  . LYS A 1 97  ? 8.322   -9.058  -3.887  1.00 14.84 ? 96  LYS A CA  1 
ATOM   715 C  C   . LYS A 1 97  ? 8.565   -8.372  -2.574  1.00 14.23 ? 96  LYS A C   1 
ATOM   716 O  O   . LYS A 1 97  ? 9.731   -8.151  -2.222  1.00 14.84 ? 96  LYS A O   1 
ATOM   717 C  CB  . LYS A 1 97  ? 7.739   -10.438 -3.639  1.00 15.94 ? 96  LYS A CB  1 
ATOM   718 C  CG  . LYS A 1 97  ? 8.655   -11.563 -3.853  1.00 17.39 ? 96  LYS A CG  1 
ATOM   719 C  CD  . LYS A 1 97  ? 8.094   -12.915 -3.494  1.00 17.90 ? 96  LYS A CD  1 
ATOM   720 C  CE  . LYS A 1 97  ? 9.266   -13.812 -3.066  1.00 18.97 ? 96  LYS A CE  1 
ATOM   721 N  NZ  . LYS A 1 97  ? 8.820   -15.190 -3.339  1.00 19.72 ? 96  LYS A NZ  1 
ATOM   722 N  N   . ILE A 1 98  ? 7.547   -8.033  -1.842  1.00 13.28 ? 97  ILE A N   1 
ATOM   723 C  CA  . ILE A 1 98  ? 7.679   -7.367  -0.565  1.00 12.99 ? 97  ILE A CA  1 
ATOM   724 C  C   . ILE A 1 98  ? 7.212   -8.250  0.616   1.00 12.49 ? 97  ILE A C   1 
ATOM   725 O  O   . ILE A 1 98  ? 6.064   -8.626  0.607   1.00 12.24 ? 97  ILE A O   1 
ATOM   726 C  CB  . ILE A 1 98  ? 6.885   -6.002  -0.568  1.00 13.71 ? 97  ILE A CB  1 
ATOM   727 C  CG1 . ILE A 1 98  ? 7.534   -5.117  -1.717  1.00 14.53 ? 97  ILE A CG1 1 
ATOM   728 C  CG2 . ILE A 1 98  ? 6.832   -5.334  0.785   1.00 13.86 ? 97  ILE A CG2 1 
ATOM   729 C  CD1 . ILE A 1 98  ? 6.770   -3.833  -1.988  1.00 16.03 ? 97  ILE A CD1 1 
ATOM   730 N  N   . GLY A 1 99  ? 8.140   -8.473  1.492   1.00 12.42 ? 98  GLY A N   1 
ATOM   731 C  CA  . GLY A 1 99  ? 7.834   -9.299  2.735   1.00 12.60 ? 98  GLY A CA  1 
ATOM   732 C  C   . GLY A 1 99  ? 7.366   -8.415  3.818   1.00 13.18 ? 98  GLY A C   1 
ATOM   733 O  O   . GLY A 1 99  ? 7.378   -7.130  3.705   1.00 12.81 ? 98  GLY A O   1 
ATOM   734 N  N   . VAL A 1 100 ? 6.874   -8.878  4.984   1.00 12.93 ? 99  VAL A N   1 
ATOM   735 C  CA  . VAL A 1 100 ? 6.386   -8.064  6.044   1.00 14.03 ? 99  VAL A CA  1 
ATOM   736 C  C   . VAL A 1 100 ? 7.414   -7.023  6.556   1.00 14.07 ? 99  VAL A C   1 
ATOM   737 O  O   . VAL A 1 100 ? 6.910   -5.937  6.846   1.00 13.90 ? 99  VAL A O   1 
ATOM   738 C  CB  . VAL A 1 100 ? 5.970   -8.705  7.449   1.00 14.94 ? 99  VAL A CB  1 
ATOM   739 C  CG1 . VAL A 1 100 ? 4.634   -8.199  7.900   1.00 14.57 ? 99  VAL A CG1 1 
ATOM   740 C  CG2 . VAL A 1 100 ? 6.392   -10.093 7.548   1.00 16.11 ? 99  VAL A CG2 1 
ATOM   741 N  N   . ASP A 1 101 ? 8.646   -7.415  6.684   1.00 15.06 ? 100 ASP A N   1 
ATOM   742 C  CA  . ASP A 1 101 ? 9.650   -6.439  7.236   1.00 16.38 ? 100 ASP A CA  1 
ATOM   743 C  C   . ASP A 1 101 ? 9.860   -5.323  6.204   1.00 15.54 ? 100 ASP A C   1 
ATOM   744 O  O   . ASP A 1 101 ? 9.916   -4.198  6.707   1.00 16.26 ? 100 ASP A O   1 
ATOM   745 C  CB  . ASP A 1 101 ? 10.929  -7.061  7.709   1.00 18.51 ? 100 ASP A CB  1 
ATOM   746 C  CG  . ASP A 1 101 ? 10.633  -7.971  8.922   1.00 20.27 ? 100 ASP A CG  1 
ATOM   747 O  OD1 . ASP A 1 101 ? 11.058  -9.112  8.807   1.00 22.08 ? 100 ASP A OD1 1 
ATOM   748 O  OD2 . ASP A 1 101 ? 9.966   -7.479  9.855   1.00 21.77 ? 100 ASP A OD2 1 
ATOM   749 N  N   . GLU A 1 102 ? 9.920   -5.733  4.948   1.00 14.75 ? 101 GLU A N   1 
ATOM   750 C  CA  . GLU A 1 102 ? 10.106  -4.636  3.929   1.00 13.97 ? 101 GLU A CA  1 
ATOM   751 C  C   . GLU A 1 102 ? 8.932   -3.734  3.941   1.00 13.88 ? 101 GLU A C   1 
ATOM   752 O  O   . GLU A 1 102 ? 9.058   -2.499  3.821   1.00 13.51 ? 101 GLU A O   1 
ATOM   753 C  CB  . GLU A 1 102 ? 10.299  -5.211  2.557   1.00 13.25 ? 101 GLU A CB  1 
ATOM   754 C  CG  . GLU A 1 102 ? 11.666  -5.885  2.350   1.00 13.64 ? 101 GLU A CG  1 
ATOM   755 C  CD  . GLU A 1 102 ? 11.720  -6.797  1.195   1.00 13.49 ? 101 GLU A CD  1 
ATOM   756 O  OE1 . GLU A 1 102 ? 10.769  -7.391  0.668   1.00 13.98 ? 101 GLU A OE1 1 
ATOM   757 O  OE2 . GLU A 1 102 ? 12.891  -6.900  0.802   1.00 14.50 ? 101 GLU A OE2 1 
ATOM   758 N  N   . PHE A 1 103 ? 7.730   -4.280  4.087   1.00 13.63 ? 102 PHE A N   1 
ATOM   759 C  CA  . PHE A 1 103 ? 6.504   -3.456  4.125   1.00 13.77 ? 102 PHE A CA  1 
ATOM   760 C  C   . PHE A 1 103 ? 6.505   -2.515  5.307   1.00 14.47 ? 102 PHE A C   1 
ATOM   761 O  O   . PHE A 1 103 ? 6.092   -1.332  5.247   1.00 13.97 ? 102 PHE A O   1 
ATOM   762 C  CB  . PHE A 1 103 ? 5.285   -4.376  4.085   1.00 14.06 ? 102 PHE A CB  1 
ATOM   763 C  CG  . PHE A 1 103 ? 4.003   -3.626  4.020   1.00 13.84 ? 102 PHE A CG  1 
ATOM   764 C  CD1 . PHE A 1 103 ? 3.221   -3.452  5.139   1.00 13.79 ? 102 PHE A CD1 1 
ATOM   765 C  CD2 . PHE A 1 103 ? 3.610   -3.033  2.810   1.00 13.87 ? 102 PHE A CD2 1 
ATOM   766 C  CE1 . PHE A 1 103 ? 2.023   -2.764  5.107   1.00 13.35 ? 102 PHE A CE1 1 
ATOM   767 C  CE2 . PHE A 1 103 ? 2.412   -2.311  2.744   1.00 13.89 ? 102 PHE A CE2 1 
ATOM   768 C  CZ  . PHE A 1 103 ? 1.620   -2.194  3.909   1.00 13.95 ? 102 PHE A CZ  1 
ATOM   769 N  N   . THR A 1 104 ? 6.883   -3.023  6.494   1.00 15.07 ? 103 THR A N   1 
ATOM   770 C  CA  . THR A 1 104 ? 6.912   -2.230  7.705   1.00 16.49 ? 103 THR A CA  1 
ATOM   771 C  C   . THR A 1 104 ? 7.847   -1.010  7.574   1.00 16.80 ? 103 THR A C   1 
ATOM   772 O  O   . THR A 1 104 ? 7.422   0.042   7.990   1.00 17.35 ? 103 THR A O   1 
ATOM   773 C  CB  . THR A 1 104 ? 7.262   -3.078  9.006   1.00 16.89 ? 103 THR A CB  1 
ATOM   774 O  OG1 . THR A 1 104 ? 6.233   -4.107  9.004   1.00 17.67 ? 103 THR A OG1 1 
ATOM   775 C  CG2 . THR A 1 104 ? 7.247   -2.179  10.240  1.00 16.81 ? 103 THR A CG2 1 
ATOM   776 N  N   . ALA A 1 105 ? 8.989   -1.208  7.023   1.00 18.38 ? 104 ALA A N   1 
ATOM   777 C  CA  . ALA A 1 105 ? 10.001  -0.111  6.806   1.00 19.14 ? 104 ALA A CA  1 
ATOM   778 C  C   . ALA A 1 105 ? 9.470   0.913   5.818   1.00 19.70 ? 104 ALA A C   1 
ATOM   779 O  O   . ALA A 1 105 ? 9.645   2.167   5.898   1.00 20.40 ? 104 ALA A O   1 
ATOM   780 C  CB  . ALA A 1 105 ? 11.288  -0.775  6.318   1.00 19.01 ? 104 ALA A CB  1 
ATOM   781 N  N   . LEU A 1 106 ? 8.748   0.429   4.800   1.00 19.42 ? 105 LEU A N   1 
ATOM   782 C  CA  . LEU A 1 106 ? 8.143   1.270   3.760   1.00 19.00 ? 105 LEU A CA  1 
ATOM   783 C  C   . LEU A 1 106 ? 7.098   2.188   4.341   1.00 18.76 ? 105 LEU A C   1 
ATOM   784 O  O   . LEU A 1 106 ? 6.941   3.381   3.949   1.00 18.96 ? 105 LEU A O   1 
ATOM   785 C  CB  . LEU A 1 106 ? 7.707   0.317   2.650   1.00 19.93 ? 105 LEU A CB  1 
ATOM   786 C  CG  . LEU A 1 106 ? 7.433   0.848   1.272   1.00 20.57 ? 105 LEU A CG  1 
ATOM   787 C  CD1 . LEU A 1 106 ? 8.663   1.602   0.763   1.00 20.50 ? 105 LEU A CD1 1 
ATOM   788 C  CD2 . LEU A 1 106 ? 7.111   -0.363  0.405   1.00 20.90 ? 105 LEU A CD2 1 
ATOM   789 N  N   . VAL A 1 107 ? 6.320   1.696   5.316   1.00 17.38 ? 106 VAL A N   1 
ATOM   790 C  CA  . VAL A 1 107 ? 5.278   2.451   5.961   1.00 17.48 ? 106 VAL A CA  1 
ATOM   791 C  C   . VAL A 1 107 ? 5.746   3.508   6.973   1.00 18.34 ? 106 VAL A C   1 
ATOM   792 O  O   . VAL A 1 107 ? 5.286   4.647   6.999   1.00 17.62 ? 106 VAL A O   1 
ATOM   793 C  CB  . VAL A 1 107 ? 4.260   1.482   6.681   1.00 16.94 ? 106 VAL A CB  1 
ATOM   794 C  CG1 . VAL A 1 107 ? 3.349   2.231   7.619   1.00 16.38 ? 106 VAL A CG1 1 
ATOM   795 C  CG2 . VAL A 1 107 ? 3.533   0.633   5.683   1.00 16.48 ? 106 VAL A CG2 1 
ATOM   796 N  N   . LYS A 1 108 ? 6.636   3.066   7.836   1.00 19.67 ? 107 LYS A N   1 
ATOM   797 C  CA  . LYS A 1 108 ? 7.193   3.812   8.951   1.00 22.12 ? 107 LYS A CA  1 
ATOM   798 C  C   . LYS A 1 108 ? 8.199   4.848   8.520   1.00 23.52 ? 107 LYS A C   1 
ATOM   799 O  O   . LYS A 1 108 ? 8.480   5.781   9.291   1.00 23.79 ? 107 LYS A O   1 
ATOM   800 C  CB  . LYS A 1 108 ? 7.741   2.836   10.018  1.00 22.41 ? 107 LYS A CB  1 
ATOM   801 C  CG  . LYS A 1 108 ? 6.659   1.829   10.419  1.00 23.09 ? 107 LYS A CG  1 
ATOM   802 C  CD  . LYS A 1 108 ? 5.797   2.104   11.558  1.00 23.32 ? 107 LYS A CD  1 
ATOM   803 C  CE  . LYS A 1 108 ? 5.013   3.343   11.695  1.00 23.81 ? 107 LYS A CE  1 
ATOM   804 N  NZ  . LYS A 1 108 ? 4.680   3.581   13.148  1.00 23.17 ? 107 LYS A NZ  1 
ATOM   805 N  N   . ALA A 1 109 ? 8.647   4.702   7.313   1.00 25.41 ? 108 ALA A N   1 
ATOM   806 C  CA  . ALA A 1 109 ? 9.579   5.550   6.583   1.00 27.20 ? 108 ALA A CA  1 
ATOM   807 C  C   . ALA A 1 109 ? 11.007  5.433   7.059   1.00 28.30 ? 108 ALA A C   1 
ATOM   808 O  O   . ALA A 1 109 ? 11.709  6.274   6.425   1.00 29.10 ? 108 ALA A O   1 
ATOM   809 C  CB  . ALA A 1 109 ? 9.099   7.002   6.637   1.00 26.97 ? 108 ALA A CB  1 
ATOM   810 O  OXT . ALA A 1 109 ? 11.380  4.594   7.934   1.00 28.96 ? 108 ALA A OXT 1 
HETATM 811 CA CA  . CA  B 2 .   ? 11.883  -8.467  -1.140  1.00 13.76 ? 109 CA  A CA  1 
HETATM 812 CA CA  . CA  C 2 .   ? 0.779   -12.546 -1.975  1.00 10.51 ? 110 CA  A CA  1 
HETATM 813 O  O   . HOH D 3 .   ? 8.793   -5.319  -12.895 0.83 31.26 ? 111 HOH A O   1 
HETATM 814 O  O   . HOH D 3 .   ? 6.364   -10.232 -7.752  1.00 21.44 ? 114 HOH A O   1 
HETATM 815 O  O   . HOH D 3 .   ? 5.732   -15.595 -3.502  0.96 25.29 ? 115 HOH A O   1 
HETATM 816 O  O   . HOH D 3 .   ? 0.440   -13.100 -6.271  1.00 19.90 ? 117 HOH A O   1 
HETATM 817 O  O   . HOH D 3 .   ? -0.619  -18.606 -1.765  0.92 30.96 ? 118 HOH A O   1 
HETATM 818 O  O   . HOH D 3 .   ? 0.810   -19.469 2.355   1.00 15.97 ? 119 HOH A O   1 
HETATM 819 O  O   . HOH D 3 .   ? -1.511  -8.199  -13.487 1.00 41.61 ? 120 HOH A O   1 
HETATM 820 O  O   . HOH D 3 .   ? -0.962  -11.737 -9.335  0.99 35.62 ? 121 HOH A O   1 
HETATM 821 O  O   . HOH D 3 .   ? 0.344   -10.896 -7.880  1.00 20.70 ? 122 HOH A O   1 
HETATM 822 O  O   . HOH D 3 .   ? -2.897  -12.520 -5.277  0.96 22.68 ? 130 HOH A O   1 
HETATM 823 O  O   . HOH D 3 .   ? 5.492   10.628  -12.148 1.00 38.30 ? 131 HOH A O   1 
HETATM 824 O  O   . HOH D 3 .   ? 4.870   6.944   -8.519  1.00 25.44 ? 133 HOH A O   1 
HETATM 825 O  O   . HOH D 3 .   ? 4.928   4.380   -7.226  1.00 20.94 ? 134 HOH A O   1 
HETATM 826 O  O   . HOH D 3 .   ? -3.323  -6.164  -3.165  1.00 15.07 ? 139 HOH A O   1 
HETATM 827 O  O   . HOH D 3 .   ? -3.592  5.288   -14.242 1.00 27.95 ? 140 HOH A O   1 
HETATM 828 O  O   . HOH D 3 .   ? -4.590  2.838   -14.018 1.00 24.72 ? 141 HOH A O   1 
HETATM 829 O  O   . HOH D 3 .   ? -5.407  -8.724  -2.059  1.00 30.10 ? 142 HOH A O   1 
HETATM 830 O  O   . HOH D 3 .   ? -6.752  -13.917 1.165   1.00 36.50 ? 143 HOH A O   1 
HETATM 831 O  O   . HOH D 3 .   ? -6.095  -7.407  -3.854  1.00 30.57 ? 144 HOH A O   1 
HETATM 832 O  O   . HOH D 3 .   ? -4.388  -0.144  -7.155  1.00 13.09 ? 147 HOH A O   1 
HETATM 833 O  O   . HOH D 3 .   ? -8.399  -5.918  -5.625  1.00 21.49 ? 148 HOH A O   1 
HETATM 834 O  O   . HOH D 3 .   ? -4.780  10.365  -15.743 1.00 29.58 ? 150 HOH A O   1 
HETATM 835 O  O   . HOH D 3 .   ? -3.957  12.940  -8.937  1.00 28.33 ? 152 HOH A O   1 
HETATM 836 O  O   . HOH D 3 .   ? -11.435 -0.956  -9.331  1.00 41.70 ? 153 HOH A O   1 
HETATM 837 O  O   . HOH D 3 .   ? -11.759 -4.350  -5.833  0.91 28.35 ? 154 HOH A O   1 
HETATM 838 O  O   . HOH D 3 .   ? -6.723  7.236   -6.676  1.00 16.96 ? 156 HOH A O   1 
HETATM 839 O  O   . HOH D 3 .   ? -8.777  5.612   -7.879  1.00 16.91 ? 157 HOH A O   1 
HETATM 840 O  O   . HOH D 3 .   ? 11.127  -10.406 -0.045  0.96 18.88 ? 166 HOH A O   1 
HETATM 841 O  O   . HOH D 3 .   ? 10.820  -8.758  4.438   1.00 25.13 ? 167 HOH A O   1 
HETATM 842 O  O   . HOH D 3 .   ? 11.532  -1.749  2.518   0.99 20.28 ? 171 HOH A O   1 
HETATM 843 O  O   . HOH D 3 .   ? 10.755  3.814   3.539   0.97 33.39 ? 173 HOH A O   1 
HETATM 844 O  O   . HOH D 3 .   ? 5.737   5.619   -4.735  1.00 20.20 ? 175 HOH A O   1 
HETATM 845 O  O   . HOH D 3 .   ? 0.286   -12.186 4.878   1.00 19.15 ? 176 HOH A O   1 
HETATM 846 O  O   . HOH D 3 .   ? 5.570   6.599   4.922   1.00 35.24 ? 179 HOH A O   1 
HETATM 847 O  O   . HOH D 3 .   ? -0.321  9.242   -3.386  1.00 16.13 ? 184 HOH A O   1 
HETATM 848 O  O   . HOH D 3 .   ? -5.303  -8.536  8.374   0.89 24.76 ? 187 HOH A O   1 
HETATM 849 O  O   . HOH D 3 .   ? 4.768   8.541   11.918  1.00 43.43 ? 188 HOH A O   1 
HETATM 850 O  O   . HOH D 3 .   ? 3.853   5.084   14.641  0.80 41.01 ? 189 HOH A O   1 
HETATM 851 O  O   . HOH D 3 .   ? -2.330  10.096  -1.583  0.96 19.39 ? 190 HOH A O   1 
HETATM 852 O  O   . HOH D 3 .   ? -7.100  7.107   9.033   1.00 20.82 ? 193 HOH A O   1 
HETATM 853 O  O   . HOH D 3 .   ? -8.376  13.262  5.909   1.00 35.71 ? 196 HOH A O   1 
HETATM 854 O  O   . HOH D 3 .   ? -8.041  8.925   13.331  0.90 41.55 ? 198 HOH A O   1 
HETATM 855 O  O   . HOH D 3 .   ? 9.313   -12.357 -7.451  1.00 37.10 ? 201 HOH A O   1 
HETATM 856 O  O   . HOH D 3 .   ? 6.760   -13.087 -7.490  1.00 33.27 ? 202 HOH A O   1 
HETATM 857 O  O   . HOH D 3 .   ? 9.040   2.863   -12.850 0.94 36.50 ? 205 HOH A O   1 
HETATM 858 O  O   . HOH D 3 .   ? 2.350   -16.336 -4.451  1.00 24.96 ? 208 HOH A O   1 
HETATM 859 O  O   . HOH D 3 .   ? 4.990   6.210   -13.446 1.00 37.59 ? 215 HOH A O   1 
HETATM 860 O  O   . HOH D 3 .   ? 0.577   0.772   -16.970 1.00 26.76 ? 216 HOH A O   1 
HETATM 861 O  O   . HOH D 3 .   ? -3.072  1.526   -15.656 1.00 26.95 ? 226 HOH A O   1 
HETATM 862 O  O   . HOH D 3 .   ? -1.894  5.134   -17.259 0.60 52.92 ? 227 HOH A O   1 
HETATM 863 O  O   . HOH D 3 .   ? -8.932  -8.701  -6.561  0.97 32.00 ? 230 HOH A O   1 
HETATM 864 O  O   . HOH D 3 .   ? -7.062  -9.367  1.529   0.84 28.25 ? 232 HOH A O   1 
HETATM 865 O  O   . HOH D 3 .   ? 0.238   11.515  -4.610  1.00 24.28 ? 233 HOH A O   1 
HETATM 866 O  O   . HOH D 3 .   ? -5.257  13.893  -15.420 1.00 47.90 ? 234 HOH A O   1 
HETATM 867 O  O   . HOH D 3 .   ? -13.235 0.665   -11.042 1.00 47.68 ? 241 HOH A O   1 
HETATM 868 O  O   . HOH D 3 .   ? -3.072  15.615  -6.460  0.93 26.87 ? 242 HOH A O   1 
HETATM 869 O  O   . HOH D 3 .   ? -10.039 6.260   -9.801  0.95 35.90 ? 243 HOH A O   1 
HETATM 870 O  O   . HOH D 3 .   ? -6.027  15.287  -8.850  1.00 41.18 ? 244 HOH A O   1 
HETATM 871 O  O   . HOH D 3 .   ? -11.099 6.215   -5.926  0.96 31.70 ? 246 HOH A O   1 
HETATM 872 O  O   . HOH D 3 .   ? -12.772 7.940   -3.309  1.00 53.17 ? 250 HOH A O   1 
HETATM 873 O  O   . HOH D 3 .   ? -14.579 8.019   -1.138  1.00 46.45 ? 251 HOH A O   1 
HETATM 874 O  O   . HOH D 3 .   ? 18.571  -2.344  0.051   1.00 35.20 ? 252 HOH A O   1 
HETATM 875 O  O   . HOH D 3 .   ? 14.868  -10.755 3.768   0.94 37.95 ? 253 HOH A O   1 
HETATM 876 O  O   . HOH D 3 .   ? 14.776  -2.771  -4.964  0.98 24.96 ? 254 HOH A O   1 
HETATM 877 O  O   . HOH D 3 .   ? 11.754  -10.787 2.358   0.89 37.55 ? 257 HOH A O   1 
HETATM 878 O  O   . HOH D 3 .   ? 8.662   -12.893 6.197   1.00 30.52 ? 260 HOH A O   1 
HETATM 879 O  O   . HOH D 3 .   ? 6.827   -10.711 11.532  0.80 46.78 ? 264 HOH A O   1 
HETATM 880 O  O   . HOH D 3 .   ? 5.154   -4.702  11.398  0.84 33.52 ? 267 HOH A O   1 
HETATM 881 O  O   . HOH D 3 .   ? -4.480  -10.466 10.554  1.00 38.27 ? 273 HOH A O   1 
HETATM 882 O  O   . HOH D 3 .   ? -2.019  12.759  -0.776  0.81 25.02 ? 277 HOH A O   1 
HETATM 883 O  O   . HOH D 3 .   ? -2.370  10.083  14.043  1.00 33.59 ? 280 HOH A O   1 
HETATM 884 O  O   . HOH D 3 .   ? -5.495  10.534  11.385  1.00 35.72 ? 283 HOH A O   1 
HETATM 885 O  O   . HOH D 3 .   ? -13.154 7.199   13.018  1.00 33.66 ? 287 HOH A O   1 
HETATM 886 O  O   . HOH D 3 .   ? 13.444  -2.350  4.395   0.79 47.86 ? 293 HOH A O   1 
# 
